data_6L3M
#
_entry.id   6L3M
#
_cell.length_a   214.299
_cell.length_b   100.778
_cell.length_c   103.267
_cell.angle_alpha   90.000
_cell.angle_beta   113.130
_cell.angle_gamma   90.000
#
_symmetry.space_group_name_H-M   'C 1 2 1'
#
loop_
_entity.id
_entity.type
_entity.pdbx_description
1 polymer 'Polyketide synthase'
2 non-polymer GLYCEROL
3 non-polymer '2-methoxypropanedioic acid'
4 non-polymer 'PHOSPHATE ION'
5 water water
#
_entity_poly.entity_id   1
_entity_poly.type   'polypeptide(L)'
_entity_poly.pdbx_seq_one_letter_code
;VPVPVPVAVSGATTAGLRAQAARLAGHLRERPALGPEAVARPLLLSRAQRERRAVVVAADRDSLLTGLDALAGGEAGPRL
ASGAADVTGRVVLVFPGQGAHWTGVAERLWREAPVFADSMARCADVLRDLAGWELREVLVDPVALERVDVLQPVSFAVVV
SLAALWASVGVRPDAVVGHSQGEVAAAHVAGALTLAEAARIVVLRSALIARELSGRGAMLTVVADVERVTALLAGFEGRV
CVAAVNGPASVTVSGEDGAVREFERVLSARRMLRWRLPGVDFAGHSPQVDALRAELLAALGDIASREPEIPLLSTVTGEP
ATRLDAEHWYRNLREPVRFADAVTALLDRGHRVFVEVSPHPVLTTSVVDLAAPHRTAVVGTLRRDEGGLDRFLLSAAELH
VRGVPVDLARHAGAGTAEVP
;
_entity_poly.pdbx_strand_id   A,B,C,D
#
loop_
_chem_comp.id
_chem_comp.type
_chem_comp.name
_chem_comp.formula
E5U non-polymer '2-methoxypropanedioic acid' 'C4 H6 O5'
GOL non-polymer GLYCEROL 'C3 H8 O3'
PO4 non-polymer 'PHOSPHATE ION' 'O4 P -3'
#
# COMPACT_ATOMS: atom_id res chain seq x y z
N VAL A 1 11.32 46.20 -2.99
CA VAL A 1 10.57 45.08 -2.35
C VAL A 1 10.60 45.18 -0.82
N PRO A 2 9.41 45.35 -0.19
CA PRO A 2 9.44 45.40 1.28
C PRO A 2 9.89 44.08 1.93
N VAL A 3 10.35 44.19 3.16
CA VAL A 3 10.94 43.09 3.87
C VAL A 3 9.95 42.62 4.95
N PRO A 4 9.80 41.31 5.13
CA PRO A 4 8.82 40.85 6.12
C PRO A 4 9.28 41.09 7.53
N VAL A 5 8.34 41.49 8.40
CA VAL A 5 8.59 41.59 9.81
C VAL A 5 7.56 40.81 10.62
N PRO A 6 7.95 40.33 11.79
CA PRO A 6 7.01 39.59 12.65
C PRO A 6 6.27 40.57 13.56
N VAL A 7 4.95 40.66 13.38
CA VAL A 7 4.10 41.60 14.13
C VAL A 7 3.33 40.81 15.20
N ALA A 8 3.70 41.04 16.46
CA ALA A 8 3.31 40.19 17.56
C ALA A 8 2.15 40.83 18.37
N VAL A 9 1.13 40.05 18.69
CA VAL A 9 0.10 40.47 19.64
C VAL A 9 -0.16 39.35 20.64
N SER A 10 -0.64 39.69 21.83
CA SER A 10 -0.96 38.64 22.78
C SER A 10 -2.01 39.10 23.80
N GLY A 11 -2.59 38.12 24.46
CA GLY A 11 -3.53 38.37 25.54
C GLY A 11 -3.45 37.30 26.59
N ALA A 12 -4.12 37.53 27.73
CA ALA A 12 -4.15 36.53 28.77
C ALA A 12 -5.07 35.34 28.41
N THR A 13 -5.98 35.55 27.44
CA THR A 13 -6.87 34.52 26.95
C THR A 13 -6.97 34.62 25.43
N THR A 14 -7.56 33.63 24.82
CA THR A 14 -7.72 33.62 23.36
C THR A 14 -8.66 34.69 22.93
N ALA A 15 -9.71 34.93 23.72
CA ALA A 15 -10.59 36.05 23.39
C ALA A 15 -9.89 37.42 23.52
N GLY A 16 -8.99 37.55 24.49
CA GLY A 16 -8.24 38.78 24.67
C GLY A 16 -7.21 38.96 23.53
N LEU A 17 -6.66 37.85 23.07
CA LEU A 17 -5.75 37.86 21.91
C LEU A 17 -6.48 38.33 20.66
N ARG A 18 -7.67 37.79 20.43
CA ARG A 18 -8.46 38.18 19.26
C ARG A 18 -8.92 39.61 19.29
N ALA A 19 -9.22 40.12 20.48
CA ALA A 19 -9.63 41.51 20.62
C ALA A 19 -8.45 42.43 20.38
N GLN A 20 -7.26 42.04 20.87
CA GLN A 20 -6.05 42.82 20.61
C GLN A 20 -5.74 42.91 19.11
N ALA A 21 -6.01 41.83 18.39
CA ALA A 21 -5.82 41.84 16.94
C ALA A 21 -6.76 42.81 16.26
N ALA A 22 -8.04 42.78 16.64
CA ALA A 22 -9.03 43.73 16.13
C ALA A 22 -8.67 45.20 16.41
N ARG A 23 -8.19 45.45 17.62
CA ARG A 23 -7.77 46.77 18.06
C ARG A 23 -6.61 47.30 17.22
N LEU A 24 -5.60 46.46 17.01
CA LEU A 24 -4.47 46.86 16.18
C LEU A 24 -4.86 47.12 14.73
N ALA A 25 -5.68 46.25 14.15
CA ALA A 25 -6.19 46.47 12.82
C ALA A 25 -6.92 47.82 12.76
N GLY A 26 -7.76 48.08 13.75
CA GLY A 26 -8.51 49.35 13.79
C GLY A 26 -7.57 50.54 13.80
N HIS A 27 -6.53 50.45 14.61
CA HIS A 27 -5.52 51.50 14.74
C HIS A 27 -4.77 51.74 13.43
N LEU A 28 -4.43 50.67 12.73
CA LEU A 28 -3.82 50.78 11.42
C LEU A 28 -4.76 51.41 10.37
N ARG A 29 -6.04 51.05 10.41
CA ARG A 29 -6.98 51.59 9.44
C ARG A 29 -7.24 53.09 9.67
N GLU A 30 -7.11 53.55 10.92
CA GLU A 30 -7.21 54.99 11.26
C GLU A 30 -5.95 55.74 10.81
N ARG A 31 -4.88 55.01 10.47
CA ARG A 31 -3.57 55.64 10.19
C ARG A 31 -2.99 55.06 8.94
N PRO A 32 -3.45 55.53 7.78
CA PRO A 32 -3.24 54.84 6.50
C PRO A 32 -1.77 54.74 6.07
N ALA A 33 -0.90 55.63 6.59
CA ALA A 33 0.50 55.60 6.22
C ALA A 33 1.34 54.61 7.07
N LEU A 34 0.74 54.04 8.10
CA LEU A 34 1.47 53.22 9.08
C LEU A 34 1.67 51.79 8.57
N GLY A 35 2.94 51.38 8.42
CA GLY A 35 3.25 50.03 7.94
C GLY A 35 3.68 49.07 9.06
N PRO A 36 3.74 47.74 8.75
CA PRO A 36 4.20 46.76 9.74
C PRO A 36 5.62 47.06 10.27
N GLU A 37 6.46 47.63 9.42
CA GLU A 37 7.84 47.89 9.84
C GLU A 37 7.92 49.07 10.84
N ALA A 38 6.84 49.81 11.00
CA ALA A 38 6.83 50.91 11.97
C ALA A 38 6.44 50.43 13.35
N VAL A 39 5.64 49.38 13.41
CA VAL A 39 5.03 49.02 14.68
C VAL A 39 5.63 47.75 15.27
N ALA A 40 6.29 46.95 14.44
CA ALA A 40 6.71 45.62 14.87
C ALA A 40 7.69 45.62 16.08
N ARG A 41 8.69 46.50 16.07
CA ARG A 41 9.70 46.47 17.13
C ARG A 41 9.11 46.79 18.53
N PRO A 42 8.27 47.83 18.62
CA PRO A 42 7.71 48.11 19.96
C PRO A 42 6.71 47.08 20.44
N LEU A 43 6.04 46.39 19.51
CA LEU A 43 5.12 45.30 19.89
C LEU A 43 5.82 44.11 20.47
N LEU A 44 7.11 43.95 20.16
CA LEU A 44 7.88 42.92 20.80
C LEU A 44 8.60 43.38 22.05
N LEU A 45 9.16 44.58 22.01
CA LEU A 45 10.13 45.02 23.01
C LEU A 45 9.46 45.85 24.11
N SER A 46 8.28 46.41 23.83
CA SER A 46 7.61 47.32 24.76
C SER A 46 6.24 46.84 25.22
N ARG A 47 5.91 45.56 24.94
CA ARG A 47 4.63 44.96 25.37
C ARG A 47 4.91 43.60 25.99
N ALA A 48 4.20 43.30 27.08
CA ALA A 48 4.24 41.98 27.68
C ALA A 48 3.81 40.90 26.66
N GLN A 49 4.52 39.80 26.63
CA GLN A 49 4.15 38.63 25.80
C GLN A 49 3.38 37.61 26.63
N ARG A 50 2.06 37.66 26.49
CA ARG A 50 1.19 36.99 27.46
C ARG A 50 0.92 35.54 27.08
N GLU A 51 -0.11 34.95 27.70
CA GLU A 51 -0.28 33.52 27.72
C GLU A 51 -0.78 33.01 26.37
N ARG A 52 -1.46 33.85 25.62
CA ARG A 52 -1.99 33.44 24.32
C ARG A 52 -1.45 34.41 23.30
N ARG A 53 -0.67 33.88 22.34
CA ARG A 53 0.17 34.69 21.49
C ARG A 53 -0.12 34.46 20.00
N ALA A 54 0.11 35.49 19.21
CA ALA A 54 0.07 35.36 17.73
C ALA A 54 1.13 36.23 17.11
N VAL A 55 1.56 35.84 15.91
CA VAL A 55 2.40 36.68 15.12
C VAL A 55 1.84 36.64 13.70
N VAL A 56 1.73 37.80 13.07
CA VAL A 56 1.56 37.88 11.62
C VAL A 56 2.85 38.29 11.00
N VAL A 57 3.35 37.49 10.07
CA VAL A 57 4.57 37.84 9.36
C VAL A 57 4.16 38.53 8.06
N ALA A 58 4.49 39.81 7.96
CA ALA A 58 3.99 40.64 6.90
C ALA A 58 5.03 41.66 6.48
N ALA A 59 5.01 41.99 5.18
CA ALA A 59 5.95 42.99 4.65
C ALA A 59 5.19 44.30 4.35
N ASP A 60 3.88 44.21 4.22
CA ASP A 60 3.09 45.41 3.94
C ASP A 60 1.80 45.48 4.73
N ARG A 61 1.14 46.64 4.68
CA ARG A 61 -0.10 46.87 5.42
C ARG A 61 -1.16 45.85 5.10
N ASP A 62 -1.47 45.73 3.81
CA ASP A 62 -2.58 44.90 3.35
C ASP A 62 -2.43 43.46 3.87
N SER A 63 -1.22 42.92 3.75
CA SER A 63 -1.03 41.55 4.22
C SER A 63 -1.10 41.45 5.78
N LEU A 64 -0.65 42.49 6.47
CA LEU A 64 -0.79 42.53 7.92
C LEU A 64 -2.29 42.55 8.30
N LEU A 65 -3.05 43.39 7.62
CA LEU A 65 -4.44 43.58 7.93
C LEU A 65 -5.20 42.32 7.63
N THR A 66 -4.83 41.62 6.55
CA THR A 66 -5.43 40.32 6.25
C THR A 66 -5.21 39.33 7.40
N GLY A 67 -3.98 39.29 7.91
CA GLY A 67 -3.64 38.38 9.01
C GLY A 67 -4.39 38.73 10.27
N LEU A 68 -4.45 40.02 10.59
CA LEU A 68 -5.06 40.49 11.83
C LEU A 68 -6.57 40.25 11.81
N ASP A 69 -7.20 40.47 10.66
CA ASP A 69 -8.64 40.25 10.54
C ASP A 69 -8.92 38.75 10.75
N ALA A 70 -8.12 37.88 10.11
CA ALA A 70 -8.26 36.43 10.34
C ALA A 70 -8.11 36.07 11.81
N LEU A 71 -7.08 36.59 12.44
CA LEU A 71 -6.84 36.33 13.85
C LEU A 71 -8.02 36.81 14.72
N ALA A 72 -8.48 38.04 14.46
CA ALA A 72 -9.62 38.63 15.20
C ALA A 72 -10.84 37.75 15.09
N GLY A 73 -11.03 37.15 13.92
CA GLY A 73 -12.21 36.34 13.66
C GLY A 73 -12.02 34.87 13.97
N GLY A 74 -10.87 34.52 14.57
CA GLY A 74 -10.58 33.13 14.95
C GLY A 74 -10.29 32.16 13.79
N GLU A 75 -9.85 32.69 12.65
CA GLU A 75 -9.57 31.87 11.48
C GLU A 75 -8.05 31.70 11.32
N ALA A 76 -7.66 30.63 10.63
CA ALA A 76 -6.25 30.42 10.29
C ALA A 76 -5.85 31.29 9.12
N GLY A 77 -4.56 31.52 8.97
CA GLY A 77 -4.05 32.27 7.81
C GLY A 77 -2.64 31.84 7.49
N PRO A 78 -2.22 32.02 6.23
CA PRO A 78 -0.96 31.42 5.76
C PRO A 78 0.33 32.07 6.34
N ARG A 79 0.21 33.28 6.90
CA ARG A 79 1.34 33.89 7.58
C ARG A 79 0.96 34.33 9.00
N LEU A 80 0.06 33.57 9.59
CA LEU A 80 -0.37 33.77 10.97
C LEU A 80 0.01 32.54 11.78
N ALA A 81 0.77 32.75 12.86
CA ALA A 81 1.00 31.70 13.82
C ALA A 81 0.37 32.12 15.16
N SER A 82 -0.22 31.17 15.86
CA SER A 82 -0.81 31.47 17.19
C SER A 82 -0.80 30.23 18.06
N GLY A 83 -0.74 30.45 19.36
CA GLY A 83 -0.57 29.36 20.26
C GLY A 83 -0.66 29.76 21.73
N ALA A 84 -0.62 28.74 22.57
CA ALA A 84 -0.46 28.88 24.00
C ALA A 84 0.99 28.91 24.38
N ALA A 85 1.38 29.91 25.16
CA ALA A 85 2.77 30.10 25.55
C ALA A 85 3.10 29.29 26.77
N ASP A 86 3.22 27.99 26.60
CA ASP A 86 3.23 27.08 27.73
C ASP A 86 4.31 26.00 27.65
N VAL A 87 5.23 26.14 26.69
CA VAL A 87 6.22 25.10 26.51
C VAL A 87 7.49 25.46 27.23
N THR A 88 7.99 24.50 28.01
CA THR A 88 9.30 24.60 28.63
C THR A 88 10.09 23.33 28.39
N GLY A 89 11.40 23.46 28.49
CA GLY A 89 12.29 22.31 28.31
C GLY A 89 13.38 22.59 27.28
N ARG A 90 14.24 21.62 27.06
CA ARG A 90 15.43 21.87 26.30
C ARG A 90 15.11 21.70 24.79
N VAL A 91 16.05 22.15 23.96
CA VAL A 91 15.84 22.37 22.53
C VAL A 91 16.70 21.37 21.75
N VAL A 92 16.07 20.76 20.76
CA VAL A 92 16.75 19.81 19.84
C VAL A 92 16.67 20.40 18.43
N LEU A 93 17.81 20.43 17.74
CA LEU A 93 17.77 20.58 16.26
C LEU A 93 17.83 19.21 15.59
N VAL A 94 16.85 18.96 14.75
CA VAL A 94 16.76 17.72 14.00
C VAL A 94 17.22 18.01 12.57
N PHE A 95 18.13 17.18 12.08
CA PHE A 95 18.61 17.30 10.71
C PHE A 95 18.11 16.10 9.89
N PRO A 96 17.40 16.36 8.81
CA PRO A 96 16.82 15.30 8.02
C PRO A 96 17.89 14.56 7.23
N GLY A 97 17.51 13.45 6.66
CA GLY A 97 18.34 12.77 5.68
C GLY A 97 17.83 13.12 4.31
N GLN A 98 17.32 12.11 3.61
CA GLN A 98 16.79 12.31 2.27
C GLN A 98 15.33 12.74 2.26
N GLY A 99 14.94 13.31 1.13
CA GLY A 99 13.52 13.48 0.80
C GLY A 99 12.92 14.83 1.17
N ALA A 100 13.72 15.75 1.66
CA ALA A 100 13.21 17.06 2.06
C ALA A 100 13.54 18.15 1.03
N HIS A 101 14.51 17.91 0.18
CA HIS A 101 15.05 18.99 -0.65
C HIS A 101 14.08 19.25 -1.79
N TRP A 102 13.96 20.50 -2.21
CA TRP A 102 13.18 20.78 -3.39
C TRP A 102 13.95 21.73 -4.26
N THR A 103 13.88 21.53 -5.57
CA THR A 103 14.73 22.30 -6.48
C THR A 103 14.46 23.79 -6.42
N GLY A 104 15.50 24.55 -6.23
CA GLY A 104 15.37 26.00 -6.11
C GLY A 104 15.38 26.52 -4.67
N VAL A 105 15.26 25.62 -3.70
CA VAL A 105 15.39 26.07 -2.30
C VAL A 105 16.78 26.63 -2.06
N ALA A 106 16.83 27.63 -1.20
CA ALA A 106 18.02 28.33 -0.75
C ALA A 106 18.43 29.52 -1.58
N GLU A 107 17.99 29.59 -2.83
CA GLU A 107 18.33 30.77 -3.64
C GLU A 107 17.68 32.03 -3.12
N ARG A 108 16.36 31.97 -2.87
CA ARG A 108 15.65 33.14 -2.37
C ARG A 108 16.18 33.56 -1.00
N LEU A 109 16.45 32.60 -0.13
CA LEU A 109 16.92 32.90 1.21
C LEU A 109 18.33 33.46 1.22
N TRP A 110 19.15 33.03 0.25
CA TRP A 110 20.48 33.63 0.05
C TRP A 110 20.33 35.14 -0.27
N ARG A 111 19.33 35.50 -1.07
CA ARG A 111 19.12 36.90 -1.41
C ARG A 111 18.60 37.71 -0.20
N GLU A 112 17.88 37.04 0.69
CA GLU A 112 17.07 37.73 1.66
C GLU A 112 17.65 37.80 3.08
N ALA A 113 18.58 36.92 3.43
CA ALA A 113 19.02 36.74 4.79
C ALA A 113 20.52 36.64 4.81
N PRO A 114 21.19 37.73 5.19
CA PRO A 114 22.64 37.80 5.20
C PRO A 114 23.39 36.75 6.02
N VAL A 115 22.79 36.26 7.10
CA VAL A 115 23.45 35.23 7.88
C VAL A 115 23.46 33.90 7.07
N PHE A 116 22.32 33.62 6.42
CA PHE A 116 22.17 32.41 5.63
C PHE A 116 23.07 32.49 4.39
N ALA A 117 23.07 33.67 3.74
CA ALA A 117 23.98 33.97 2.60
C ALA A 117 25.41 33.71 2.99
N ASP A 118 25.81 34.20 4.16
CA ASP A 118 27.19 34.02 4.59
C ASP A 118 27.53 32.56 4.76
N SER A 119 26.69 31.82 5.47
CA SER A 119 26.95 30.42 5.70
C SER A 119 27.02 29.66 4.38
N MET A 120 26.11 29.97 3.47
CA MET A 120 26.08 29.29 2.21
C MET A 120 27.40 29.55 1.40
N ALA A 121 27.90 30.78 1.46
CA ALA A 121 29.18 31.14 0.79
C ALA A 121 30.38 30.41 1.43
N ARG A 122 30.33 30.26 2.75
CA ARG A 122 31.37 29.49 3.47
C ARG A 122 31.29 28.00 3.00
N CYS A 123 30.06 27.50 2.79
CA CYS A 123 29.89 26.14 2.31
C CYS A 123 30.42 26.03 0.86
N ALA A 124 30.10 27.03 0.06
CA ALA A 124 30.49 27.05 -1.33
C ALA A 124 32.00 26.97 -1.44
N ASP A 125 32.71 27.69 -0.59
CA ASP A 125 34.18 27.64 -0.61
C ASP A 125 34.68 26.22 -0.39
N VAL A 126 34.18 25.54 0.65
CA VAL A 126 34.63 24.21 0.96
C VAL A 126 34.25 23.22 -0.12
N LEU A 127 33.08 23.39 -0.74
CA LEU A 127 32.62 22.46 -1.75
C LEU A 127 33.34 22.66 -3.13
N ARG A 128 33.67 23.92 -3.44
CA ARG A 128 34.48 24.26 -4.62
C ARG A 128 35.84 23.51 -4.55
N ASP A 129 36.47 23.58 -3.38
CA ASP A 129 37.77 22.94 -3.17
C ASP A 129 37.65 21.41 -3.45
N LEU A 130 36.51 20.82 -3.07
CA LEU A 130 36.35 19.38 -3.02
C LEU A 130 35.74 18.81 -4.30
N ALA A 131 34.65 19.41 -4.75
CA ALA A 131 33.75 18.80 -5.73
C ALA A 131 33.85 19.54 -7.07
N GLY A 132 34.53 20.68 -7.09
CA GLY A 132 34.74 21.43 -8.31
C GLY A 132 33.66 22.46 -8.56
N TRP A 133 32.39 22.04 -8.43
CA TRP A 133 31.26 22.84 -8.92
C TRP A 133 30.88 23.99 -7.95
N GLU A 134 29.98 24.85 -8.38
CA GLU A 134 29.70 26.10 -7.70
C GLU A 134 28.31 26.01 -7.05
N LEU A 135 28.29 25.99 -5.72
CA LEU A 135 27.05 25.69 -4.96
C LEU A 135 25.82 26.47 -5.46
N ARG A 136 25.98 27.78 -5.63
CA ARG A 136 24.83 28.62 -5.99
C ARG A 136 24.27 28.32 -7.36
N GLU A 137 25.13 27.89 -8.28
CA GLU A 137 24.65 27.48 -9.63
C GLU A 137 23.82 26.22 -9.60
N VAL A 138 24.24 25.26 -8.80
CA VAL A 138 23.58 23.97 -8.71
C VAL A 138 22.21 24.04 -7.98
N LEU A 139 21.99 25.08 -7.19
CA LEU A 139 20.76 25.17 -6.39
C LEU A 139 19.49 25.12 -7.24
N VAL A 140 19.58 25.68 -8.45
CA VAL A 140 18.42 25.82 -9.31
C VAL A 140 18.41 24.87 -10.49
N ASP A 141 19.29 23.87 -10.47
CA ASP A 141 19.51 22.95 -11.62
C ASP A 141 18.87 21.59 -11.31
N PRO A 142 17.66 21.32 -11.83
CA PRO A 142 16.92 20.09 -11.48
C PRO A 142 17.60 18.85 -12.00
N VAL A 143 18.42 18.99 -13.02
CA VAL A 143 19.15 17.85 -13.57
C VAL A 143 20.34 17.48 -12.69
N ALA A 144 21.11 18.48 -12.24
CA ALA A 144 22.22 18.22 -11.35
C ALA A 144 21.73 17.65 -10.00
N LEU A 145 20.60 18.18 -9.52
CA LEU A 145 20.04 17.74 -8.24
C LEU A 145 19.49 16.35 -8.18
N GLU A 146 19.29 15.71 -9.33
CA GLU A 146 18.93 14.30 -9.32
C GLU A 146 20.16 13.42 -9.19
N ARG A 147 21.37 14.00 -9.21
CA ARG A 147 22.57 13.24 -9.02
C ARG A 147 22.92 13.27 -7.53
N VAL A 148 23.13 12.10 -6.96
CA VAL A 148 23.34 11.93 -5.53
C VAL A 148 24.62 12.62 -5.01
N ASP A 149 25.64 12.67 -5.88
CA ASP A 149 26.88 13.34 -5.53
C ASP A 149 26.77 14.89 -5.50
N VAL A 150 25.75 15.44 -6.16
CA VAL A 150 25.48 16.86 -6.10
C VAL A 150 24.45 17.12 -4.99
N LEU A 151 23.35 16.38 -5.02
CA LEU A 151 22.26 16.61 -4.04
C LEU A 151 22.71 16.53 -2.60
N GLN A 152 23.52 15.53 -2.25
CA GLN A 152 23.83 15.33 -0.83
C GLN A 152 24.67 16.47 -0.29
N PRO A 153 25.72 16.88 -1.02
CA PRO A 153 26.47 18.03 -0.53
C PRO A 153 25.71 19.38 -0.55
N VAL A 154 24.83 19.58 -1.54
CA VAL A 154 23.95 20.76 -1.56
C VAL A 154 22.99 20.76 -0.36
N SER A 155 22.44 19.58 -0.08
CA SER A 155 21.49 19.39 0.98
C SER A 155 22.15 19.67 2.34
N PHE A 156 23.38 19.17 2.50
CA PHE A 156 24.20 19.42 3.66
C PHE A 156 24.42 20.94 3.84
N ALA A 157 24.84 21.63 2.77
CA ALA A 157 25.08 23.04 2.86
C ALA A 157 23.83 23.81 3.33
N VAL A 158 22.68 23.50 2.74
CA VAL A 158 21.46 24.17 3.05
C VAL A 158 21.08 23.96 4.53
N VAL A 159 21.16 22.74 5.04
CA VAL A 159 20.74 22.54 6.46
C VAL A 159 21.73 23.10 7.49
N VAL A 160 23.01 23.06 7.19
CA VAL A 160 23.99 23.72 8.03
C VAL A 160 23.71 25.22 8.05
N SER A 161 23.41 25.79 6.89
CA SER A 161 23.19 27.23 6.80
C SER A 161 21.87 27.66 7.44
N LEU A 162 20.86 26.83 7.35
CA LEU A 162 19.65 27.06 8.09
C LEU A 162 19.89 27.03 9.59
N ALA A 163 20.74 26.12 10.07
CA ALA A 163 21.07 26.09 11.47
C ALA A 163 21.75 27.39 11.91
N ALA A 164 22.65 27.89 11.09
CA ALA A 164 23.26 29.20 11.39
C ALA A 164 22.23 30.31 11.47
N LEU A 165 21.27 30.32 10.57
CA LEU A 165 20.21 31.32 10.59
C LEU A 165 19.35 31.20 11.87
N TRP A 166 18.98 29.99 12.26
CA TRP A 166 18.30 29.79 13.57
C TRP A 166 19.17 30.37 14.75
N ALA A 167 20.46 30.11 14.73
CA ALA A 167 21.32 30.59 15.78
C ALA A 167 21.31 32.09 15.84
N SER A 168 21.24 32.74 14.69
CA SER A 168 21.25 34.20 14.65
C SER A 168 19.98 34.83 15.28
N VAL A 169 18.87 34.08 15.36
CA VAL A 169 17.70 34.53 16.12
C VAL A 169 17.57 33.84 17.49
N GLY A 170 18.67 33.37 18.00
CA GLY A 170 18.79 32.93 19.37
C GLY A 170 18.23 31.55 19.62
N VAL A 171 18.08 30.76 18.55
CA VAL A 171 17.60 29.39 18.72
C VAL A 171 18.76 28.44 18.52
N ARG A 172 19.35 28.00 19.64
CA ARG A 172 20.55 27.16 19.63
C ARG A 172 20.25 25.83 20.27
N PRO A 173 20.76 24.73 19.69
CA PRO A 173 20.42 23.43 20.24
C PRO A 173 21.10 23.10 21.57
N ASP A 174 20.32 22.52 22.49
CA ASP A 174 20.87 21.84 23.66
C ASP A 174 21.35 20.42 23.31
N ALA A 175 20.78 19.86 22.23
CA ALA A 175 21.16 18.54 21.70
C ALA A 175 20.82 18.52 20.21
N VAL A 176 21.49 17.66 19.44
CA VAL A 176 21.16 17.48 18.05
C VAL A 176 20.95 16.01 17.70
N VAL A 177 20.17 15.79 16.66
CA VAL A 177 20.00 14.44 16.09
C VAL A 177 19.89 14.57 14.59
N GLY A 178 20.64 13.75 13.87
CA GLY A 178 20.61 13.74 12.42
C GLY A 178 20.26 12.38 11.87
N HIS A 179 19.30 12.37 10.96
CA HIS A 179 18.82 11.15 10.32
C HIS A 179 19.70 10.84 9.11
N SER A 180 20.34 9.66 9.06
CA SER A 180 21.12 9.28 7.86
C SER A 180 22.16 10.41 7.55
N GLN A 181 22.19 11.00 6.35
CA GLN A 181 23.28 12.00 6.05
C GLN A 181 23.17 13.22 6.98
N GLY A 182 21.97 13.44 7.54
CA GLY A 182 21.80 14.50 8.54
C GLY A 182 22.75 14.37 9.73
N GLU A 183 23.18 13.16 10.05
CA GLU A 183 24.07 12.96 11.17
C GLU A 183 25.40 13.73 10.96
N VAL A 184 25.83 13.86 9.72
CA VAL A 184 27.08 14.57 9.48
C VAL A 184 26.86 16.06 9.74
N ALA A 185 25.72 16.59 9.30
CA ALA A 185 25.41 18.01 9.57
C ALA A 185 25.29 18.23 11.09
N ALA A 186 24.58 17.34 11.76
CA ALA A 186 24.41 17.41 13.22
C ALA A 186 25.79 17.43 13.92
N ALA A 187 26.68 16.54 13.50
CA ALA A 187 27.99 16.47 14.12
C ALA A 187 28.72 17.81 13.94
N HIS A 188 28.60 18.42 12.76
CA HIS A 188 29.28 19.68 12.52
C HIS A 188 28.67 20.75 13.44
N VAL A 189 27.34 20.85 13.43
CA VAL A 189 26.64 21.89 14.21
C VAL A 189 26.91 21.70 15.72
N ALA A 190 27.17 20.48 16.14
CA ALA A 190 27.48 20.18 17.56
C ALA A 190 28.94 20.48 17.89
N GLY A 191 29.72 20.84 16.88
CA GLY A 191 31.14 21.17 17.06
C GLY A 191 32.14 20.01 17.03
N ALA A 192 31.68 18.81 16.64
CA ALA A 192 32.54 17.61 16.55
C ALA A 192 33.35 17.59 15.24
N LEU A 193 32.85 18.26 14.20
CA LEU A 193 33.56 18.33 12.91
C LEU A 193 33.65 19.77 12.44
N THR A 194 34.77 20.14 11.82
CA THR A 194 34.81 21.36 11.06
C THR A 194 33.85 21.30 9.89
N LEU A 195 33.54 22.46 9.31
CA LEU A 195 32.75 22.51 8.10
C LEU A 195 33.47 21.74 7.01
N ALA A 196 34.79 21.92 6.93
CA ALA A 196 35.60 21.30 5.85
C ALA A 196 35.54 19.79 5.95
N GLU A 197 35.70 19.25 7.15
CA GLU A 197 35.78 17.83 7.35
C GLU A 197 34.40 17.16 7.17
N ALA A 198 33.35 17.77 7.71
CA ALA A 198 32.02 17.30 7.44
C ALA A 198 31.73 17.28 5.93
N ALA A 199 31.99 18.38 5.25
CA ALA A 199 31.78 18.44 3.82
C ALA A 199 32.53 17.33 3.11
N ARG A 200 33.77 17.08 3.52
CA ARG A 200 34.58 16.05 2.85
C ARG A 200 33.90 14.68 2.98
N ILE A 201 33.32 14.41 4.16
CA ILE A 201 32.69 13.14 4.38
C ILE A 201 31.50 13.04 3.46
N VAL A 202 30.65 14.08 3.43
CA VAL A 202 29.44 14.01 2.58
C VAL A 202 29.83 13.90 1.10
N VAL A 203 30.82 14.68 0.68
CA VAL A 203 31.21 14.68 -0.76
C VAL A 203 31.79 13.30 -1.17
N LEU A 204 32.69 12.76 -0.37
CA LEU A 204 33.32 11.48 -0.71
C LEU A 204 32.32 10.30 -0.65
N ARG A 205 31.46 10.28 0.37
CA ARG A 205 30.48 9.20 0.51
C ARG A 205 29.40 9.25 -0.58
N SER A 206 28.93 10.44 -0.90
CA SER A 206 27.87 10.59 -1.88
C SER A 206 28.36 10.27 -3.30
N ALA A 207 29.60 10.63 -3.57
CA ALA A 207 30.22 10.31 -4.87
C ALA A 207 30.44 8.79 -5.04
N LEU A 208 30.84 8.13 -3.97
CA LEU A 208 30.94 6.67 -3.96
C LEU A 208 29.58 5.98 -4.16
N ILE A 209 28.55 6.46 -3.46
CA ILE A 209 27.19 5.98 -3.69
C ILE A 209 26.79 6.14 -5.18
N ALA A 210 27.05 7.31 -5.73
CA ALA A 210 26.68 7.59 -7.11
C ALA A 210 27.42 6.61 -8.07
N ARG A 211 28.68 6.30 -7.77
CA ARG A 211 29.47 5.44 -8.66
C ARG A 211 29.01 3.99 -8.58
N GLU A 212 28.69 3.51 -7.37
CA GLU A 212 28.53 2.07 -7.14
C GLU A 212 27.09 1.64 -6.93
N LEU A 213 26.27 2.50 -6.33
CA LEU A 213 24.88 2.10 -5.94
C LEU A 213 23.79 2.76 -6.73
N SER A 214 23.97 4.01 -7.22
CA SER A 214 22.90 4.71 -7.93
C SER A 214 22.44 3.86 -9.13
N GLY A 215 21.13 3.76 -9.31
CA GLY A 215 20.56 2.96 -10.39
C GLY A 215 20.29 1.51 -10.00
N ARG A 216 20.68 1.10 -8.79
CA ARG A 216 20.58 -0.31 -8.37
C ARG A 216 19.63 -0.52 -7.19
N GLY A 217 18.91 0.53 -6.82
CA GLY A 217 18.06 0.46 -5.63
C GLY A 217 17.09 1.60 -5.51
N ALA A 218 16.25 1.49 -4.49
CA ALA A 218 15.23 2.46 -4.22
C ALA A 218 14.90 2.36 -2.73
N MET A 219 14.27 3.41 -2.21
CA MET A 219 13.86 3.46 -0.80
C MET A 219 12.44 4.00 -0.70
N LEU A 220 11.70 3.43 0.24
CA LEU A 220 10.26 3.63 0.32
C LEU A 220 9.91 3.84 1.79
N THR A 221 9.20 4.92 2.08
CA THR A 221 8.68 5.15 3.43
C THR A 221 7.22 4.73 3.48
N VAL A 222 6.88 4.09 4.59
CA VAL A 222 5.56 3.47 4.77
C VAL A 222 4.92 4.00 6.04
N VAL A 223 3.63 4.33 5.94
CA VAL A 223 2.89 4.78 7.10
C VAL A 223 2.40 3.56 7.87
N ALA A 224 3.24 3.08 8.77
CA ALA A 224 3.01 1.86 9.53
C ALA A 224 4.10 1.73 10.54
N ASP A 225 3.90 0.90 11.56
CA ASP A 225 4.98 0.64 12.49
C ASP A 225 5.86 -0.55 12.09
N VAL A 226 7.00 -0.67 12.75
CA VAL A 226 8.05 -1.56 12.28
C VAL A 226 7.62 -3.03 12.44
N GLU A 227 6.76 -3.28 13.44
CA GLU A 227 6.22 -4.64 13.63
C GLU A 227 5.39 -5.02 12.43
N ARG A 228 4.50 -4.13 12.04
CA ARG A 228 3.67 -4.36 10.88
C ARG A 228 4.51 -4.52 9.60
N VAL A 229 5.47 -3.63 9.39
CA VAL A 229 6.26 -3.69 8.14
C VAL A 229 7.04 -5.03 8.10
N THR A 230 7.61 -5.41 9.23
CA THR A 230 8.39 -6.63 9.31
C THR A 230 7.56 -7.87 8.97
N ALA A 231 6.31 -7.88 9.42
CA ALA A 231 5.38 -8.96 9.10
C ALA A 231 5.12 -8.99 7.60
N LEU A 232 4.96 -7.82 7.00
CA LEU A 232 4.67 -7.79 5.57
C LEU A 232 5.88 -8.07 4.74
N LEU A 233 7.08 -8.01 5.35
CA LEU A 233 8.31 -8.36 4.62
C LEU A 233 8.61 -9.88 4.61
N ALA A 234 7.69 -10.68 5.16
CA ALA A 234 7.78 -12.15 5.05
C ALA A 234 7.81 -12.56 3.60
N GLY A 235 8.86 -13.29 3.22
CA GLY A 235 9.14 -13.64 1.83
C GLY A 235 10.00 -12.66 1.07
N PHE A 236 10.38 -11.57 1.72
CA PHE A 236 11.26 -10.59 1.06
C PHE A 236 12.68 -10.64 1.66
N GLU A 237 12.92 -11.64 2.53
CA GLU A 237 14.21 -11.76 3.22
C GLU A 237 15.34 -11.63 2.22
N GLY A 238 16.26 -10.70 2.50
CA GLY A 238 17.38 -10.46 1.60
C GLY A 238 17.04 -9.76 0.30
N ARG A 239 15.81 -9.30 0.18
CA ARG A 239 15.41 -8.55 -1.00
C ARG A 239 14.97 -7.12 -0.69
N VAL A 240 14.20 -6.96 0.36
CA VAL A 240 13.76 -5.64 0.81
C VAL A 240 13.86 -5.63 2.30
N CYS A 241 14.63 -4.67 2.84
CA CYS A 241 14.88 -4.64 4.28
C CYS A 241 14.42 -3.32 4.93
N VAL A 242 14.29 -3.36 6.25
CA VAL A 242 14.03 -2.14 7.04
C VAL A 242 15.28 -1.28 7.10
N ALA A 243 15.12 -0.01 6.72
CA ALA A 243 16.26 0.91 6.62
C ALA A 243 16.13 2.06 7.61
N ALA A 244 14.93 2.33 8.10
CA ALA A 244 14.77 3.32 9.16
C ALA A 244 13.51 3.05 9.96
N VAL A 245 13.58 3.31 11.26
CA VAL A 245 12.40 3.36 12.11
C VAL A 245 12.30 4.78 12.69
N ASN A 246 11.39 5.56 12.12
CA ASN A 246 11.27 6.99 12.41
C ASN A 246 10.24 7.29 13.49
N GLY A 247 9.25 6.41 13.62
CA GLY A 247 8.20 6.58 14.62
C GLY A 247 7.16 5.48 14.47
N PRO A 248 6.00 5.65 15.12
CA PRO A 248 5.02 4.56 15.12
C PRO A 248 4.27 4.49 13.81
N ALA A 249 4.40 5.52 12.97
CA ALA A 249 3.71 5.58 11.71
C ALA A 249 4.66 5.99 10.59
N SER A 250 5.93 5.63 10.72
CA SER A 250 6.89 5.93 9.66
C SER A 250 8.08 4.97 9.69
N VAL A 251 8.11 4.05 8.73
CA VAL A 251 9.24 3.11 8.62
C VAL A 251 9.66 3.08 7.18
N THR A 252 10.95 3.10 6.95
CA THR A 252 11.45 3.14 5.56
C THR A 252 12.10 1.81 5.22
N VAL A 253 11.85 1.32 4.00
CA VAL A 253 12.49 0.07 3.51
C VAL A 253 13.34 0.33 2.26
N SER A 254 14.20 -0.63 1.94
CA SER A 254 15.24 -0.42 0.92
C SER A 254 15.54 -1.71 0.17
N GLY A 255 15.79 -1.59 -1.13
CA GLY A 255 16.21 -2.73 -1.93
C GLY A 255 16.23 -2.41 -3.39
N GLU A 256 16.47 -3.43 -4.21
CA GLU A 256 16.45 -3.26 -5.67
C GLU A 256 15.06 -2.79 -6.11
N ASP A 257 14.98 -2.03 -7.21
CA ASP A 257 13.74 -1.34 -7.62
C ASP A 257 12.59 -2.33 -7.81
N GLY A 258 12.84 -3.36 -8.61
CA GLY A 258 11.84 -4.39 -8.82
C GLY A 258 11.33 -5.01 -7.53
N ALA A 259 12.22 -5.31 -6.62
CA ALA A 259 11.81 -5.92 -5.37
C ALA A 259 10.96 -4.94 -4.52
N VAL A 260 11.32 -3.68 -4.57
CA VAL A 260 10.57 -2.69 -3.81
C VAL A 260 9.19 -2.51 -4.46
N ARG A 261 9.12 -2.60 -5.79
CA ARG A 261 7.83 -2.51 -6.51
C ARG A 261 6.92 -3.67 -6.14
N GLU A 262 7.50 -4.85 -5.93
CA GLU A 262 6.74 -6.01 -5.43
C GLU A 262 6.20 -5.77 -4.04
N PHE A 263 7.02 -5.18 -3.18
CA PHE A 263 6.55 -4.83 -1.87
C PHE A 263 5.45 -3.75 -1.90
N GLU A 264 5.56 -2.78 -2.79
CA GLU A 264 4.52 -1.76 -2.94
C GLU A 264 3.15 -2.36 -3.28
N ARG A 265 3.15 -3.43 -4.08
CA ARG A 265 1.90 -4.15 -4.39
C ARG A 265 1.27 -4.78 -3.16
N VAL A 266 2.11 -5.35 -2.30
CA VAL A 266 1.65 -5.84 -1.01
C VAL A 266 0.97 -4.72 -0.21
N LEU A 267 1.56 -3.53 -0.22
CA LEU A 267 1.02 -2.43 0.58
C LEU A 267 -0.25 -1.88 -0.06
N SER A 268 -0.23 -1.71 -1.37
CA SER A 268 -1.37 -1.19 -2.08
C SER A 268 -2.63 -2.00 -1.85
N ALA A 269 -2.51 -3.33 -1.96
CA ALA A 269 -3.72 -4.21 -1.83
C ALA A 269 -4.34 -4.04 -0.46
N ARG A 270 -3.49 -3.70 0.51
CA ARG A 270 -3.88 -3.56 1.88
C ARG A 270 -4.20 -2.07 2.25
N ARG A 271 -4.26 -1.20 1.25
CA ARG A 271 -4.64 0.21 1.46
C ARG A 271 -3.69 0.91 2.44
N MET A 272 -2.40 0.65 2.32
CA MET A 272 -1.45 1.32 3.17
C MET A 272 -0.75 2.44 2.43
N LEU A 273 -0.43 3.50 3.16
CA LEU A 273 0.14 4.67 2.54
C LEU A 273 1.66 4.50 2.49
N ARG A 274 2.26 4.96 1.41
CA ARG A 274 3.72 4.85 1.20
C ARG A 274 4.14 5.80 0.10
N TRP A 275 5.43 6.08 0.01
CA TRP A 275 5.97 6.84 -1.13
C TRP A 275 7.44 6.56 -1.25
N ARG A 276 7.95 6.58 -2.48
CA ARG A 276 9.39 6.55 -2.71
C ARG A 276 10.02 7.81 -2.10
N LEU A 277 11.26 7.70 -1.62
CA LEU A 277 12.04 8.85 -1.21
C LEU A 277 12.50 9.57 -2.44
N PRO A 278 12.21 10.87 -2.51
CA PRO A 278 12.73 11.69 -3.61
C PRO A 278 14.25 11.76 -3.58
N GLY A 279 14.88 11.79 -4.74
CA GLY A 279 16.34 12.06 -4.79
C GLY A 279 17.20 10.84 -4.52
N VAL A 280 16.54 9.69 -4.36
CA VAL A 280 17.20 8.49 -3.90
C VAL A 280 17.04 7.41 -4.93
N ASP A 281 18.16 7.00 -5.54
CA ASP A 281 18.16 5.94 -6.54
C ASP A 281 19.09 4.82 -6.14
N PHE A 282 19.17 4.60 -4.83
CA PHE A 282 20.03 3.60 -4.29
C PHE A 282 19.41 2.99 -3.06
N ALA A 283 19.84 1.77 -2.75
CA ALA A 283 19.34 1.03 -1.63
C ALA A 283 20.18 1.30 -0.39
N GLY A 284 19.97 2.49 0.19
CA GLY A 284 20.65 2.86 1.43
C GLY A 284 20.33 1.89 2.56
N HIS A 285 21.27 1.76 3.50
CA HIS A 285 21.07 0.98 4.74
C HIS A 285 20.65 -0.47 4.42
N SER A 286 21.29 -1.04 3.40
CA SER A 286 21.02 -2.43 2.93
C SER A 286 22.35 -3.13 2.73
N PRO A 287 22.34 -4.46 2.62
CA PRO A 287 23.51 -5.23 2.27
C PRO A 287 24.25 -4.76 0.99
N GLN A 288 23.58 -4.05 0.07
CA GLN A 288 24.28 -3.44 -1.10
C GLN A 288 25.43 -2.56 -0.66
N VAL A 289 25.32 -2.04 0.56
CA VAL A 289 26.34 -1.11 1.08
C VAL A 289 27.63 -1.83 1.50
N ASP A 290 27.55 -3.14 1.73
CA ASP A 290 28.75 -3.90 2.14
C ASP A 290 29.91 -3.73 1.15
N ALA A 291 29.59 -3.75 -0.15
CA ALA A 291 30.62 -3.74 -1.20
C ALA A 291 31.42 -2.44 -1.19
N LEU A 292 30.84 -1.39 -0.59
CA LEU A 292 31.42 -0.03 -0.59
C LEU A 292 32.40 0.17 0.58
N ARG A 293 32.36 -0.73 1.54
CA ARG A 293 33.08 -0.51 2.81
C ARG A 293 34.54 -0.19 2.60
N ALA A 294 35.23 -1.05 1.87
CA ALA A 294 36.68 -0.92 1.74
C ALA A 294 37.07 0.39 1.07
N GLU A 295 36.39 0.77 -0.03
CA GLU A 295 36.70 2.04 -0.72
C GLU A 295 36.30 3.23 0.18
N LEU A 296 35.22 3.11 0.93
CA LEU A 296 34.83 4.23 1.80
C LEU A 296 35.86 4.44 2.91
N LEU A 297 36.28 3.37 3.53
CA LEU A 297 37.24 3.52 4.64
C LEU A 297 38.56 4.08 4.11
N ALA A 298 38.97 3.66 2.91
CA ALA A 298 40.19 4.21 2.30
C ALA A 298 40.06 5.70 1.92
N ALA A 299 38.95 6.07 1.32
CA ALA A 299 38.73 7.47 0.98
C ALA A 299 38.72 8.33 2.24
N LEU A 300 37.92 7.94 3.24
CA LEU A 300 37.80 8.76 4.45
C LEU A 300 39.11 8.81 5.23
N GLY A 301 39.78 7.68 5.36
CA GLY A 301 41.02 7.60 6.16
C GLY A 301 40.77 7.96 7.61
N ASP A 302 41.68 8.75 8.19
CA ASP A 302 41.52 9.22 9.56
C ASP A 302 40.63 10.45 9.57
N ILE A 303 39.56 10.41 10.34
CA ILE A 303 38.67 11.56 10.43
C ILE A 303 39.20 12.50 11.51
N ALA A 304 39.32 13.77 11.18
CA ALA A 304 39.61 14.80 12.18
C ALA A 304 38.31 15.17 12.88
N SER A 305 38.20 14.82 14.13
CA SER A 305 36.99 15.04 14.90
C SER A 305 37.37 15.37 16.31
N ARG A 306 36.42 15.94 17.04
CA ARG A 306 36.59 16.16 18.45
C ARG A 306 35.28 15.87 19.18
N GLU A 307 35.32 15.96 20.51
CA GLU A 307 34.14 15.70 21.32
C GLU A 307 33.09 16.76 20.99
N PRO A 308 31.84 16.32 20.75
CA PRO A 308 30.78 17.30 20.52
C PRO A 308 30.57 18.17 21.75
N GLU A 309 30.46 19.47 21.52
CA GLU A 309 30.24 20.42 22.60
C GLU A 309 28.81 20.36 23.19
N ILE A 310 27.87 19.78 22.45
CA ILE A 310 26.56 19.42 23.00
C ILE A 310 26.25 18.00 22.60
N PRO A 311 25.34 17.35 23.31
CA PRO A 311 25.06 15.97 23.01
C PRO A 311 24.60 15.76 21.56
N LEU A 312 25.22 14.80 20.91
CA LEU A 312 24.85 14.30 19.61
C LEU A 312 24.27 12.91 19.80
N LEU A 313 22.96 12.76 19.60
CA LEU A 313 22.31 11.45 19.73
C LEU A 313 22.33 10.77 18.36
N SER A 314 23.15 9.75 18.24
CA SER A 314 23.38 9.11 16.92
C SER A 314 22.16 8.31 16.52
N THR A 315 21.85 8.33 15.23
CA THR A 315 20.85 7.40 14.70
C THR A 315 21.45 6.07 14.23
N VAL A 316 22.75 5.92 14.39
CA VAL A 316 23.38 4.60 14.21
C VAL A 316 23.05 3.70 15.41
N THR A 317 23.15 4.28 16.61
CA THR A 317 23.01 3.51 17.85
C THR A 317 21.72 3.84 18.63
N GLY A 318 21.12 5.00 18.37
CA GLY A 318 20.07 5.55 19.20
C GLY A 318 20.57 6.06 20.54
N GLU A 319 21.89 6.25 20.65
CA GLU A 319 22.53 6.64 21.91
C GLU A 319 23.52 7.79 21.67
N PRO A 320 23.97 8.47 22.73
CA PRO A 320 25.00 9.48 22.56
C PRO A 320 26.23 8.94 21.84
N ALA A 321 26.75 9.70 20.90
CA ALA A 321 27.74 9.18 19.98
C ALA A 321 29.13 9.08 20.59
N THR A 322 29.86 8.05 20.17
CA THR A 322 31.21 7.84 20.65
C THR A 322 32.29 8.43 19.67
N ARG A 323 33.12 7.56 19.13
CA ARG A 323 34.13 8.03 18.23
C ARG A 323 33.42 8.29 16.88
N LEU A 324 33.55 9.49 16.35
CA LEU A 324 33.07 9.75 14.98
C LEU A 324 34.15 9.47 13.93
N ASP A 325 34.59 8.21 13.86
CA ASP A 325 35.65 7.82 12.94
C ASP A 325 35.06 7.29 11.62
N ALA A 326 35.93 6.82 10.73
CA ALA A 326 35.53 6.39 9.41
C ALA A 326 34.52 5.24 9.50
N GLU A 327 34.77 4.29 10.40
CA GLU A 327 33.85 3.17 10.66
C GLU A 327 32.44 3.68 11.05
N HIS A 328 32.38 4.72 11.86
CA HIS A 328 31.09 5.33 12.23
C HIS A 328 30.37 5.86 11.01
N TRP A 329 31.09 6.55 10.13
CA TRP A 329 30.49 7.06 8.91
C TRP A 329 30.12 6.02 7.87
N TYR A 330 30.78 4.87 7.89
CA TYR A 330 30.27 3.71 7.14
C TYR A 330 28.96 3.18 7.73
N ARG A 331 28.94 2.99 9.02
CA ARG A 331 27.75 2.45 9.69
C ARG A 331 26.53 3.38 9.55
N ASN A 332 26.80 4.67 9.41
CA ASN A 332 25.80 5.72 9.21
C ASN A 332 25.06 5.45 7.90
N LEU A 333 25.76 4.87 6.93
CA LEU A 333 25.16 4.45 5.63
C LEU A 333 24.64 2.99 5.62
N ARG A 334 25.33 2.09 6.32
CA ARG A 334 25.01 0.66 6.23
C ARG A 334 23.85 0.31 7.16
N GLU A 335 23.88 0.83 8.37
CA GLU A 335 22.98 0.39 9.42
CA GLU A 335 22.97 0.36 9.37
C GLU A 335 21.65 1.13 9.36
N PRO A 336 20.56 0.45 9.73
CA PRO A 336 19.26 1.15 9.76
C PRO A 336 19.27 2.39 10.65
N VAL A 337 18.46 3.38 10.29
CA VAL A 337 18.44 4.64 11.00
C VAL A 337 17.50 4.50 12.21
N ARG A 338 18.05 4.67 13.39
CA ARG A 338 17.30 4.56 14.62
C ARG A 338 16.80 5.95 15.09
N PHE A 339 16.00 6.59 14.23
CA PHE A 339 15.58 7.95 14.47
C PHE A 339 14.61 7.99 15.67
N ALA A 340 13.63 7.09 15.67
CA ALA A 340 12.66 7.04 16.79
C ALA A 340 13.37 6.85 18.13
N ASP A 341 14.32 5.92 18.18
CA ASP A 341 15.09 5.69 19.39
C ASP A 341 15.80 6.94 19.89
N ALA A 342 16.46 7.64 18.97
CA ALA A 342 17.19 8.85 19.32
C ALA A 342 16.27 9.95 19.88
N VAL A 343 15.13 10.17 19.22
CA VAL A 343 14.19 11.19 19.66
C VAL A 343 13.57 10.82 21.04
N THR A 344 13.29 9.54 21.20
CA THR A 344 12.77 9.00 22.48
C THR A 344 13.78 9.20 23.61
N ALA A 345 15.07 8.97 23.33
CA ALA A 345 16.10 9.20 24.34
C ALA A 345 16.15 10.66 24.76
N LEU A 346 15.89 11.56 23.81
CA LEU A 346 15.87 13.00 24.12
C LEU A 346 14.63 13.43 24.90
N LEU A 347 13.46 12.86 24.55
CA LEU A 347 12.23 13.11 25.31
C LEU A 347 12.41 12.68 26.77
N ASP A 348 13.16 11.60 26.97
CA ASP A 348 13.31 11.02 28.34
C ASP A 348 14.32 11.83 29.14
N ARG A 349 15.02 12.77 28.48
CA ARG A 349 15.93 13.67 29.16
C ARG A 349 15.46 15.12 29.13
N GLY A 350 14.17 15.33 29.04
CA GLY A 350 13.59 16.66 29.25
C GLY A 350 13.64 17.59 28.03
N HIS A 351 13.83 17.05 26.83
CA HIS A 351 13.76 17.90 25.63
C HIS A 351 12.33 17.95 25.17
N ARG A 352 11.88 19.17 24.87
CA ARG A 352 10.50 19.47 24.57
C ARG A 352 10.33 20.38 23.34
N VAL A 353 11.44 20.88 22.77
CA VAL A 353 11.35 21.80 21.63
C VAL A 353 12.18 21.15 20.52
N PHE A 354 11.53 20.84 19.40
CA PHE A 354 12.24 20.18 18.26
C PHE A 354 12.09 21.01 17.00
N VAL A 355 13.22 21.40 16.44
CA VAL A 355 13.26 22.27 15.28
C VAL A 355 13.88 21.47 14.15
N GLU A 356 13.06 21.07 13.18
CA GLU A 356 13.58 20.38 12.00
C GLU A 356 14.20 21.42 11.08
N VAL A 357 15.48 21.22 10.82
CA VAL A 357 16.27 22.18 10.07
C VAL A 357 16.32 21.74 8.62
N SER A 358 15.28 22.02 7.90
CA SER A 358 15.08 21.37 6.59
C SER A 358 14.36 22.26 5.62
N PRO A 359 14.47 21.94 4.33
CA PRO A 359 13.67 22.67 3.35
C PRO A 359 12.19 22.41 3.36
N HIS A 360 11.78 21.26 3.93
CA HIS A 360 10.38 20.87 4.01
C HIS A 360 10.25 19.78 5.07
N PRO A 361 9.22 19.88 5.93
CA PRO A 361 9.22 18.96 7.08
C PRO A 361 8.93 17.52 6.68
N VAL A 362 9.83 16.64 7.03
CA VAL A 362 9.69 15.24 6.69
C VAL A 362 9.69 14.33 7.92
N LEU A 363 10.18 14.83 9.07
CA LEU A 363 10.22 14.03 10.30
C LEU A 363 9.40 14.64 11.46
N THR A 364 8.80 15.79 11.24
CA THR A 364 8.02 16.45 12.32
C THR A 364 6.85 15.60 12.78
N THR A 365 6.13 14.97 11.87
CA THR A 365 4.99 14.17 12.28
C THR A 365 5.39 12.99 13.15
N SER A 366 6.55 12.41 12.89
CA SER A 366 7.11 11.38 13.76
C SER A 366 7.50 11.92 15.12
N VAL A 367 8.13 13.10 15.15
CA VAL A 367 8.48 13.71 16.43
C VAL A 367 7.20 13.99 17.23
N VAL A 368 6.14 14.48 16.56
CA VAL A 368 4.90 14.76 17.25
C VAL A 368 4.32 13.44 17.82
N ASP A 369 4.32 12.39 17.00
CA ASP A 369 3.81 11.04 17.43
C ASP A 369 4.56 10.52 18.66
N LEU A 370 5.88 10.66 18.67
CA LEU A 370 6.74 10.18 19.72
C LEU A 370 6.62 10.98 21.01
N ALA A 371 6.34 12.28 20.88
CA ALA A 371 6.40 13.19 22.00
C ALA A 371 5.18 12.99 22.91
N ALA A 372 4.07 12.50 22.37
CA ALA A 372 2.82 12.39 23.15
C ALA A 372 3.12 11.51 24.41
N PRO A 373 2.66 11.94 25.59
CA PRO A 373 1.66 12.98 25.74
C PRO A 373 2.23 14.33 26.23
N HIS A 374 3.53 14.54 26.07
CA HIS A 374 4.20 15.69 26.67
C HIS A 374 3.86 16.97 25.93
N ARG A 375 3.90 18.07 26.64
CA ARG A 375 3.75 19.40 26.05
C ARG A 375 5.05 19.74 25.27
N THR A 376 4.93 19.89 23.95
CA THR A 376 6.11 20.16 23.12
C THR A 376 5.79 21.15 22.00
N ALA A 377 6.83 21.83 21.52
CA ALA A 377 6.75 22.64 20.34
C ALA A 377 7.60 21.95 19.27
N VAL A 378 6.99 21.65 18.13
CA VAL A 378 7.71 20.97 17.06
C VAL A 378 7.47 21.80 15.80
N VAL A 379 8.54 22.26 15.18
CA VAL A 379 8.42 23.12 14.01
C VAL A 379 9.44 22.64 12.96
N GLY A 380 9.20 23.02 11.72
CA GLY A 380 10.20 22.91 10.67
C GLY A 380 10.82 24.27 10.41
N THR A 381 11.37 24.44 9.18
CA THR A 381 12.04 25.67 8.84
C THR A 381 11.44 26.26 7.58
N LEU A 382 11.72 25.64 6.42
CA LEU A 382 11.08 26.03 5.17
C LEU A 382 10.02 25.01 4.75
N ARG A 383 9.28 25.34 3.66
CA ARG A 383 8.38 24.37 3.02
C ARG A 383 8.62 24.42 1.50
N ARG A 384 8.32 23.31 0.84
CA ARG A 384 8.30 23.23 -0.62
C ARG A 384 7.72 24.52 -1.18
N ASP A 385 8.43 25.14 -2.11
CA ASP A 385 7.96 26.34 -2.83
C ASP A 385 7.79 27.56 -1.89
N GLU A 386 8.25 27.46 -0.65
CA GLU A 386 8.22 28.59 0.26
C GLU A 386 9.56 28.73 0.91
N GLY A 387 10.44 29.45 0.22
CA GLY A 387 11.86 29.49 0.59
C GLY A 387 12.31 30.88 1.01
N GLY A 388 11.36 31.74 1.34
CA GLY A 388 11.67 33.13 1.66
C GLY A 388 11.96 33.35 3.14
N LEU A 389 12.55 34.50 3.46
CA LEU A 389 12.75 34.88 4.85
C LEU A 389 11.40 34.90 5.58
N ASP A 390 10.33 35.21 4.86
CA ASP A 390 9.00 35.22 5.43
C ASP A 390 8.63 33.85 6.01
N ARG A 391 8.91 32.78 5.27
CA ARG A 391 8.64 31.44 5.75
C ARG A 391 9.53 31.09 6.93
N PHE A 392 10.81 31.45 6.87
CA PHE A 392 11.69 31.25 8.02
C PHE A 392 11.13 31.95 9.31
N LEU A 393 10.75 33.20 9.14
CA LEU A 393 10.18 33.96 10.29
C LEU A 393 8.92 33.35 10.83
N LEU A 394 8.08 32.79 9.95
CA LEU A 394 6.86 32.17 10.44
C LEU A 394 7.22 30.96 11.31
N SER A 395 8.27 30.22 10.94
CA SER A 395 8.70 29.08 11.74
C SER A 395 9.24 29.54 13.12
N ALA A 396 9.99 30.66 13.11
CA ALA A 396 10.48 31.24 14.35
C ALA A 396 9.30 31.70 15.20
N ALA A 397 8.27 32.26 14.54
CA ALA A 397 7.04 32.69 15.23
C ALA A 397 6.31 31.52 15.86
N GLU A 398 6.33 30.36 15.19
CA GLU A 398 5.69 29.19 15.74
C GLU A 398 6.34 28.77 17.07
N LEU A 399 7.62 29.01 17.25
CA LEU A 399 8.25 28.82 18.55
C LEU A 399 7.87 29.92 19.57
N HIS A 400 7.91 31.16 19.14
CA HIS A 400 7.58 32.28 20.01
C HIS A 400 6.19 32.13 20.61
N VAL A 401 5.24 31.72 19.80
CA VAL A 401 3.84 31.66 20.30
C VAL A 401 3.62 30.53 21.32
N ARG A 402 4.58 29.61 21.41
CA ARG A 402 4.51 28.52 22.37
C ARG A 402 5.41 28.80 23.57
N GLY A 403 5.88 30.05 23.67
CA GLY A 403 6.71 30.51 24.80
C GLY A 403 8.17 30.15 24.77
N VAL A 404 8.64 29.68 23.62
CA VAL A 404 10.05 29.34 23.47
C VAL A 404 10.80 30.65 23.16
N PRO A 405 11.95 30.90 23.81
CA PRO A 405 12.76 32.09 23.55
C PRO A 405 13.36 32.09 22.14
N VAL A 406 13.03 33.13 21.42
CA VAL A 406 13.55 33.37 20.09
C VAL A 406 13.59 34.86 19.92
N ASP A 407 14.63 35.34 19.26
CA ASP A 407 14.85 36.75 19.09
C ASP A 407 14.21 37.23 17.80
N LEU A 408 12.88 37.26 17.77
CA LEU A 408 12.13 37.83 16.63
C LEU A 408 12.54 39.29 16.35
N ALA A 409 12.88 40.03 17.40
CA ALA A 409 13.23 41.45 17.25
C ALA A 409 14.42 41.65 16.30
N ARG A 410 15.26 40.63 16.17
CA ARG A 410 16.37 40.73 15.20
C ARG A 410 15.89 41.12 13.82
N HIS A 411 14.68 40.67 13.45
CA HIS A 411 14.13 40.93 12.15
C HIS A 411 12.91 41.83 12.18
N ALA A 412 12.71 42.56 13.28
CA ALA A 412 11.52 43.37 13.41
C ALA A 412 11.69 44.79 12.92
N GLY A 413 12.89 45.17 12.57
CA GLY A 413 13.15 46.51 12.04
C GLY A 413 13.46 47.54 13.11
N ALA A 414 13.17 48.79 12.81
CA ALA A 414 13.62 49.92 13.64
C ALA A 414 12.46 50.85 13.99
N GLY A 415 11.25 50.30 14.00
CA GLY A 415 10.07 51.09 14.30
C GLY A 415 10.10 51.68 15.70
N THR A 416 9.54 52.90 15.82
CA THR A 416 9.29 53.53 17.09
C THR A 416 7.78 53.87 17.27
N ALA A 417 6.94 53.51 16.30
CA ALA A 417 5.51 53.86 16.41
C ALA A 417 4.79 53.00 17.43
N GLU A 418 4.05 53.66 18.33
CA GLU A 418 3.50 53.01 19.54
C GLU A 418 2.00 52.73 19.40
N VAL A 419 1.47 51.85 20.27
CA VAL A 419 0.00 51.54 20.36
C VAL A 419 -0.61 51.39 18.99
N VAL B 1 -19.66 -45.26 -22.70
CA VAL B 1 -18.71 -44.08 -22.58
C VAL B 1 -17.85 -44.18 -21.30
N PRO B 2 -16.53 -44.42 -21.45
CA PRO B 2 -15.72 -44.65 -20.23
C PRO B 2 -15.62 -43.40 -19.36
N VAL B 3 -15.34 -43.62 -18.08
CA VAL B 3 -15.40 -42.56 -17.10
C VAL B 3 -13.96 -42.16 -16.75
N PRO B 4 -13.67 -40.87 -16.67
CA PRO B 4 -12.33 -40.46 -16.31
C PRO B 4 -11.96 -40.80 -14.88
N VAL B 5 -10.71 -41.23 -14.69
CA VAL B 5 -10.15 -41.48 -13.38
C VAL B 5 -8.78 -40.78 -13.23
N PRO B 6 -8.46 -40.36 -12.01
CA PRO B 6 -7.15 -39.75 -11.75
C PRO B 6 -6.08 -40.78 -11.51
N VAL B 7 -5.08 -40.83 -12.38
CA VAL B 7 -4.03 -41.80 -12.28
C VAL B 7 -2.78 -41.08 -11.71
N ALA B 8 -2.41 -41.44 -10.49
CA ALA B 8 -1.39 -40.69 -9.74
C ALA B 8 -0.02 -41.36 -9.78
N VAL B 9 1.01 -40.54 -9.97
CA VAL B 9 2.43 -40.96 -9.98
C VAL B 9 3.16 -39.99 -9.06
N SER B 10 4.22 -40.42 -8.38
CA SER B 10 5.03 -39.46 -7.64
C SER B 10 6.49 -39.97 -7.46
N GLY B 11 7.37 -39.04 -7.16
CA GLY B 11 8.76 -39.37 -6.79
C GLY B 11 9.31 -38.38 -5.78
N ALA B 12 10.48 -38.69 -5.21
CA ALA B 12 11.11 -37.77 -4.29
C ALA B 12 11.68 -36.55 -5.01
N THR B 13 11.87 -36.65 -6.32
CA THR B 13 12.40 -35.59 -7.14
C THR B 13 11.62 -35.58 -8.46
N THR B 14 11.85 -34.56 -9.25
CA THR B 14 11.23 -34.47 -10.56
C THR B 14 11.74 -35.50 -11.54
N ALA B 15 13.04 -35.77 -11.51
CA ALA B 15 13.55 -36.87 -12.32
C ALA B 15 12.98 -38.24 -11.93
N GLY B 16 12.78 -38.44 -10.61
CA GLY B 16 12.19 -39.66 -10.10
C GLY B 16 10.71 -39.77 -10.54
N LEU B 17 10.05 -38.64 -10.54
CA LEU B 17 8.64 -38.60 -10.97
C LEU B 17 8.54 -38.98 -12.45
N ARG B 18 9.42 -38.40 -13.28
CA ARG B 18 9.43 -38.73 -14.71
C ARG B 18 9.80 -40.18 -14.97
N ALA B 19 10.73 -40.71 -14.19
CA ALA B 19 11.14 -42.10 -14.36
C ALA B 19 9.96 -43.03 -14.00
N GLN B 20 9.25 -42.71 -12.92
CA GLN B 20 8.07 -43.48 -12.53
C GLN B 20 6.94 -43.41 -13.60
N ALA B 21 6.81 -42.26 -14.27
CA ALA B 21 5.83 -42.17 -15.36
C ALA B 21 6.22 -43.10 -16.49
N ALA B 22 7.50 -43.11 -16.87
CA ALA B 22 7.97 -43.99 -17.93
C ALA B 22 7.82 -45.47 -17.58
N ARG B 23 8.01 -45.80 -16.33
CA ARG B 23 7.90 -47.19 -15.83
C ARG B 23 6.44 -47.68 -15.88
N LEU B 24 5.52 -46.81 -15.49
CA LEU B 24 4.09 -47.12 -15.55
C LEU B 24 3.63 -47.25 -17.03
N ALA B 25 4.11 -46.38 -17.91
CA ALA B 25 3.78 -46.50 -19.32
C ALA B 25 4.30 -47.84 -19.87
N GLY B 26 5.54 -48.20 -19.54
CA GLY B 26 6.11 -49.48 -19.99
C GLY B 26 5.28 -50.69 -19.54
N HIS B 27 4.82 -50.62 -18.29
CA HIS B 27 4.02 -51.67 -17.67
C HIS B 27 2.69 -51.79 -18.36
N LEU B 28 2.08 -50.65 -18.67
CA LEU B 28 0.85 -50.66 -19.41
C LEU B 28 1.00 -51.17 -20.83
N ARG B 29 2.11 -50.83 -21.50
CA ARG B 29 2.31 -51.26 -22.86
C ARG B 29 2.51 -52.76 -22.99
N GLU B 30 3.02 -53.36 -21.92
CA GLU B 30 3.23 -54.80 -21.84
C GLU B 30 1.93 -55.54 -21.55
N ARG B 31 0.92 -54.82 -21.06
CA ARG B 31 -0.35 -55.43 -20.65
C ARG B 31 -1.53 -54.75 -21.34
N PRO B 32 -1.78 -55.11 -22.61
CA PRO B 32 -2.63 -54.31 -23.49
C PRO B 32 -4.09 -54.16 -23.03
N ALA B 33 -4.57 -55.08 -22.19
CA ALA B 33 -5.99 -55.03 -21.77
C ALA B 33 -6.19 -54.09 -20.55
N LEU B 34 -5.09 -53.60 -19.97
CA LEU B 34 -5.15 -52.80 -18.74
C LEU B 34 -5.59 -51.35 -19.00
N GLY B 35 -6.69 -50.93 -18.37
CA GLY B 35 -7.16 -49.57 -18.54
C GLY B 35 -6.85 -48.72 -17.32
N PRO B 36 -7.00 -47.38 -17.44
CA PRO B 36 -6.78 -46.54 -16.26
C PRO B 36 -7.63 -46.97 -15.05
N GLU B 37 -8.88 -47.40 -15.31
CA GLU B 37 -9.81 -47.70 -14.21
C GLU B 37 -9.40 -48.97 -13.45
N ALA B 38 -8.53 -49.77 -14.05
CA ALA B 38 -8.05 -50.98 -13.40
C ALA B 38 -6.92 -50.65 -12.42
N VAL B 39 -6.17 -49.56 -12.67
CA VAL B 39 -4.97 -49.29 -11.89
C VAL B 39 -5.08 -48.06 -10.99
N ALA B 40 -6.01 -47.15 -11.27
CA ALA B 40 -6.03 -45.88 -10.54
C ALA B 40 -6.16 -46.04 -9.00
N ARG B 41 -7.14 -46.83 -8.53
CA ARG B 41 -7.36 -46.92 -7.11
C ARG B 41 -6.09 -47.42 -6.35
N PRO B 42 -5.50 -48.51 -6.80
CA PRO B 42 -4.26 -48.98 -6.09
C PRO B 42 -3.09 -47.98 -6.13
N LEU B 43 -2.96 -47.26 -7.23
CA LEU B 43 -1.89 -46.26 -7.32
C LEU B 43 -2.07 -45.12 -6.34
N LEU B 44 -3.31 -44.83 -5.95
CA LEU B 44 -3.54 -43.81 -4.95
C LEU B 44 -3.44 -44.35 -3.53
N LEU B 45 -4.03 -45.49 -3.29
CA LEU B 45 -4.21 -45.99 -1.93
C LEU B 45 -3.03 -46.86 -1.45
N SER B 46 -2.29 -47.48 -2.38
CA SER B 46 -1.19 -48.41 -2.01
C SER B 46 0.20 -47.83 -2.17
N ARG B 47 0.31 -46.61 -2.67
CA ARG B 47 1.59 -45.96 -2.87
C ARG B 47 1.76 -44.64 -2.14
N ALA B 48 2.89 -44.43 -1.49
CA ALA B 48 3.15 -43.15 -0.84
C ALA B 48 3.07 -42.06 -1.87
N GLN B 49 2.46 -40.95 -1.49
CA GLN B 49 2.43 -39.75 -2.34
C GLN B 49 3.58 -38.78 -1.97
N ARG B 50 4.61 -38.77 -2.80
CA ARG B 50 5.87 -38.21 -2.36
C ARG B 50 5.95 -36.73 -2.78
N GLU B 51 7.14 -36.18 -2.78
CA GLU B 51 7.31 -34.73 -2.79
C GLU B 51 6.98 -34.11 -4.17
N ARG B 52 7.19 -34.87 -5.22
CA ARG B 52 6.96 -34.42 -6.58
C ARG B 52 5.89 -35.31 -7.23
N ARG B 53 4.76 -34.70 -7.57
CA ARG B 53 3.52 -35.44 -7.84
C ARG B 53 2.98 -35.07 -9.20
N ALA B 54 2.33 -36.05 -9.82
CA ALA B 54 1.55 -35.83 -11.05
C ALA B 54 0.29 -36.66 -11.02
N VAL B 55 -0.72 -36.18 -11.75
CA VAL B 55 -1.91 -36.95 -12.04
C VAL B 55 -2.23 -36.81 -13.51
N VAL B 56 -2.49 -37.94 -14.17
CA VAL B 56 -3.12 -37.91 -15.50
C VAL B 56 -4.58 -38.29 -15.34
N VAL B 57 -5.48 -37.39 -15.73
CA VAL B 57 -6.91 -37.72 -15.73
C VAL B 57 -7.27 -38.28 -17.10
N ALA B 58 -7.67 -39.56 -17.11
CA ALA B 58 -7.86 -40.31 -18.35
C ALA B 58 -8.99 -41.30 -18.18
N ALA B 59 -9.77 -41.47 -19.25
CA ALA B 59 -10.85 -42.46 -19.29
C ALA B 59 -10.47 -43.71 -20.06
N ASP B 60 -9.47 -43.59 -20.92
CA ASP B 60 -8.97 -44.76 -21.65
C ASP B 60 -7.47 -44.89 -21.67
N ARG B 61 -7.02 -46.02 -22.17
CA ARG B 61 -5.61 -46.36 -22.21
C ARG B 61 -4.80 -45.35 -22.99
N ASP B 62 -5.23 -45.09 -24.21
CA ASP B 62 -4.45 -44.26 -25.14
C ASP B 62 -4.24 -42.89 -24.52
N SER B 63 -5.30 -42.32 -23.95
CA SER B 63 -5.16 -40.99 -23.37
C SER B 63 -4.27 -41.00 -22.11
N LEU B 64 -4.31 -42.07 -21.32
CA LEU B 64 -3.36 -42.21 -20.18
C LEU B 64 -1.91 -42.28 -20.68
N LEU B 65 -1.64 -43.12 -21.68
CA LEU B 65 -0.28 -43.26 -22.20
C LEU B 65 0.25 -41.97 -22.82
N THR B 66 -0.63 -41.22 -23.47
CA THR B 66 -0.25 -39.90 -23.98
C THR B 66 0.20 -38.97 -22.84
N GLY B 67 -0.57 -38.95 -21.76
CA GLY B 67 -0.23 -38.17 -20.58
C GLY B 67 1.09 -38.59 -19.99
N LEU B 68 1.28 -39.91 -19.83
CA LEU B 68 2.45 -40.45 -19.12
C LEU B 68 3.71 -40.17 -19.95
N ASP B 69 3.60 -40.29 -21.28
CA ASP B 69 4.75 -40.07 -22.16
C ASP B 69 5.16 -38.57 -22.06
N ALA B 70 4.17 -37.65 -22.04
CA ALA B 70 4.47 -36.23 -21.89
C ALA B 70 5.16 -35.99 -20.56
N LEU B 71 4.61 -36.57 -19.50
CA LEU B 71 5.21 -36.43 -18.19
C LEU B 71 6.67 -36.94 -18.16
N ALA B 72 6.86 -38.13 -18.70
CA ALA B 72 8.18 -38.78 -18.70
C ALA B 72 9.20 -37.92 -19.45
N GLY B 73 8.71 -37.20 -20.44
CA GLY B 73 9.58 -36.36 -21.27
C GLY B 73 9.63 -34.93 -20.82
N GLY B 74 8.96 -34.63 -19.69
CA GLY B 74 8.95 -33.28 -19.11
C GLY B 74 8.14 -32.23 -19.91
N GLU B 75 7.09 -32.66 -20.60
CA GLU B 75 6.23 -31.75 -21.35
C GLU B 75 4.93 -31.58 -20.59
N ALA B 76 4.25 -30.46 -20.83
CA ALA B 76 2.88 -30.27 -20.37
C ALA B 76 1.91 -31.12 -21.18
N GLY B 77 0.73 -31.36 -20.63
CA GLY B 77 -0.32 -32.04 -21.37
C GLY B 77 -1.67 -31.57 -20.88
N PRO B 78 -2.69 -31.60 -21.74
CA PRO B 78 -4.00 -31.04 -21.37
C PRO B 78 -4.75 -31.75 -20.21
N ARG B 79 -4.36 -32.98 -19.90
CA ARG B 79 -4.98 -33.67 -18.78
C ARG B 79 -3.91 -34.20 -17.81
N LEU B 80 -2.84 -33.43 -17.70
CA LEU B 80 -1.70 -33.73 -16.81
C LEU B 80 -1.53 -32.57 -15.86
N ALA B 81 -1.55 -32.86 -14.57
CA ALA B 81 -1.19 -31.90 -13.56
C ALA B 81 0.08 -32.41 -12.87
N SER B 82 1.00 -31.50 -12.53
CA SER B 82 2.16 -31.90 -11.71
C SER B 82 2.61 -30.75 -10.87
N GLY B 83 3.30 -31.07 -9.77
CA GLY B 83 3.71 -30.04 -8.87
C GLY B 83 4.58 -30.53 -7.74
N ALA B 84 4.96 -29.57 -6.93
CA ALA B 84 5.63 -29.80 -5.65
C ALA B 84 4.62 -29.86 -4.54
N ALA B 85 4.70 -30.90 -3.74
CA ALA B 85 3.75 -31.14 -2.70
C ALA B 85 4.22 -30.44 -1.45
N ASP B 86 4.10 -29.13 -1.45
CA ASP B 86 4.69 -28.33 -0.40
C ASP B 86 3.76 -27.25 0.16
N VAL B 87 2.47 -27.32 -0.18
CA VAL B 87 1.56 -26.31 0.32
C VAL B 87 0.87 -26.71 1.59
N THR B 88 0.90 -25.80 2.59
CA THR B 88 0.17 -25.96 3.82
C THR B 88 -0.65 -24.71 4.11
N GLY B 89 -1.69 -24.84 4.91
CA GLY B 89 -2.45 -23.68 5.39
C GLY B 89 -3.92 -23.81 5.00
N ARG B 90 -4.72 -22.83 5.39
CA ARG B 90 -6.15 -23.00 5.38
C ARG B 90 -6.72 -22.73 3.97
N VAL B 91 -7.94 -23.19 3.77
CA VAL B 91 -8.55 -23.29 2.43
C VAL B 91 -9.67 -22.25 2.30
N VAL B 92 -9.62 -21.53 1.17
CA VAL B 92 -10.66 -20.53 0.84
C VAL B 92 -11.38 -20.99 -0.44
N LEU B 93 -12.72 -20.97 -0.42
CA LEU B 93 -13.47 -21.02 -1.69
C LEU B 93 -13.87 -19.61 -2.11
N VAL B 94 -13.56 -19.30 -3.36
CA VAL B 94 -13.81 -18.01 -3.94
C VAL B 94 -14.98 -18.19 -4.92
N PHE B 95 -16.01 -17.35 -4.78
CA PHE B 95 -17.14 -17.36 -5.69
C PHE B 95 -17.09 -16.10 -6.58
N PRO B 96 -17.05 -16.31 -7.89
CA PRO B 96 -16.99 -15.23 -8.86
C PRO B 96 -18.30 -14.48 -8.88
N GLY B 97 -18.25 -13.28 -9.41
CA GLY B 97 -19.46 -12.56 -9.79
C GLY B 97 -19.78 -12.81 -11.22
N GLN B 98 -19.62 -11.76 -12.03
CA GLN B 98 -19.91 -11.86 -13.45
C GLN B 98 -18.72 -12.30 -14.25
N GLY B 99 -19.02 -12.76 -15.46
CA GLY B 99 -18.03 -12.90 -16.48
C GLY B 99 -17.45 -14.28 -16.63
N ALA B 100 -17.90 -15.22 -15.81
CA ALA B 100 -17.32 -16.54 -15.82
C ALA B 100 -18.17 -17.56 -16.58
N HIS B 101 -19.45 -17.28 -16.75
CA HIS B 101 -20.38 -18.29 -17.26
C HIS B 101 -20.18 -18.47 -18.76
N TRP B 102 -20.43 -19.68 -19.24
CA TRP B 102 -20.40 -19.94 -20.68
C TRP B 102 -21.55 -20.85 -21.02
N THR B 103 -22.21 -20.55 -22.13
CA THR B 103 -23.42 -21.26 -22.46
C THR B 103 -23.21 -22.76 -22.65
N GLY B 104 -24.05 -23.53 -22.00
CA GLY B 104 -23.94 -24.98 -21.98
C GLY B 104 -23.24 -25.58 -20.77
N VAL B 105 -22.59 -24.76 -19.96
CA VAL B 105 -21.92 -25.28 -18.76
C VAL B 105 -22.96 -25.87 -17.82
N ALA B 106 -22.52 -26.91 -17.12
CA ALA B 106 -23.32 -27.63 -16.13
C ALA B 106 -24.17 -28.77 -16.71
N GLU B 107 -24.50 -28.72 -17.99
CA GLU B 107 -25.29 -29.85 -18.59
C GLU B 107 -24.50 -31.16 -18.57
N ARG B 108 -23.27 -31.12 -19.05
CA ARG B 108 -22.45 -32.31 -19.06
C ARG B 108 -22.16 -32.81 -17.67
N LEU B 109 -21.85 -31.91 -16.74
CA LEU B 109 -21.51 -32.33 -15.39
C LEU B 109 -22.73 -32.89 -14.65
N TRP B 110 -23.93 -32.43 -15.06
CA TRP B 110 -25.20 -32.96 -14.51
C TRP B 110 -25.33 -34.42 -14.92
N ARG B 111 -24.92 -34.74 -16.16
CA ARG B 111 -24.97 -36.11 -16.66
C ARG B 111 -23.93 -36.99 -16.01
N GLU B 112 -22.80 -36.39 -15.61
CA GLU B 112 -21.63 -37.16 -15.22
C GLU B 112 -21.34 -37.31 -13.70
N ALA B 113 -21.91 -36.45 -12.86
CA ALA B 113 -21.54 -36.37 -11.45
C ALA B 113 -22.80 -36.25 -10.62
N PRO B 114 -23.22 -37.38 -10.02
CA PRO B 114 -24.48 -37.41 -9.24
C PRO B 114 -24.60 -36.38 -8.12
N VAL B 115 -23.50 -36.05 -7.43
CA VAL B 115 -23.58 -35.07 -6.37
C VAL B 115 -23.90 -33.68 -6.93
N PHE B 116 -23.28 -33.37 -8.07
CA PHE B 116 -23.59 -32.10 -8.81
C PHE B 116 -25.00 -32.07 -9.36
N ALA B 117 -25.40 -33.21 -9.91
CA ALA B 117 -26.77 -33.41 -10.42
C ALA B 117 -27.77 -33.21 -9.33
N ASP B 118 -27.48 -33.72 -8.13
CA ASP B 118 -28.41 -33.57 -7.04
C ASP B 118 -28.56 -32.09 -6.64
N SER B 119 -27.43 -31.42 -6.47
CA SER B 119 -27.46 -30.06 -6.05
C SER B 119 -28.17 -29.24 -7.10
N MET B 120 -27.93 -29.50 -8.38
CA MET B 120 -28.57 -28.74 -9.42
C MET B 120 -30.09 -28.94 -9.41
N ALA B 121 -30.50 -30.19 -9.19
CA ALA B 121 -31.94 -30.47 -9.02
C ALA B 121 -32.59 -29.77 -7.83
N ARG B 122 -31.87 -29.71 -6.71
CA ARG B 122 -32.34 -29.02 -5.53
C ARG B 122 -32.48 -27.51 -5.89
N CYS B 123 -31.53 -26.98 -6.69
CA CYS B 123 -31.59 -25.59 -7.09
C CYS B 123 -32.78 -25.36 -8.02
N ALA B 124 -33.00 -26.32 -8.91
CA ALA B 124 -34.09 -26.24 -9.88
C ALA B 124 -35.42 -26.14 -9.17
N ASP B 125 -35.54 -26.84 -8.05
CA ASP B 125 -36.79 -26.82 -7.28
C ASP B 125 -37.08 -25.42 -6.73
N VAL B 126 -36.07 -24.82 -6.12
CA VAL B 126 -36.21 -23.56 -5.49
C VAL B 126 -36.45 -22.48 -6.57
N LEU B 127 -35.79 -22.62 -7.72
CA LEU B 127 -35.93 -21.61 -8.82
C LEU B 127 -37.25 -21.74 -9.61
N ARG B 128 -37.74 -22.96 -9.75
CA ARG B 128 -39.04 -23.17 -10.36
C ARG B 128 -40.11 -22.37 -9.61
N ASP B 129 -40.13 -22.52 -8.29
CA ASP B 129 -41.04 -21.79 -7.42
C ASP B 129 -40.93 -20.27 -7.68
N LEU B 130 -39.70 -19.75 -7.69
CA LEU B 130 -39.45 -18.31 -7.63
C LEU B 130 -39.57 -17.61 -8.99
N ALA B 131 -38.94 -18.22 -9.99
CA ALA B 131 -38.66 -17.54 -11.25
C ALA B 131 -39.59 -18.06 -12.33
N GLY B 132 -40.14 -19.26 -12.12
CA GLY B 132 -40.99 -19.89 -13.10
C GLY B 132 -40.27 -20.05 -14.41
N TRP B 133 -39.14 -20.71 -14.35
CA TRP B 133 -38.63 -21.42 -15.50
C TRP B 133 -37.83 -22.61 -14.99
N GLU B 134 -37.36 -23.42 -15.91
CA GLU B 134 -36.78 -24.69 -15.60
C GLU B 134 -35.25 -24.66 -15.78
N LEU B 135 -34.53 -24.85 -14.69
CA LEU B 135 -33.06 -24.60 -14.70
C LEU B 135 -32.32 -25.39 -15.79
N ARG B 136 -32.65 -26.66 -15.94
CA ARG B 136 -31.91 -27.49 -16.88
C ARG B 136 -32.14 -27.07 -18.31
N GLU B 137 -33.32 -26.53 -18.59
CA GLU B 137 -33.64 -26.07 -19.94
C GLU B 137 -32.83 -24.81 -20.33
N VAL B 138 -32.73 -23.86 -19.41
CA VAL B 138 -32.06 -22.59 -19.72
C VAL B 138 -30.52 -22.71 -19.80
N LEU B 139 -29.96 -23.80 -19.26
CA LEU B 139 -28.49 -24.02 -19.30
C LEU B 139 -27.90 -23.91 -20.66
N VAL B 140 -28.63 -24.43 -21.67
CA VAL B 140 -28.13 -24.49 -23.02
C VAL B 140 -28.75 -23.45 -23.96
N ASP B 141 -29.45 -22.48 -23.40
CA ASP B 141 -30.18 -21.51 -24.23
C ASP B 141 -29.43 -20.17 -24.23
N PRO B 142 -28.72 -19.88 -25.34
CA PRO B 142 -27.84 -18.70 -25.40
C PRO B 142 -28.64 -17.41 -25.33
N VAL B 143 -29.90 -17.45 -25.74
CA VAL B 143 -30.69 -16.23 -25.76
C VAL B 143 -31.16 -15.92 -24.35
N ALA B 144 -31.66 -16.94 -23.67
CA ALA B 144 -32.09 -16.78 -22.28
C ALA B 144 -30.94 -16.32 -21.36
N LEU B 145 -29.73 -16.83 -21.60
CA LEU B 145 -28.60 -16.54 -20.73
C LEU B 145 -28.00 -15.14 -20.97
N GLU B 146 -28.46 -14.43 -21.99
CA GLU B 146 -28.10 -13.03 -22.11
C GLU B 146 -29.04 -12.14 -21.33
N ARG B 147 -30.04 -12.73 -20.67
CA ARG B 147 -30.92 -11.94 -19.81
C ARG B 147 -30.44 -12.06 -18.35
N VAL B 148 -30.27 -10.93 -17.69
CA VAL B 148 -29.67 -10.86 -16.37
C VAL B 148 -30.47 -11.60 -15.28
N ASP B 149 -31.79 -11.58 -15.46
CA ASP B 149 -32.70 -12.30 -14.56
C ASP B 149 -32.68 -13.85 -14.69
N VAL B 150 -32.09 -14.36 -15.78
CA VAL B 150 -31.94 -15.79 -16.00
C VAL B 150 -30.47 -16.18 -15.67
N LEU B 151 -29.53 -15.40 -16.19
CA LEU B 151 -28.09 -15.69 -15.97
C LEU B 151 -27.69 -15.70 -14.51
N GLN B 152 -28.14 -14.72 -13.74
CA GLN B 152 -27.64 -14.62 -12.38
C GLN B 152 -28.08 -15.83 -11.57
N PRO B 153 -29.38 -16.15 -11.57
CA PRO B 153 -29.79 -17.32 -10.79
C PRO B 153 -29.19 -18.64 -11.31
N VAL B 154 -29.05 -18.76 -12.62
CA VAL B 154 -28.40 -19.95 -13.21
C VAL B 154 -26.94 -20.03 -12.76
N SER B 155 -26.28 -18.88 -12.75
CA SER B 155 -24.88 -18.81 -12.34
C SER B 155 -24.72 -19.19 -10.85
N PHE B 156 -25.63 -18.68 -10.01
CA PHE B 156 -25.69 -18.99 -8.60
C PHE B 156 -25.88 -20.51 -8.40
N ALA B 157 -26.79 -21.10 -9.16
CA ALA B 157 -27.03 -22.51 -9.02
C ALA B 157 -25.76 -23.32 -9.34
N VAL B 158 -25.10 -22.96 -10.45
CA VAL B 158 -23.95 -23.73 -10.91
C VAL B 158 -22.85 -23.63 -9.84
N VAL B 159 -22.59 -22.43 -9.32
CA VAL B 159 -21.49 -22.29 -8.34
C VAL B 159 -21.77 -22.94 -7.02
N VAL B 160 -23.01 -22.89 -6.57
CA VAL B 160 -23.37 -23.58 -5.35
C VAL B 160 -23.24 -25.09 -5.55
N SER B 161 -23.57 -25.57 -6.74
CA SER B 161 -23.52 -27.02 -7.02
C SER B 161 -22.08 -27.52 -7.23
N LEU B 162 -21.24 -26.66 -7.78
CA LEU B 162 -19.80 -26.95 -7.82
C LEU B 162 -19.20 -27.00 -6.44
N ALA B 163 -19.66 -26.16 -5.53
CA ALA B 163 -19.17 -26.23 -4.18
C ALA B 163 -19.52 -27.55 -3.54
N ALA B 164 -20.75 -28.01 -3.77
CA ALA B 164 -21.17 -29.30 -3.24
C ALA B 164 -20.34 -30.42 -3.80
N LEU B 165 -19.94 -30.32 -5.07
CA LEU B 165 -19.09 -31.32 -5.67
C LEU B 165 -17.70 -31.31 -5.06
N TRP B 166 -17.11 -30.14 -4.86
CA TRP B 166 -15.85 -30.03 -4.10
C TRP B 166 -15.97 -30.67 -2.71
N ALA B 167 -17.08 -30.40 -2.00
CA ALA B 167 -17.21 -30.93 -0.65
C ALA B 167 -17.17 -32.44 -0.68
N SER B 168 -17.80 -33.03 -1.70
CA SER B 168 -17.88 -34.47 -1.82
C SER B 168 -16.52 -35.14 -2.08
N VAL B 169 -15.53 -34.38 -2.58
CA VAL B 169 -14.15 -34.90 -2.61
C VAL B 169 -13.27 -34.29 -1.50
N GLY B 170 -13.91 -33.93 -0.40
CA GLY B 170 -13.23 -33.55 0.82
C GLY B 170 -12.53 -32.20 0.75
N VAL B 171 -12.97 -31.34 -0.17
CA VAL B 171 -12.46 -29.98 -0.24
C VAL B 171 -13.53 -29.02 0.31
N ARG B 172 -13.37 -28.63 1.57
CA ARG B 172 -14.33 -27.75 2.25
C ARG B 172 -13.65 -26.49 2.68
N PRO B 173 -14.32 -25.35 2.56
CA PRO B 173 -13.72 -24.08 2.94
C PRO B 173 -13.50 -23.90 4.46
N ASP B 174 -12.35 -23.39 4.83
CA ASP B 174 -12.13 -22.80 6.13
C ASP B 174 -12.63 -21.37 6.17
N ALA B 175 -12.73 -20.77 4.99
CA ALA B 175 -13.30 -19.42 4.82
C ALA B 175 -13.85 -19.25 3.39
N VAL B 176 -14.82 -18.34 3.20
CA VAL B 176 -15.33 -18.06 1.86
C VAL B 176 -15.29 -16.55 1.52
N VAL B 177 -15.06 -16.28 0.25
CA VAL B 177 -15.17 -14.91 -0.25
C VAL B 177 -15.94 -14.94 -1.56
N GLY B 178 -16.91 -14.05 -1.67
CA GLY B 178 -17.69 -13.94 -2.89
C GLY B 178 -17.67 -12.54 -3.49
N HIS B 179 -17.37 -12.48 -4.78
CA HIS B 179 -17.23 -11.23 -5.54
C HIS B 179 -18.63 -10.84 -6.10
N SER B 180 -19.15 -9.67 -5.72
CA SER B 180 -20.45 -9.22 -6.23
C SER B 180 -21.52 -10.29 -5.98
N GLN B 181 -22.24 -10.80 -7.01
CA GLN B 181 -23.32 -11.81 -6.73
C GLN B 181 -22.77 -13.05 -6.06
N GLY B 182 -21.48 -13.33 -6.31
CA GLY B 182 -20.79 -14.41 -5.59
C GLY B 182 -20.98 -14.39 -4.09
N GLU B 183 -21.11 -13.20 -3.51
CA GLU B 183 -21.25 -13.07 -2.08
C GLU B 183 -22.52 -13.79 -1.58
N VAL B 184 -23.58 -13.83 -2.39
CA VAL B 184 -24.78 -14.58 -1.98
C VAL B 184 -24.50 -16.09 -1.93
N ALA B 185 -23.85 -16.62 -2.95
CA ALA B 185 -23.49 -18.02 -2.97
C ALA B 185 -22.55 -18.32 -1.76
N ALA B 186 -21.59 -17.45 -1.51
CA ALA B 186 -20.65 -17.64 -0.40
C ALA B 186 -21.39 -17.69 0.93
N ALA B 187 -22.34 -16.78 1.11
CA ALA B 187 -23.13 -16.77 2.35
C ALA B 187 -23.90 -18.09 2.53
N HIS B 188 -24.49 -18.62 1.45
CA HIS B 188 -25.20 -19.87 1.56
C HIS B 188 -24.21 -20.99 1.92
N VAL B 189 -23.11 -21.06 1.19
CA VAL B 189 -22.18 -22.19 1.41
C VAL B 189 -21.59 -22.13 2.82
N ALA B 190 -21.50 -20.93 3.37
CA ALA B 190 -20.97 -20.72 4.71
C ALA B 190 -22.00 -21.05 5.81
N GLY B 191 -23.25 -21.27 5.39
CA GLY B 191 -24.32 -21.68 6.32
C GLY B 191 -25.17 -20.52 6.85
N ALA B 192 -24.96 -19.32 6.31
CA ALA B 192 -25.65 -18.14 6.82
C ALA B 192 -27.05 -17.97 6.17
N LEU B 193 -27.23 -18.54 4.98
CA LEU B 193 -28.51 -18.52 4.28
C LEU B 193 -28.89 -19.90 3.80
N THR B 194 -30.19 -20.23 3.87
CA THR B 194 -30.65 -21.46 3.24
C THR B 194 -30.51 -21.33 1.73
N LEU B 195 -30.60 -22.45 1.01
CA LEU B 195 -30.61 -22.42 -0.43
C LEU B 195 -31.77 -21.53 -0.90
N ALA B 196 -32.95 -21.76 -0.33
CA ALA B 196 -34.16 -21.02 -0.75
C ALA B 196 -34.00 -19.49 -0.60
N GLU B 197 -33.48 -19.06 0.55
CA GLU B 197 -33.37 -17.64 0.87
C GLU B 197 -32.28 -16.95 0.01
N ALA B 198 -31.15 -17.66 -0.19
CA ALA B 198 -30.14 -17.16 -1.10
C ALA B 198 -30.67 -17.01 -2.53
N ALA B 199 -31.34 -18.04 -3.02
CA ALA B 199 -31.93 -18.00 -4.33
C ALA B 199 -32.91 -16.86 -4.45
N ARG B 200 -33.73 -16.66 -3.42
CA ARG B 200 -34.68 -15.55 -3.44
C ARG B 200 -34.00 -14.17 -3.62
N ILE B 201 -32.89 -13.95 -2.92
CA ILE B 201 -32.13 -12.73 -3.04
C ILE B 201 -31.64 -12.56 -4.48
N VAL B 202 -30.99 -13.59 -5.03
CA VAL B 202 -30.44 -13.47 -6.38
C VAL B 202 -31.55 -13.27 -7.41
N VAL B 203 -32.61 -14.07 -7.31
CA VAL B 203 -33.74 -13.94 -8.22
C VAL B 203 -34.37 -12.53 -8.18
N LEU B 204 -34.72 -12.06 -6.98
CA LEU B 204 -35.40 -10.74 -6.88
C LEU B 204 -34.49 -9.57 -7.29
N ARG B 205 -33.21 -9.64 -6.94
CA ARG B 205 -32.29 -8.58 -7.27
C ARG B 205 -31.97 -8.55 -8.75
N SER B 206 -31.80 -9.71 -9.37
CA SER B 206 -31.46 -9.75 -10.74
C SER B 206 -32.63 -9.36 -11.65
N ALA B 207 -33.84 -9.70 -11.24
CA ALA B 207 -35.01 -9.32 -12.01
C ALA B 207 -35.18 -7.79 -11.94
N LEU B 208 -34.92 -7.21 -10.80
CA LEU B 208 -34.99 -5.76 -10.64
C LEU B 208 -33.95 -5.05 -11.51
N ILE B 209 -32.75 -5.63 -11.59
CA ILE B 209 -31.71 -5.08 -12.42
C ILE B 209 -32.13 -5.14 -13.87
N ALA B 210 -32.72 -6.27 -14.26
CA ALA B 210 -33.13 -6.45 -15.62
C ALA B 210 -34.20 -5.40 -15.97
N ARG B 211 -35.12 -5.15 -15.04
CA ARG B 211 -36.25 -4.25 -15.34
C ARG B 211 -35.80 -2.79 -15.42
N GLU B 212 -34.85 -2.40 -14.58
CA GLU B 212 -34.54 -1.00 -14.38
C GLU B 212 -33.16 -0.57 -14.96
N LEU B 213 -32.16 -1.45 -14.94
CA LEU B 213 -30.78 -1.06 -15.32
C LEU B 213 -30.30 -1.66 -16.62
N SER B 214 -30.77 -2.87 -16.99
CA SER B 214 -30.32 -3.51 -18.22
C SER B 214 -30.52 -2.58 -19.42
N GLY B 215 -29.48 -2.45 -20.24
CA GLY B 215 -29.55 -1.59 -21.44
C GLY B 215 -29.10 -0.17 -21.17
N ARG B 216 -28.79 0.16 -19.91
CA ARG B 216 -28.41 1.52 -19.55
C ARG B 216 -26.96 1.64 -19.03
N GLY B 217 -26.20 0.55 -19.18
CA GLY B 217 -24.85 0.54 -18.68
C GLY B 217 -23.97 -0.59 -19.15
N ALA B 218 -22.74 -0.56 -18.69
CA ALA B 218 -21.72 -1.52 -19.09
C ALA B 218 -20.64 -1.54 -18.06
N MET B 219 -19.92 -2.66 -18.02
CA MET B 219 -18.79 -2.83 -17.12
C MET B 219 -17.55 -3.35 -17.85
N LEU B 220 -16.39 -2.90 -17.40
CA LEU B 220 -15.16 -3.08 -18.15
C LEU B 220 -14.04 -3.40 -17.18
N THR B 221 -13.40 -4.55 -17.35
CA THR B 221 -12.26 -4.90 -16.51
C THR B 221 -10.99 -4.50 -17.20
N VAL B 222 -10.06 -3.90 -16.45
CA VAL B 222 -8.86 -3.31 -17.01
C VAL B 222 -7.62 -3.93 -16.38
N VAL B 223 -6.63 -4.25 -17.21
CA VAL B 223 -5.41 -4.86 -16.71
C VAL B 223 -4.44 -3.74 -16.25
N ALA B 224 -4.62 -3.31 -15.02
CA ALA B 224 -3.86 -2.20 -14.44
C ALA B 224 -4.28 -2.13 -13.01
N ASP B 225 -3.52 -1.38 -12.21
CA ASP B 225 -3.86 -1.21 -10.81
C ASP B 225 -4.73 0.01 -10.56
N VAL B 226 -5.29 0.04 -9.36
CA VAL B 226 -6.29 0.99 -9.01
C VAL B 226 -5.71 2.42 -9.04
N GLU B 227 -4.43 2.57 -8.74
CA GLU B 227 -3.79 3.90 -8.78
C GLU B 227 -3.79 4.43 -10.21
N ARG B 228 -3.50 3.55 -11.15
CA ARG B 228 -3.39 3.93 -12.51
C ARG B 228 -4.77 4.17 -13.15
N VAL B 229 -5.76 3.34 -12.79
CA VAL B 229 -7.10 3.52 -13.34
C VAL B 229 -7.70 4.81 -12.81
N THR B 230 -7.50 5.06 -11.52
CA THR B 230 -8.01 6.26 -10.91
C THR B 230 -7.42 7.51 -11.61
N ALA B 231 -6.13 7.46 -11.91
CA ALA B 231 -5.50 8.60 -12.61
C ALA B 231 -6.10 8.80 -14.00
N LEU B 232 -6.37 7.70 -14.69
CA LEU B 232 -6.91 7.80 -16.04
C LEU B 232 -8.38 8.19 -16.06
N LEU B 233 -9.05 8.07 -14.92
CA LEU B 233 -10.45 8.48 -14.84
C LEU B 233 -10.61 9.99 -14.60
N ALA B 234 -9.50 10.73 -14.59
CA ALA B 234 -9.57 12.19 -14.49
C ALA B 234 -10.35 12.70 -15.68
N GLY B 235 -11.44 13.41 -15.38
CA GLY B 235 -12.34 13.91 -16.41
C GLY B 235 -13.57 13.03 -16.65
N PHE B 236 -13.60 11.88 -15.96
CA PHE B 236 -14.74 10.99 -16.07
C PHE B 236 -15.56 10.96 -14.77
N GLU B 237 -15.27 11.89 -13.85
CA GLU B 237 -16.05 12.04 -12.61
C GLU B 237 -17.56 11.99 -12.87
N GLY B 238 -18.24 11.08 -12.17
CA GLY B 238 -19.68 10.92 -12.29
C GLY B 238 -20.13 10.30 -13.60
N ARG B 239 -19.20 9.78 -14.39
CA ARG B 239 -19.57 9.16 -15.65
C ARG B 239 -19.05 7.71 -15.72
N VAL B 240 -17.84 7.49 -15.22
CA VAL B 240 -17.29 6.15 -15.16
C VAL B 240 -16.57 6.02 -13.86
N CYS B 241 -16.95 5.01 -13.07
CA CYS B 241 -16.42 4.88 -11.73
C CYS B 241 -15.80 3.51 -11.50
N VAL B 242 -14.89 3.44 -10.52
CA VAL B 242 -14.33 2.17 -10.10
C VAL B 242 -15.41 1.30 -9.45
N ALA B 243 -15.59 0.11 -10.02
CA ALA B 243 -16.58 -0.83 -9.53
C ALA B 243 -15.96 -2.04 -8.82
N ALA B 244 -14.69 -2.34 -9.09
CA ALA B 244 -14.02 -3.37 -8.34
C ALA B 244 -12.53 -3.22 -8.35
N VAL B 245 -11.90 -3.56 -7.21
CA VAL B 245 -10.48 -3.70 -7.16
C VAL B 245 -10.14 -5.17 -6.88
N ASN B 246 -9.72 -5.87 -7.91
CA ASN B 246 -9.49 -7.33 -7.79
C ASN B 246 -8.05 -7.71 -7.50
N GLY B 247 -7.12 -6.88 -7.92
CA GLY B 247 -5.70 -7.14 -7.69
C GLY B 247 -4.86 -6.05 -8.36
N PRO B 248 -3.53 -6.24 -8.40
CA PRO B 248 -2.64 -5.21 -8.97
C PRO B 248 -2.74 -5.10 -10.47
N ALA B 249 -3.37 -6.07 -11.13
CA ALA B 249 -3.56 -6.02 -12.56
C ALA B 249 -5.03 -6.34 -13.00
N SER B 250 -5.98 -6.01 -12.14
CA SER B 250 -7.41 -6.16 -12.47
C SER B 250 -8.26 -5.18 -11.68
N VAL B 251 -8.83 -4.19 -12.38
CA VAL B 251 -9.75 -3.22 -11.77
C VAL B 251 -10.90 -3.07 -12.75
N THR B 252 -12.11 -3.06 -12.25
CA THR B 252 -13.28 -2.98 -13.12
C THR B 252 -13.90 -1.59 -12.97
N VAL B 253 -14.35 -1.03 -14.07
CA VAL B 253 -15.10 0.23 -14.04
C VAL B 253 -16.50 0.04 -14.62
N SER B 254 -17.36 1.03 -14.42
CA SER B 254 -18.76 0.90 -14.69
C SER B 254 -19.33 2.25 -15.09
N GLY B 255 -20.28 2.23 -16.00
CA GLY B 255 -21.02 3.46 -16.36
C GLY B 255 -21.86 3.27 -17.59
N GLU B 256 -22.39 4.37 -18.13
CA GLU B 256 -23.21 4.27 -19.32
C GLU B 256 -22.29 3.85 -20.46
N ASP B 257 -22.86 3.20 -21.47
CA ASP B 257 -22.09 2.55 -22.49
C ASP B 257 -21.18 3.54 -23.25
N GLY B 258 -21.75 4.66 -23.67
CA GLY B 258 -21.00 5.69 -24.39
C GLY B 258 -19.85 6.25 -23.58
N ALA B 259 -20.05 6.47 -22.29
CA ALA B 259 -18.99 6.94 -21.44
C ALA B 259 -17.88 5.85 -21.30
N VAL B 260 -18.28 4.60 -21.19
CA VAL B 260 -17.31 3.53 -21.01
C VAL B 260 -16.51 3.37 -22.31
N ARG B 261 -17.17 3.59 -23.45
CA ARG B 261 -16.51 3.57 -24.76
C ARG B 261 -15.47 4.69 -24.87
N GLU B 262 -15.79 5.86 -24.31
CA GLU B 262 -14.81 6.98 -24.26
C GLU B 262 -13.60 6.63 -23.42
N PHE B 263 -13.84 5.92 -22.33
CA PHE B 263 -12.75 5.48 -21.48
C PHE B 263 -11.93 4.38 -22.15
N GLU B 264 -12.57 3.52 -22.95
CA GLU B 264 -11.83 2.49 -23.69
C GLU B 264 -10.85 3.11 -24.68
N ARG B 265 -11.21 4.26 -25.24
CA ARG B 265 -10.30 4.96 -26.18
C ARG B 265 -9.05 5.49 -25.46
N VAL B 266 -9.24 5.97 -24.23
CA VAL B 266 -8.15 6.40 -23.38
C VAL B 266 -7.20 5.21 -23.10
N LEU B 267 -7.79 4.05 -22.75
CA LEU B 267 -6.99 2.84 -22.53
C LEU B 267 -6.28 2.34 -23.76
N SER B 268 -6.97 2.32 -24.88
CA SER B 268 -6.40 1.81 -26.10
C SER B 268 -5.15 2.56 -26.47
N ALA B 269 -5.20 3.89 -26.37
CA ALA B 269 -4.15 4.72 -26.93
C ALA B 269 -2.88 4.54 -26.13
N ARG B 270 -3.06 4.12 -24.86
CA ARG B 270 -1.98 3.80 -23.96
C ARG B 270 -1.67 2.28 -23.92
N ARG B 271 -2.14 1.57 -24.95
CA ARG B 271 -1.86 0.13 -25.10
C ARG B 271 -2.21 -0.64 -23.84
N MET B 272 -3.33 -0.32 -23.21
CA MET B 272 -3.73 -1.07 -22.03
C MET B 272 -4.78 -2.11 -22.38
N LEU B 273 -4.71 -3.26 -21.71
CA LEU B 273 -5.62 -4.35 -22.00
C LEU B 273 -6.88 -4.18 -21.19
N ARG B 274 -8.00 -4.56 -21.80
CA ARG B 274 -9.30 -4.43 -21.13
C ARG B 274 -10.33 -5.25 -21.90
N TRP B 275 -11.45 -5.54 -21.26
CA TRP B 275 -12.58 -6.23 -21.94
C TRP B 275 -13.86 -5.93 -21.22
N ARG B 276 -14.96 -5.88 -21.97
CA ARG B 276 -16.27 -5.80 -21.36
C ARG B 276 -16.55 -7.09 -20.57
N LEU B 277 -17.28 -6.97 -19.47
CA LEU B 277 -17.80 -8.15 -18.74
C LEU B 277 -18.90 -8.80 -19.55
N PRO B 278 -18.73 -10.09 -19.89
CA PRO B 278 -19.78 -10.87 -20.53
C PRO B 278 -21.03 -10.98 -19.67
N GLY B 279 -22.19 -10.90 -20.30
CA GLY B 279 -23.46 -11.12 -19.59
C GLY B 279 -23.93 -9.90 -18.79
N VAL B 280 -23.21 -8.77 -18.91
CA VAL B 280 -23.50 -7.58 -18.13
C VAL B 280 -23.89 -6.44 -19.05
N ASP B 281 -25.13 -5.96 -18.91
CA ASP B 281 -25.64 -4.85 -19.69
C ASP B 281 -26.12 -3.75 -18.80
N PHE B 282 -25.48 -3.64 -17.64
CA PHE B 282 -25.83 -2.67 -16.66
C PHE B 282 -24.63 -2.15 -15.90
N ALA B 283 -24.77 -0.95 -15.33
CA ALA B 283 -23.66 -0.31 -14.61
C ALA B 283 -23.74 -0.68 -13.14
N GLY B 284 -23.30 -1.90 -12.84
CA GLY B 284 -23.20 -2.35 -11.45
C GLY B 284 -22.28 -1.47 -10.64
N HIS B 285 -22.54 -1.36 -9.34
CA HIS B 285 -21.66 -0.70 -8.38
C HIS B 285 -21.40 0.76 -8.82
N SER B 286 -22.46 1.41 -9.27
CA SER B 286 -22.42 2.81 -9.69
C SER B 286 -23.64 3.56 -9.14
N PRO B 287 -23.63 4.90 -9.27
CA PRO B 287 -24.79 5.68 -8.83
C PRO B 287 -26.11 5.32 -9.50
N GLN B 288 -26.08 4.63 -10.64
CA GLN B 288 -27.33 4.17 -11.28
C GLN B 288 -28.14 3.28 -10.32
N VAL B 289 -27.43 2.61 -9.42
CA VAL B 289 -28.04 1.65 -8.49
C VAL B 289 -28.88 2.37 -7.43
N ASP B 290 -28.58 3.67 -7.17
CA ASP B 290 -29.33 4.45 -6.15
C ASP B 290 -30.83 4.35 -6.39
N ALA B 291 -31.23 4.38 -7.66
CA ALA B 291 -32.65 4.40 -8.03
C ALA B 291 -33.37 3.09 -7.66
N LEU B 292 -32.62 2.01 -7.45
CA LEU B 292 -33.25 0.70 -7.15
C LEU B 292 -33.46 0.51 -5.66
N ARG B 293 -32.79 1.32 -4.84
CA ARG B 293 -32.65 0.99 -3.43
C ARG B 293 -34.03 0.71 -2.79
N ALA B 294 -34.96 1.63 -2.99
CA ALA B 294 -36.26 1.52 -2.32
C ALA B 294 -37.00 0.24 -2.70
N GLU B 295 -37.11 -0.08 -4.01
CA GLU B 295 -37.85 -1.26 -4.46
C GLU B 295 -37.08 -2.55 -4.01
N LEU B 296 -35.74 -2.52 -4.01
CA LEU B 296 -34.98 -3.71 -3.58
C LEU B 296 -35.20 -3.99 -2.09
N LEU B 297 -35.11 -2.96 -1.25
CA LEU B 297 -35.32 -3.11 0.21
C LEU B 297 -36.74 -3.62 0.50
N ALA B 298 -37.72 -3.12 -0.26
CA ALA B 298 -39.10 -3.60 -0.14
C ALA B 298 -39.26 -5.03 -0.56
N ALA B 299 -38.68 -5.41 -1.69
CA ALA B 299 -38.88 -6.77 -2.17
C ALA B 299 -38.13 -7.79 -1.28
N LEU B 300 -36.94 -7.44 -0.80
CA LEU B 300 -36.20 -8.37 0.05
C LEU B 300 -36.87 -8.48 1.42
N GLY B 301 -37.33 -7.35 1.96
CA GLY B 301 -37.97 -7.34 3.27
C GLY B 301 -37.00 -7.83 4.33
N ASP B 302 -37.49 -8.62 5.27
CA ASP B 302 -36.61 -9.19 6.30
C ASP B 302 -35.93 -10.42 5.72
N ILE B 303 -34.61 -10.48 5.84
CA ILE B 303 -33.86 -11.64 5.37
C ILE B 303 -33.73 -12.67 6.50
N ALA B 304 -34.09 -13.90 6.22
CA ALA B 304 -33.84 -15.00 7.14
C ALA B 304 -32.40 -15.45 7.00
N SER B 305 -31.62 -15.22 8.04
CA SER B 305 -30.20 -15.49 8.00
C SER B 305 -29.75 -15.95 9.36
N ARG B 306 -28.52 -16.44 9.42
CA ARG B 306 -27.90 -16.79 10.66
C ARG B 306 -26.40 -16.58 10.57
N GLU B 307 -25.74 -16.62 11.73
CA GLU B 307 -24.30 -16.50 11.79
C GLU B 307 -23.66 -17.55 10.88
N PRO B 308 -22.69 -17.13 10.04
CA PRO B 308 -22.02 -18.14 9.23
C PRO B 308 -21.23 -19.10 10.08
N GLU B 309 -21.25 -20.37 9.71
CA GLU B 309 -20.56 -21.41 10.43
C GLU B 309 -19.06 -21.36 10.15
N ILE B 310 -18.67 -20.69 9.08
CA ILE B 310 -17.25 -20.38 8.84
C ILE B 310 -17.13 -18.94 8.40
N PRO B 311 -15.94 -18.37 8.49
CA PRO B 311 -15.84 -16.96 8.21
C PRO B 311 -16.19 -16.65 6.78
N LEU B 312 -17.04 -15.64 6.62
CA LEU B 312 -17.38 -15.06 5.36
C LEU B 312 -16.78 -13.68 5.29
N LEU B 313 -15.81 -13.48 4.40
CA LEU B 313 -15.13 -12.20 4.26
C LEU B 313 -15.85 -11.42 3.18
N SER B 314 -16.54 -10.35 3.57
CA SER B 314 -17.40 -9.62 2.63
C SER B 314 -16.55 -8.79 1.69
N THR B 315 -16.95 -8.76 0.41
CA THR B 315 -16.36 -7.80 -0.53
C THR B 315 -17.10 -6.46 -0.55
N VAL B 316 -18.13 -6.31 0.28
CA VAL B 316 -18.68 -4.97 0.57
C VAL B 316 -17.70 -4.15 1.43
N THR B 317 -17.17 -4.78 2.47
CA THR B 317 -16.33 -4.09 3.46
C THR B 317 -14.86 -4.51 3.39
N GLY B 318 -14.60 -5.69 2.82
CA GLY B 318 -13.28 -6.30 2.90
C GLY B 318 -12.98 -6.93 4.25
N GLU B 319 -14.01 -7.11 5.06
CA GLU B 319 -13.87 -7.59 6.42
C GLU B 319 -14.89 -8.68 6.70
N PRO B 320 -14.72 -9.42 7.81
CA PRO B 320 -15.69 -10.43 8.16
C PRO B 320 -17.08 -9.82 8.25
N ALA B 321 -18.06 -10.51 7.69
CA ALA B 321 -19.39 -9.93 7.50
C ALA B 321 -20.20 -9.86 8.79
N THR B 322 -20.98 -8.80 8.90
CA THR B 322 -21.84 -8.62 10.05
C THR B 322 -23.27 -9.12 9.70
N ARG B 323 -24.26 -8.26 9.83
CA ARG B 323 -25.61 -8.69 9.61
C ARG B 323 -25.84 -8.78 8.09
N LEU B 324 -26.38 -9.91 7.62
CA LEU B 324 -26.67 -10.06 6.21
C LEU B 324 -28.11 -9.68 5.93
N ASP B 325 -28.47 -8.45 6.25
CA ASP B 325 -29.85 -7.97 6.07
C ASP B 325 -30.04 -7.39 4.67
N ALA B 326 -31.24 -6.86 4.39
CA ALA B 326 -31.56 -6.36 3.07
C ALA B 326 -30.57 -5.26 2.65
N GLU B 327 -30.23 -4.39 3.59
CA GLU B 327 -29.34 -3.27 3.32
C GLU B 327 -27.96 -3.80 2.85
N HIS B 328 -27.46 -4.84 3.48
CA HIS B 328 -26.23 -5.48 3.04
C HIS B 328 -26.35 -5.88 1.58
N TRP B 329 -27.45 -6.55 1.23
CA TRP B 329 -27.60 -7.02 -0.15
C TRP B 329 -27.82 -5.91 -1.17
N TYR B 330 -28.31 -4.75 -0.72
CA TYR B 330 -28.26 -3.55 -1.54
C TYR B 330 -26.83 -3.07 -1.72
N ARG B 331 -26.06 -2.97 -0.63
CA ARG B 331 -24.69 -2.45 -0.76
C ARG B 331 -23.79 -3.40 -1.59
N ASN B 332 -24.10 -4.68 -1.53
CA ASN B 332 -23.42 -5.72 -2.33
C ASN B 332 -23.51 -5.36 -3.81
N LEU B 333 -24.61 -4.70 -4.21
CA LEU B 333 -24.78 -4.21 -5.58
C LEU B 333 -24.30 -2.77 -5.81
N ARG B 334 -24.43 -1.90 -4.81
CA ARG B 334 -24.15 -0.46 -4.98
C ARG B 334 -22.65 -0.18 -4.82
N GLU B 335 -22.06 -0.76 -3.76
CA GLU B 335 -20.69 -0.40 -3.38
C GLU B 335 -19.67 -1.17 -4.24
N PRO B 336 -18.49 -0.55 -4.45
CA PRO B 336 -17.43 -1.23 -5.20
C PRO B 336 -16.98 -2.52 -4.51
N VAL B 337 -16.59 -3.49 -5.31
CA VAL B 337 -16.24 -4.80 -4.79
C VAL B 337 -14.80 -4.73 -4.28
N ARG B 338 -14.63 -5.02 -3.01
CA ARG B 338 -13.33 -4.97 -2.38
C ARG B 338 -12.69 -6.39 -2.33
N PHE B 339 -12.47 -6.93 -3.51
CA PHE B 339 -11.99 -8.30 -3.63
C PHE B 339 -10.54 -8.43 -3.15
N ALA B 340 -9.67 -7.56 -3.65
CA ALA B 340 -8.26 -7.57 -3.22
C ALA B 340 -8.14 -7.46 -1.68
N ASP B 341 -8.96 -6.59 -1.10
CA ASP B 341 -9.03 -6.43 0.34
C ASP B 341 -9.37 -7.70 1.07
N ALA B 342 -10.42 -8.37 0.62
CA ALA B 342 -10.87 -9.60 1.26
C ALA B 342 -9.84 -10.71 1.15
N VAL B 343 -9.25 -10.86 -0.04
CA VAL B 343 -8.29 -11.92 -0.27
C VAL B 343 -7.00 -11.69 0.55
N THR B 344 -6.56 -10.44 0.66
CA THR B 344 -5.37 -10.17 1.48
C THR B 344 -5.62 -10.25 2.96
N ALA B 345 -6.84 -9.98 3.40
CA ALA B 345 -7.20 -10.23 4.81
C ALA B 345 -7.01 -11.73 5.15
N LEU B 346 -7.43 -12.57 4.20
CA LEU B 346 -7.28 -13.99 4.33
C LEU B 346 -5.83 -14.49 4.25
N LEU B 347 -5.03 -13.91 3.34
CA LEU B 347 -3.60 -14.24 3.24
C LEU B 347 -2.87 -13.90 4.53
N ASP B 348 -3.35 -12.86 5.19
CA ASP B 348 -2.68 -12.36 6.41
C ASP B 348 -3.12 -13.16 7.64
N ARG B 349 -4.09 -14.05 7.46
CA ARG B 349 -4.52 -14.96 8.50
C ARG B 349 -4.22 -16.43 8.14
N GLY B 350 -3.20 -16.66 7.33
CA GLY B 350 -2.67 -18.00 7.11
C GLY B 350 -3.46 -18.85 6.09
N HIS B 351 -4.26 -18.22 5.23
CA HIS B 351 -4.94 -18.99 4.17
C HIS B 351 -4.00 -19.08 2.99
N ARG B 352 -3.80 -20.29 2.46
CA ARG B 352 -2.85 -20.53 1.41
C ARG B 352 -3.41 -21.39 0.25
N VAL B 353 -4.67 -21.81 0.34
CA VAL B 353 -5.26 -22.62 -0.71
C VAL B 353 -6.54 -21.92 -1.16
N PHE B 354 -6.60 -21.58 -2.44
CA PHE B 354 -7.74 -20.80 -2.97
C PHE B 354 -8.34 -21.57 -4.13
N VAL B 355 -9.65 -21.89 -4.01
CA VAL B 355 -10.35 -22.65 -5.01
C VAL B 355 -11.45 -21.75 -5.60
N GLU B 356 -11.29 -21.35 -6.86
CA GLU B 356 -12.36 -20.56 -7.52
C GLU B 356 -13.42 -21.52 -8.03
N VAL B 357 -14.61 -21.35 -7.52
CA VAL B 357 -15.73 -22.24 -7.76
C VAL B 357 -16.55 -21.67 -8.90
N SER B 358 -16.07 -21.88 -10.10
CA SER B 358 -16.61 -21.16 -11.28
C SER B 358 -16.54 -22.01 -12.54
N PRO B 359 -17.34 -21.67 -13.55
CA PRO B 359 -17.25 -22.30 -14.86
C PRO B 359 -16.02 -21.98 -15.65
N HIS B 360 -15.35 -20.89 -15.32
CA HIS B 360 -14.09 -20.51 -15.98
C HIS B 360 -13.33 -19.53 -15.07
N PRO B 361 -12.01 -19.63 -15.01
CA PRO B 361 -11.36 -18.85 -13.96
C PRO B 361 -11.25 -17.41 -14.34
N VAL B 362 -11.81 -16.53 -13.51
CA VAL B 362 -11.78 -15.11 -13.79
C VAL B 362 -11.08 -14.28 -12.70
N LEU B 363 -10.82 -14.88 -11.53
CA LEU B 363 -10.16 -14.18 -10.43
C LEU B 363 -8.90 -14.88 -9.96
N THR B 364 -8.59 -16.01 -10.55
CA THR B 364 -7.44 -16.78 -10.10
C THR B 364 -6.16 -15.98 -10.34
N THR B 365 -6.02 -15.31 -11.47
CA THR B 365 -4.75 -14.55 -11.72
C THR B 365 -4.57 -13.41 -10.71
N SER B 366 -5.67 -12.79 -10.30
CA SER B 366 -5.61 -11.83 -9.20
C SER B 366 -5.19 -12.46 -7.88
N VAL B 367 -5.74 -13.63 -7.53
CA VAL B 367 -5.39 -14.27 -6.27
C VAL B 367 -3.91 -14.67 -6.29
N VAL B 368 -3.42 -15.13 -7.44
CA VAL B 368 -2.03 -15.51 -7.57
C VAL B 368 -1.16 -14.26 -7.36
N ASP B 369 -1.58 -13.13 -7.91
CA ASP B 369 -0.77 -11.87 -7.84
C ASP B 369 -0.72 -11.37 -6.41
N LEU B 370 -1.84 -11.53 -5.69
CA LEU B 370 -1.97 -11.05 -4.33
C LEU B 370 -1.22 -11.94 -3.35
N ALA B 371 -1.14 -13.22 -3.69
CA ALA B 371 -0.60 -14.23 -2.80
C ALA B 371 0.93 -14.15 -2.70
N ALA B 372 1.59 -13.63 -3.75
CA ALA B 372 3.07 -13.57 -3.79
C ALA B 372 3.57 -12.68 -2.65
N PRO B 373 4.57 -13.16 -1.89
CA PRO B 373 5.47 -14.23 -2.31
C PRO B 373 5.20 -15.57 -1.60
N HIS B 374 4.04 -15.70 -0.96
CA HIS B 374 3.74 -16.88 -0.16
C HIS B 374 3.61 -18.14 -1.03
N ARG B 375 3.69 -19.26 -0.36
CA ARG B 375 3.61 -20.56 -1.01
C ARG B 375 2.12 -20.94 -1.01
N THR B 376 1.49 -21.00 -2.19
CA THR B 376 0.01 -21.13 -2.27
C THR B 376 -0.38 -22.04 -3.44
N ALA B 377 -1.56 -22.64 -3.31
CA ALA B 377 -2.16 -23.41 -4.36
C ALA B 377 -3.40 -22.63 -4.76
N VAL B 378 -3.49 -22.25 -6.03
CA VAL B 378 -4.69 -21.57 -6.54
C VAL B 378 -5.21 -22.29 -7.77
N VAL B 379 -6.47 -22.71 -7.71
CA VAL B 379 -7.05 -23.49 -8.81
C VAL B 379 -8.43 -22.95 -9.09
N GLY B 380 -8.89 -23.18 -10.32
CA GLY B 380 -10.33 -22.99 -10.66
C GLY B 380 -11.05 -24.33 -10.61
N THR B 381 -12.19 -24.42 -11.31
CA THR B 381 -12.98 -25.64 -11.30
C THR B 381 -13.22 -26.16 -12.72
N LEU B 382 -14.03 -25.45 -13.50
CA LEU B 382 -14.17 -25.76 -14.91
C LEU B 382 -13.51 -24.68 -15.78
N ARG B 383 -13.48 -24.93 -17.09
CA ARG B 383 -13.07 -23.94 -18.06
C ARG B 383 -14.12 -23.86 -19.18
N ARG B 384 -14.10 -22.75 -19.90
CA ARG B 384 -14.89 -22.58 -21.15
C ARG B 384 -14.76 -23.82 -22.03
N ASP B 385 -15.88 -24.39 -22.42
CA ASP B 385 -15.92 -25.53 -23.32
C ASP B 385 -15.41 -26.84 -22.71
N GLU B 386 -15.13 -26.80 -21.42
CA GLU B 386 -14.60 -27.95 -20.72
C GLU B 386 -15.39 -28.12 -19.43
N GLY B 387 -16.55 -28.78 -19.55
CA GLY B 387 -17.51 -28.88 -18.47
C GLY B 387 -17.70 -30.29 -17.93
N GLY B 388 -16.80 -31.19 -18.28
CA GLY B 388 -16.91 -32.59 -17.90
C GLY B 388 -16.34 -32.89 -16.54
N LEU B 389 -16.72 -34.05 -15.98
CA LEU B 389 -16.10 -34.57 -14.78
C LEU B 389 -14.57 -34.60 -14.94
N ASP B 390 -14.07 -34.82 -16.15
CA ASP B 390 -12.63 -34.90 -16.37
C ASP B 390 -11.98 -33.57 -15.98
N ARG B 391 -12.56 -32.46 -16.41
CA ARG B 391 -12.06 -31.13 -16.05
C ARG B 391 -12.14 -30.88 -14.55
N PHE B 392 -13.24 -31.30 -13.93
CA PHE B 392 -13.36 -31.15 -12.50
C PHE B 392 -12.21 -31.92 -11.80
N LEU B 393 -12.02 -33.16 -12.21
CA LEU B 393 -10.99 -33.99 -11.60
C LEU B 393 -9.59 -33.42 -11.83
N LEU B 394 -9.34 -32.80 -12.98
CA LEU B 394 -8.03 -32.18 -13.20
C LEU B 394 -7.81 -31.05 -12.19
N SER B 395 -8.86 -30.28 -11.89
CA SER B 395 -8.77 -29.23 -10.90
C SER B 395 -8.49 -29.78 -9.47
N ALA B 396 -9.18 -30.87 -9.13
CA ALA B 396 -8.90 -31.58 -7.89
C ALA B 396 -7.47 -32.11 -7.87
N ALA B 397 -6.99 -32.61 -9.02
CA ALA B 397 -5.58 -33.07 -9.14
C ALA B 397 -4.58 -31.92 -8.95
N GLU B 398 -4.90 -30.74 -9.44
CA GLU B 398 -4.05 -29.58 -9.25
C GLU B 398 -3.87 -29.23 -7.76
N LEU B 399 -4.84 -29.53 -6.91
CA LEU B 399 -4.65 -29.44 -5.46
C LEU B 399 -3.77 -30.59 -4.93
N HIS B 400 -4.13 -31.82 -5.28
CA HIS B 400 -3.37 -32.98 -4.84
C HIS B 400 -1.88 -32.81 -5.07
N VAL B 401 -1.48 -32.33 -6.24
CA VAL B 401 -0.07 -32.34 -6.59
C VAL B 401 0.71 -31.27 -5.79
N ARG B 402 -0.01 -30.35 -5.15
CA ARG B 402 0.62 -29.34 -4.28
C ARG B 402 0.51 -29.74 -2.82
N GLY B 403 0.09 -30.99 -2.57
CA GLY B 403 0.00 -31.50 -1.21
C GLY B 403 -1.22 -31.13 -0.40
N VAL B 404 -2.27 -30.65 -1.07
CA VAL B 404 -3.50 -30.31 -0.41
C VAL B 404 -4.31 -31.59 -0.34
N PRO B 405 -4.92 -31.87 0.82
CA PRO B 405 -5.76 -33.05 0.96
C PRO B 405 -7.01 -32.92 0.08
N VAL B 406 -7.23 -33.94 -0.73
CA VAL B 406 -8.42 -34.03 -1.58
C VAL B 406 -8.62 -35.53 -1.82
N ASP B 407 -9.87 -35.95 -1.79
CA ASP B 407 -10.24 -37.35 -1.90
C ASP B 407 -10.39 -37.75 -3.35
N LEU B 408 -9.27 -37.85 -4.06
CA LEU B 408 -9.26 -38.32 -5.44
C LEU B 408 -9.80 -39.74 -5.55
N ALA B 409 -9.65 -40.51 -4.50
CA ALA B 409 -10.04 -41.92 -4.54
C ALA B 409 -11.56 -42.10 -4.67
N ARG B 410 -12.32 -41.09 -4.26
CA ARG B 410 -13.75 -41.10 -4.51
C ARG B 410 -14.13 -41.30 -5.99
N HIS B 411 -13.28 -40.86 -6.90
CA HIS B 411 -13.56 -40.99 -8.33
C HIS B 411 -12.48 -41.85 -9.00
N ALA B 412 -11.75 -42.65 -8.23
CA ALA B 412 -10.67 -43.43 -8.86
C ALA B 412 -11.13 -44.79 -9.33
N GLY B 413 -12.39 -45.10 -9.07
CA GLY B 413 -13.03 -46.37 -9.53
C GLY B 413 -12.73 -47.55 -8.59
N ALA B 414 -12.87 -48.76 -9.12
CA ALA B 414 -12.89 -49.98 -8.28
C ALA B 414 -11.78 -50.95 -8.70
N GLY B 415 -10.69 -50.40 -9.23
CA GLY B 415 -9.64 -51.22 -9.74
C GLY B 415 -8.86 -51.97 -8.64
N THR B 416 -8.49 -53.22 -8.95
CA THR B 416 -7.66 -54.01 -8.06
C THR B 416 -6.42 -54.53 -8.78
N ALA B 417 -6.19 -54.14 -10.03
CA ALA B 417 -4.96 -54.56 -10.71
C ALA B 417 -3.80 -53.93 -10.00
N GLU B 418 -2.76 -54.70 -9.73
CA GLU B 418 -1.60 -54.15 -9.02
C GLU B 418 -0.53 -53.77 -10.05
N VAL B 419 0.22 -52.71 -9.77
CA VAL B 419 1.55 -52.56 -10.40
C VAL B 419 2.62 -52.99 -9.39
N PRO B 420 3.55 -53.89 -9.79
CA PRO B 420 4.62 -54.32 -8.84
C PRO B 420 5.71 -53.26 -8.64
N VAL C 1 -5.32 -46.25 26.25
CA VAL C 1 -4.29 -45.17 26.45
C VAL C 1 -3.51 -45.43 27.74
N PRO C 2 -2.18 -45.58 27.63
CA PRO C 2 -1.44 -45.81 28.88
C PRO C 2 -1.45 -44.56 29.79
N VAL C 3 -1.26 -44.78 31.09
CA VAL C 3 -1.27 -43.72 32.08
C VAL C 3 0.16 -43.30 32.43
N PRO C 4 0.35 -41.98 32.67
CA PRO C 4 1.73 -41.53 32.88
C PRO C 4 2.17 -41.89 34.28
N VAL C 5 3.45 -42.26 34.41
CA VAL C 5 4.02 -42.48 35.75
C VAL C 5 5.32 -41.67 35.92
N PRO C 6 5.64 -41.28 37.16
CA PRO C 6 6.87 -40.55 37.35
C PRO C 6 8.00 -41.52 37.62
N VAL C 7 8.97 -41.53 36.73
CA VAL C 7 10.12 -42.43 36.82
C VAL C 7 11.33 -41.66 37.39
N ALA C 8 11.72 -42.01 38.60
CA ALA C 8 12.67 -41.22 39.38
C ALA C 8 14.07 -41.84 39.37
N VAL C 9 15.08 -41.01 39.18
CA VAL C 9 16.48 -41.45 39.32
C VAL C 9 17.26 -40.34 40.02
N SER C 10 18.32 -40.72 40.74
CA SER C 10 19.06 -39.72 41.49
C SER C 10 20.50 -40.19 41.74
N GLY C 11 21.36 -39.23 42.04
CA GLY C 11 22.77 -39.50 42.31
C GLY C 11 23.31 -38.51 43.31
N ALA C 12 24.49 -38.80 43.85
CA ALA C 12 25.09 -37.85 44.76
C ALA C 12 25.66 -36.63 44.02
N THR C 13 25.88 -36.76 42.73
CA THR C 13 26.44 -35.71 41.90
C THR C 13 25.65 -35.72 40.60
N THR C 14 25.78 -34.67 39.83
CA THR C 14 25.15 -34.61 38.53
C THR C 14 25.72 -35.65 37.59
N ALA C 15 27.02 -35.89 37.66
CA ALA C 15 27.58 -36.90 36.77
C ALA C 15 27.06 -38.31 37.16
N GLY C 16 26.80 -38.50 38.45
CA GLY C 16 26.25 -39.76 38.93
C GLY C 16 24.79 -39.92 38.50
N LEU C 17 24.05 -38.85 38.59
CA LEU C 17 22.64 -38.82 38.11
C LEU C 17 22.56 -39.16 36.63
N ARG C 18 23.44 -38.56 35.82
CA ARG C 18 23.44 -38.83 34.37
C ARG C 18 23.86 -40.26 34.04
N ALA C 19 24.76 -40.81 34.83
CA ALA C 19 25.16 -42.20 34.70
C ALA C 19 24.04 -43.18 35.08
N GLN C 20 23.32 -42.91 36.17
CA GLN C 20 22.16 -43.72 36.52
C GLN C 20 21.12 -43.71 35.38
N ALA C 21 20.93 -42.56 34.77
CA ALA C 21 19.98 -42.44 33.66
C ALA C 21 20.37 -43.36 32.52
N ALA C 22 21.63 -43.27 32.07
CA ALA C 22 22.19 -44.20 31.05
C ALA C 22 22.04 -45.70 31.39
N ARG C 23 22.31 -46.07 32.64
CA ARG C 23 22.20 -47.48 33.08
C ARG C 23 20.76 -47.98 33.02
N LEU C 24 19.81 -47.12 33.40
CA LEU C 24 18.42 -47.49 33.34
C LEU C 24 17.95 -47.61 31.91
N ALA C 25 18.35 -46.68 31.07
CA ALA C 25 18.00 -46.77 29.66
C ALA C 25 18.58 -48.06 29.05
N GLY C 26 19.82 -48.40 29.40
CA GLY C 26 20.46 -49.59 28.85
C GLY C 26 19.70 -50.84 29.27
N HIS C 27 19.33 -50.87 30.55
CA HIS C 27 18.55 -51.98 31.09
C HIS C 27 17.23 -52.13 30.37
N LEU C 28 16.55 -51.02 30.12
CA LEU C 28 15.30 -51.06 29.40
C LEU C 28 15.50 -51.58 27.98
N ARG C 29 16.56 -51.15 27.31
CA ARG C 29 16.83 -51.62 25.94
C ARG C 29 17.22 -53.11 25.89
N GLU C 30 17.78 -53.64 26.97
CA GLU C 30 18.01 -55.10 27.08
C GLU C 30 16.72 -55.90 27.29
N ARG C 31 15.63 -55.24 27.66
CA ARG C 31 14.40 -55.92 28.05
C ARG C 31 13.22 -55.26 27.40
N PRO C 32 12.97 -55.60 26.13
CA PRO C 32 12.01 -54.88 25.29
C PRO C 32 10.59 -54.83 25.82
N ALA C 33 10.21 -55.75 26.69
CA ALA C 33 8.83 -55.80 27.19
C ALA C 33 8.64 -54.89 28.42
N LEU C 34 9.74 -54.38 28.97
CA LEU C 34 9.71 -53.63 30.23
C LEU C 34 9.20 -52.20 30.02
N GLY C 35 8.09 -51.86 30.68
CA GLY C 35 7.49 -50.51 30.57
C GLY C 35 7.79 -49.62 31.78
N PRO C 36 7.60 -48.29 31.61
CA PRO C 36 7.75 -47.38 32.74
C PRO C 36 6.90 -47.79 33.97
N GLU C 37 5.71 -48.34 33.72
CA GLU C 37 4.78 -48.66 34.83
C GLU C 37 5.27 -49.87 35.67
N ALA C 38 6.20 -50.64 35.12
CA ALA C 38 6.82 -51.73 35.84
C ALA C 38 7.93 -51.30 36.79
N VAL C 39 8.68 -50.26 36.43
CA VAL C 39 9.87 -49.89 37.21
C VAL C 39 9.65 -48.66 38.12
N ALA C 40 8.60 -47.88 37.87
CA ALA C 40 8.44 -46.60 38.60
C ALA C 40 8.33 -46.76 40.13
N ARG C 41 7.55 -47.72 40.59
CA ARG C 41 7.30 -47.81 42.04
C ARG C 41 8.56 -48.11 42.87
N PRO C 42 9.36 -49.09 42.43
CA PRO C 42 10.55 -49.40 43.24
C PRO C 42 11.64 -48.33 43.14
N LEU C 43 11.67 -47.59 42.04
CA LEU C 43 12.60 -46.46 41.96
C LEU C 43 12.29 -45.34 42.96
N LEU C 44 11.03 -45.20 43.36
CA LEU C 44 10.69 -44.26 44.42
C LEU C 44 10.82 -44.87 45.80
N LEU C 45 10.36 -46.11 45.96
CA LEU C 45 10.17 -46.65 47.28
C LEU C 45 11.37 -47.46 47.76
N SER C 46 12.16 -48.03 46.84
CA SER C 46 13.27 -48.89 47.20
C SER C 46 14.64 -48.28 46.97
N ARG C 47 14.71 -47.02 46.56
CA ARG C 47 16.01 -46.34 46.34
C ARG C 47 16.09 -45.03 47.12
N ALA C 48 17.27 -44.77 47.67
CA ALA C 48 17.58 -43.46 48.25
C ALA C 48 17.36 -42.36 47.20
N GLN C 49 16.70 -41.29 47.63
CA GLN C 49 16.56 -40.08 46.80
C GLN C 49 17.65 -39.08 47.16
N ARG C 50 18.69 -39.08 46.35
CA ARG C 50 19.90 -38.41 46.69
C ARG C 50 19.94 -36.93 46.26
N GLU C 51 21.14 -36.36 46.27
CA GLU C 51 21.32 -34.90 46.25
C GLU C 51 20.98 -34.26 44.89
N ARG C 52 21.18 -35.02 43.84
CA ARG C 52 20.86 -34.58 42.48
C ARG C 52 19.85 -35.52 41.86
N ARG C 53 18.66 -34.98 41.56
CA ARG C 53 17.48 -35.77 41.28
C ARG C 53 16.89 -35.44 39.89
N ALA C 54 16.30 -36.46 39.27
CA ALA C 54 15.48 -36.25 38.08
C ALA C 54 14.22 -37.08 38.13
N VAL C 55 13.24 -36.69 37.32
CA VAL C 55 12.10 -37.51 37.06
C VAL C 55 11.73 -37.38 35.61
N VAL C 56 11.48 -38.51 34.94
CA VAL C 56 10.85 -38.51 33.63
C VAL C 56 9.38 -38.95 33.80
N VAL C 57 8.43 -38.10 33.38
CA VAL C 57 7.02 -38.48 33.42
C VAL C 57 6.63 -39.09 32.09
N ALA C 58 6.38 -40.39 32.09
CA ALA C 58 6.24 -41.13 30.84
C ALA C 58 5.15 -42.16 30.98
N ALA C 59 4.36 -42.35 29.93
CA ALA C 59 3.35 -43.40 29.91
C ALA C 59 3.81 -44.64 29.14
N ASP C 60 4.84 -44.48 28.30
CA ASP C 60 5.37 -45.61 27.51
C ASP C 60 6.88 -45.62 27.43
N ARG C 61 7.41 -46.76 26.99
CA ARG C 61 8.84 -46.96 26.86
C ARG C 61 9.52 -45.86 26.09
N ASP C 62 9.01 -45.62 24.88
CA ASP C 62 9.59 -44.65 23.96
C ASP C 62 9.78 -43.28 24.58
N SER C 63 8.75 -42.80 25.26
CA SER C 63 8.80 -41.55 25.98
C SER C 63 9.79 -41.57 27.14
N LEU C 64 9.82 -42.67 27.87
CA LEU C 64 10.76 -42.81 28.96
C LEU C 64 12.22 -42.78 28.44
N LEU C 65 12.48 -43.51 27.37
CA LEU C 65 13.81 -43.58 26.82
C LEU C 65 14.24 -42.25 26.23
N THR C 66 13.31 -41.51 25.62
CA THR C 66 13.60 -40.12 25.17
C THR C 66 14.07 -39.23 26.33
N GLY C 67 13.33 -39.28 27.41
CA GLY C 67 13.63 -38.50 28.59
C GLY C 67 14.97 -38.91 29.19
N LEU C 68 15.19 -40.23 29.30
CA LEU C 68 16.40 -40.75 29.96
C LEU C 68 17.62 -40.39 29.14
N ASP C 69 17.53 -40.58 27.84
CA ASP C 69 18.65 -40.23 26.96
C ASP C 69 19.01 -38.74 27.09
N ALA C 70 17.99 -37.85 27.15
CA ALA C 70 18.25 -36.43 27.29
C ALA C 70 18.92 -36.15 28.63
N LEU C 71 18.43 -36.81 29.66
CA LEU C 71 19.00 -36.63 30.98
C LEU C 71 20.48 -37.06 30.93
N ALA C 72 20.75 -38.23 30.34
CA ALA C 72 22.11 -38.77 30.27
C ALA C 72 23.03 -37.82 29.53
N GLY C 73 22.48 -37.13 28.54
CA GLY C 73 23.28 -36.27 27.69
C GLY C 73 23.38 -34.86 28.19
N GLY C 74 22.77 -34.59 29.33
CA GLY C 74 22.72 -33.24 29.86
C GLY C 74 21.80 -32.28 29.12
N GLU C 75 20.79 -32.79 28.42
CA GLU C 75 19.85 -31.90 27.71
C GLU C 75 18.53 -31.77 28.48
N ALA C 76 17.81 -30.65 28.28
CA ALA C 76 16.45 -30.54 28.78
C ALA C 76 15.49 -31.31 27.89
N GLY C 77 14.36 -31.69 28.47
CA GLY C 77 13.33 -32.44 27.74
C GLY C 77 11.97 -32.02 28.22
N PRO C 78 10.94 -32.21 27.39
CA PRO C 78 9.60 -31.69 27.73
C PRO C 78 8.89 -32.40 28.88
N ARG C 79 9.28 -33.64 29.17
CA ARG C 79 8.74 -34.38 30.30
C ARG C 79 9.85 -34.84 31.27
N LEU C 80 10.86 -34.00 31.39
CA LEU C 80 12.00 -34.23 32.29
C LEU C 80 12.13 -33.10 33.30
N ALA C 81 12.09 -33.42 34.59
CA ALA C 81 12.46 -32.47 35.61
C ALA C 81 13.78 -32.93 36.30
N SER C 82 14.59 -31.96 36.68
CA SER C 82 15.85 -32.28 37.38
C SER C 82 16.32 -31.07 38.15
N GLY C 83 17.07 -31.33 39.22
CA GLY C 83 17.35 -30.32 40.18
C GLY C 83 18.31 -30.79 41.27
N ALA C 84 18.70 -29.83 42.09
CA ALA C 84 19.36 -30.06 43.35
C ALA C 84 18.36 -30.15 44.48
N ALA C 85 18.50 -31.20 45.28
CA ALA C 85 17.57 -31.44 46.35
C ALA C 85 17.99 -30.66 47.58
N ASP C 86 17.81 -29.33 47.55
CA ASP C 86 18.40 -28.48 48.56
C ASP C 86 17.44 -27.47 49.20
N VAL C 87 16.13 -27.67 49.04
CA VAL C 87 15.17 -26.75 49.54
C VAL C 87 14.49 -27.24 50.80
N THR C 88 14.48 -26.38 51.82
CA THR C 88 13.70 -26.59 53.02
C THR C 88 12.97 -25.30 53.33
N GLY C 89 11.88 -25.44 54.06
CA GLY C 89 11.07 -24.32 54.46
C GLY C 89 9.60 -24.57 54.25
N ARG C 90 8.81 -23.57 54.61
CA ARG C 90 7.38 -23.68 54.60
C ARG C 90 6.78 -23.43 53.19
N VAL C 91 5.55 -23.93 53.00
CA VAL C 91 4.93 -24.04 51.69
C VAL C 91 3.81 -23.02 51.51
N VAL C 92 3.82 -22.34 50.37
CA VAL C 92 2.77 -21.37 50.01
C VAL C 92 2.08 -21.86 48.75
N LEU C 93 0.75 -21.81 48.75
CA LEU C 93 -0.01 -21.90 47.52
C LEU C 93 -0.43 -20.49 47.08
N VAL C 94 -0.07 -20.21 45.85
CA VAL C 94 -0.37 -18.96 45.19
C VAL C 94 -1.54 -19.16 44.21
N PHE C 95 -2.56 -18.32 44.35
CA PHE C 95 -3.71 -18.35 43.48
C PHE C 95 -3.63 -17.14 42.56
N PRO C 96 -3.64 -17.38 41.25
CA PRO C 96 -3.60 -16.29 40.29
C PRO C 96 -4.88 -15.47 40.23
N GLY C 97 -4.79 -14.34 39.59
CA GLY C 97 -6.01 -13.61 39.22
C GLY C 97 -6.35 -13.93 37.77
N GLN C 98 -6.30 -12.92 36.94
CA GLN C 98 -6.60 -13.05 35.51
C GLN C 98 -5.41 -13.47 34.74
N GLY C 99 -5.70 -14.02 33.56
CA GLY C 99 -4.73 -14.08 32.52
C GLY C 99 -4.09 -15.45 32.39
N ALA C 100 -4.51 -16.39 33.23
CA ALA C 100 -3.90 -17.72 33.22
C ALA C 100 -4.77 -18.76 32.50
N HIS C 101 -6.07 -18.50 32.43
CA HIS C 101 -6.99 -19.55 32.02
C HIS C 101 -6.85 -19.73 30.53
N TRP C 102 -7.08 -20.94 30.06
CA TRP C 102 -7.10 -21.18 28.61
C TRP C 102 -8.22 -22.13 28.27
N THR C 103 -8.88 -21.86 27.15
CA THR C 103 -10.07 -22.56 26.75
C THR C 103 -9.83 -24.07 26.55
N GLY C 104 -10.57 -24.89 27.28
CA GLY C 104 -10.35 -26.34 27.28
C GLY C 104 -9.72 -26.87 28.57
N VAL C 105 -9.07 -26.00 29.34
CA VAL C 105 -8.40 -26.48 30.56
C VAL C 105 -9.41 -27.06 31.49
N ALA C 106 -8.96 -28.11 32.18
CA ALA C 106 -9.73 -28.86 33.14
C ALA C 106 -10.53 -30.03 32.57
N GLU C 107 -10.83 -30.03 31.28
CA GLU C 107 -11.63 -31.15 30.73
C GLU C 107 -10.82 -32.44 30.77
N ARG C 108 -9.59 -32.38 30.28
CA ARG C 108 -8.73 -33.57 30.27
C ARG C 108 -8.40 -34.06 31.68
N LEU C 109 -8.14 -33.12 32.59
CA LEU C 109 -7.80 -33.50 33.95
C LEU C 109 -9.01 -34.09 34.71
N TRP C 110 -10.21 -33.61 34.39
CA TRP C 110 -11.45 -34.21 34.93
C TRP C 110 -11.52 -35.73 34.56
N ARG C 111 -11.10 -36.05 33.36
CA ARG C 111 -11.16 -37.45 32.90
C ARG C 111 -10.07 -38.28 33.56
N GLU C 112 -8.98 -37.66 33.99
CA GLU C 112 -7.72 -38.38 34.24
C GLU C 112 -7.35 -38.43 35.71
N ALA C 113 -7.96 -37.60 36.53
CA ALA C 113 -7.57 -37.47 37.92
C ALA C 113 -8.80 -37.44 38.80
N PRO C 114 -9.14 -38.58 39.42
CA PRO C 114 -10.39 -38.64 40.20
C PRO C 114 -10.54 -37.61 41.30
N VAL C 115 -9.45 -37.22 41.94
CA VAL C 115 -9.55 -36.23 43.01
C VAL C 115 -10.01 -34.87 42.44
N PHE C 116 -9.42 -34.50 41.31
CA PHE C 116 -9.75 -33.25 40.63
C PHE C 116 -11.17 -33.30 40.06
N ALA C 117 -11.57 -34.47 39.55
CA ALA C 117 -12.97 -34.69 39.14
C ALA C 117 -13.97 -34.46 40.29
N ASP C 118 -13.67 -35.05 41.44
CA ASP C 118 -14.55 -34.96 42.58
C ASP C 118 -14.76 -33.50 43.03
N SER C 119 -13.66 -32.76 43.09
CA SER C 119 -13.70 -31.37 43.49
C SER C 119 -14.45 -30.57 42.43
N MET C 120 -14.17 -30.82 41.16
CA MET C 120 -14.85 -30.09 40.08
C MET C 120 -16.36 -30.33 40.11
N ALA C 121 -16.74 -31.56 40.47
CA ALA C 121 -18.17 -31.92 40.53
C ALA C 121 -18.85 -31.25 41.71
N ARG C 122 -18.15 -31.20 42.84
CA ARG C 122 -18.58 -30.42 43.96
C ARG C 122 -18.75 -28.91 43.60
N CYS C 123 -17.80 -28.37 42.82
CA CYS C 123 -17.92 -26.98 42.34
C CYS C 123 -19.11 -26.82 41.39
N ALA C 124 -19.26 -27.77 40.48
CA ALA C 124 -20.40 -27.79 39.56
C ALA C 124 -21.76 -27.72 40.28
N ASP C 125 -21.92 -28.49 41.36
CA ASP C 125 -23.14 -28.38 42.22
C ASP C 125 -23.38 -26.94 42.70
N VAL C 126 -22.34 -26.32 43.23
CA VAL C 126 -22.47 -25.02 43.84
C VAL C 126 -22.75 -23.98 42.78
N LEU C 127 -22.09 -24.10 41.64
CA LEU C 127 -22.31 -23.14 40.56
C LEU C 127 -23.64 -23.33 39.80
N ARG C 128 -24.13 -24.57 39.74
CA ARG C 128 -25.45 -24.85 39.15
C ARG C 128 -26.56 -24.07 39.91
N ASP C 129 -26.44 -24.06 41.23
CA ASP C 129 -27.39 -23.38 42.11
C ASP C 129 -27.36 -21.86 41.93
N LEU C 130 -26.17 -21.29 41.73
CA LEU C 130 -25.97 -19.85 41.75
C LEU C 130 -26.16 -19.26 40.36
N ALA C 131 -25.57 -19.93 39.38
CA ALA C 131 -25.37 -19.35 38.04
C ALA C 131 -26.27 -20.00 36.97
N GLY C 132 -26.77 -21.20 37.27
CA GLY C 132 -27.66 -21.92 36.35
C GLY C 132 -26.94 -22.96 35.51
N TRP C 133 -25.79 -22.56 34.96
CA TRP C 133 -25.14 -23.32 33.90
C TRP C 133 -24.30 -24.45 34.44
N GLU C 134 -23.87 -25.31 33.52
CA GLU C 134 -23.23 -26.56 33.88
C GLU C 134 -21.73 -26.45 33.63
N LEU C 135 -20.98 -26.55 34.72
CA LEU C 135 -19.55 -26.26 34.70
C LEU C 135 -18.82 -27.00 33.59
N ARG C 136 -19.04 -28.30 33.47
CA ARG C 136 -18.26 -29.09 32.53
C ARG C 136 -18.51 -28.72 31.08
N GLU C 137 -19.70 -28.19 30.79
CA GLU C 137 -20.02 -27.84 29.42
C GLU C 137 -19.37 -26.53 29.01
N VAL C 138 -19.35 -25.57 29.95
CA VAL C 138 -18.76 -24.25 29.74
C VAL C 138 -17.20 -24.29 29.62
N LEU C 139 -16.59 -25.33 30.18
CA LEU C 139 -15.11 -25.51 30.10
C LEU C 139 -14.54 -25.42 28.72
N VAL C 140 -15.28 -25.92 27.72
CA VAL C 140 -14.78 -26.00 26.35
C VAL C 140 -15.40 -24.97 25.40
N ASP C 141 -16.15 -24.01 25.95
CA ASP C 141 -16.88 -23.02 25.13
C ASP C 141 -16.16 -21.66 25.10
N PRO C 142 -15.40 -21.39 24.03
CA PRO C 142 -14.54 -20.21 23.95
C PRO C 142 -15.33 -18.91 23.98
N VAL C 143 -16.59 -18.98 23.53
CA VAL C 143 -17.39 -17.76 23.45
C VAL C 143 -17.93 -17.41 24.84
N ALA C 144 -18.44 -18.40 25.55
CA ALA C 144 -18.85 -18.21 26.92
C ALA C 144 -17.68 -17.74 27.83
N LEU C 145 -16.49 -18.28 27.60
CA LEU C 145 -15.35 -17.98 28.50
C LEU C 145 -14.77 -16.60 28.24
N GLU C 146 -15.24 -15.90 27.21
CA GLU C 146 -14.87 -14.51 27.01
C GLU C 146 -15.77 -13.58 27.79
N ARG C 147 -16.83 -14.11 28.39
CA ARG C 147 -17.66 -13.33 29.30
C ARG C 147 -17.14 -13.43 30.72
N VAL C 148 -16.93 -12.31 31.35
CA VAL C 148 -16.29 -12.27 32.66
C VAL C 148 -17.12 -13.00 33.75
N ASP C 149 -18.45 -12.93 33.64
CA ASP C 149 -19.31 -13.62 34.62
C ASP C 149 -19.30 -15.17 34.52
N VAL C 150 -18.83 -15.69 33.39
CA VAL C 150 -18.65 -17.11 33.21
C VAL C 150 -17.20 -17.48 33.52
N LEU C 151 -16.25 -16.72 32.95
CA LEU C 151 -14.80 -17.02 33.12
C LEU C 151 -14.40 -17.00 34.59
N GLN C 152 -14.84 -16.02 35.34
CA GLN C 152 -14.31 -15.90 36.72
C GLN C 152 -14.77 -17.04 37.58
N PRO C 153 -16.08 -17.41 37.53
CA PRO C 153 -16.46 -18.53 38.38
C PRO C 153 -15.91 -19.89 37.90
N VAL C 154 -15.71 -20.04 36.61
CA VAL C 154 -15.05 -21.24 36.09
C VAL C 154 -13.59 -21.31 36.59
N SER C 155 -12.89 -20.19 36.51
CA SER C 155 -11.50 -20.10 36.96
C SER C 155 -11.35 -20.46 38.40
N PHE C 156 -12.24 -19.91 39.21
CA PHE C 156 -12.32 -20.23 40.63
C PHE C 156 -12.48 -21.74 40.87
N ALA C 157 -13.42 -22.38 40.16
CA ALA C 157 -13.62 -23.83 40.32
C ALA C 157 -12.34 -24.59 40.00
N VAL C 158 -11.71 -24.26 38.87
CA VAL C 158 -10.51 -24.96 38.44
C VAL C 158 -9.37 -24.77 39.46
N VAL C 159 -9.11 -23.57 39.93
CA VAL C 159 -8.00 -23.42 40.87
C VAL C 159 -8.25 -24.07 42.24
N VAL C 160 -9.48 -23.98 42.73
CA VAL C 160 -9.83 -24.66 43.96
C VAL C 160 -9.60 -26.16 43.78
N SER C 161 -9.95 -26.69 42.60
CA SER C 161 -9.90 -28.11 42.36
C SER C 161 -8.45 -28.60 42.11
N LEU C 162 -7.60 -27.70 41.60
CA LEU C 162 -6.16 -28.00 41.52
C LEU C 162 -5.51 -28.02 42.91
N ALA C 163 -5.99 -27.18 43.83
CA ALA C 163 -5.46 -27.17 45.18
C ALA C 163 -5.79 -28.51 45.86
N ALA C 164 -7.00 -29.00 45.59
CA ALA C 164 -7.40 -30.30 46.14
C ALA C 164 -6.56 -31.45 45.58
N LEU C 165 -6.19 -31.35 44.31
CA LEU C 165 -5.36 -32.35 43.69
C LEU C 165 -3.94 -32.32 44.30
N TRP C 166 -3.40 -31.13 44.50
CA TRP C 166 -2.11 -31.01 45.23
C TRP C 166 -2.19 -31.66 46.61
N ALA C 167 -3.29 -31.42 47.33
CA ALA C 167 -3.39 -31.91 48.69
C ALA C 167 -3.34 -33.46 48.65
N SER C 168 -3.90 -34.05 47.60
CA SER C 168 -3.96 -35.52 47.51
C SER C 168 -2.59 -36.17 47.24
N VAL C 169 -1.62 -35.39 46.76
CA VAL C 169 -0.22 -35.83 46.74
C VAL C 169 0.63 -35.19 47.86
N GLY C 170 -0.03 -34.78 48.93
CA GLY C 170 0.65 -34.40 50.15
C GLY C 170 1.34 -33.04 50.09
N VAL C 171 0.89 -32.18 49.16
CA VAL C 171 1.38 -30.80 49.08
C VAL C 171 0.28 -29.86 49.58
N ARG C 172 0.43 -29.44 50.82
CA ARG C 172 -0.58 -28.66 51.51
C ARG C 172 0.01 -27.34 51.99
N PRO C 173 -0.74 -26.25 51.87
CA PRO C 173 -0.13 -24.98 52.21
C PRO C 173 0.09 -24.78 53.68
N ASP C 174 1.23 -24.16 54.03
CA ASP C 174 1.39 -23.54 55.36
C ASP C 174 0.84 -22.12 55.39
N ALA C 175 0.69 -21.53 54.19
CA ALA C 175 0.10 -20.18 54.06
C ALA C 175 -0.40 -20.05 52.61
N VAL C 176 -1.35 -19.14 52.41
CA VAL C 176 -1.85 -18.89 51.06
C VAL C 176 -1.75 -17.40 50.73
N VAL C 177 -1.68 -17.13 49.43
CA VAL C 177 -1.81 -15.80 48.90
C VAL C 177 -2.52 -15.83 47.57
N GLY C 178 -3.49 -14.94 47.38
CA GLY C 178 -4.23 -14.90 46.11
C GLY C 178 -4.19 -13.51 45.49
N HIS C 179 -3.89 -13.47 44.22
CA HIS C 179 -3.81 -12.23 43.43
C HIS C 179 -5.22 -11.86 42.90
N SER C 180 -5.73 -10.69 43.27
CA SER C 180 -7.00 -10.21 42.70
C SER C 180 -8.08 -11.32 42.94
N GLN C 181 -8.76 -11.86 41.90
CA GLN C 181 -9.90 -12.78 42.16
C GLN C 181 -9.39 -14.02 42.88
N GLY C 182 -8.09 -14.30 42.73
CA GLY C 182 -7.44 -15.40 43.50
C GLY C 182 -7.60 -15.36 45.01
N GLU C 183 -7.71 -14.16 45.56
CA GLU C 183 -7.89 -14.01 47.00
C GLU C 183 -9.12 -14.76 47.50
N VAL C 184 -10.19 -14.82 46.71
CA VAL C 184 -11.38 -15.52 47.16
C VAL C 184 -11.09 -17.01 47.27
N ALA C 185 -10.44 -17.57 46.27
CA ALA C 185 -10.05 -18.96 46.31
C ALA C 185 -9.13 -19.21 47.51
N ALA C 186 -8.15 -18.33 47.69
CA ALA C 186 -7.17 -18.53 48.75
C ALA C 186 -7.91 -18.56 50.10
N ALA C 187 -8.86 -17.63 50.27
CA ALA C 187 -9.64 -17.56 51.48
C ALA C 187 -10.43 -18.84 51.74
N HIS C 188 -10.99 -19.42 50.68
CA HIS C 188 -11.68 -20.68 50.81
C HIS C 188 -10.69 -21.78 51.20
N VAL C 189 -9.60 -21.90 50.46
CA VAL C 189 -8.65 -22.98 50.72
C VAL C 189 -8.02 -22.87 52.13
N ALA C 190 -7.92 -21.64 52.66
CA ALA C 190 -7.43 -21.37 54.03
C ALA C 190 -8.47 -21.70 55.12
N GLY C 191 -9.72 -21.93 54.70
CA GLY C 191 -10.81 -22.28 55.61
C GLY C 191 -11.59 -21.09 56.17
N ALA C 192 -11.35 -19.89 55.63
CA ALA C 192 -12.08 -18.68 56.04
C ALA C 192 -13.50 -18.62 55.45
N LEU C 193 -13.68 -19.22 54.29
CA LEU C 193 -14.95 -19.26 53.56
C LEU C 193 -15.25 -20.70 53.19
N THR C 194 -16.54 -21.06 53.21
CA THR C 194 -17.00 -22.29 52.59
C THR C 194 -16.95 -22.16 51.07
N LEU C 195 -16.98 -23.30 50.40
CA LEU C 195 -16.99 -23.33 48.96
C LEU C 195 -18.19 -22.55 48.40
N ALA C 196 -19.35 -22.73 49.01
CA ALA C 196 -20.55 -22.06 48.51
C ALA C 196 -20.46 -20.54 48.70
N GLU C 197 -19.90 -20.08 49.81
CA GLU C 197 -19.83 -18.64 50.09
C GLU C 197 -18.79 -17.97 49.21
N ALA C 198 -17.67 -18.66 49.01
CA ALA C 198 -16.65 -18.18 48.09
C ALA C 198 -17.19 -18.11 46.67
N ALA C 199 -17.86 -19.15 46.22
CA ALA C 199 -18.44 -19.17 44.90
C ALA C 199 -19.48 -18.08 44.74
N ARG C 200 -20.24 -17.82 45.80
CA ARG C 200 -21.24 -16.72 45.76
C ARG C 200 -20.59 -15.34 45.55
N ILE C 201 -19.47 -15.11 46.24
CA ILE C 201 -18.75 -13.86 46.07
C ILE C 201 -18.25 -13.72 44.61
N VAL C 202 -17.61 -14.75 44.10
CA VAL C 202 -17.05 -14.67 42.75
C VAL C 202 -18.18 -14.46 41.71
N VAL C 203 -19.24 -15.26 41.83
CA VAL C 203 -20.38 -15.16 40.91
C VAL C 203 -21.00 -13.76 40.91
N LEU C 204 -21.31 -13.24 42.09
CA LEU C 204 -22.00 -11.94 42.18
C LEU C 204 -21.10 -10.81 41.73
N ARG C 205 -19.82 -10.85 42.14
CA ARG C 205 -18.89 -9.79 41.72
C ARG C 205 -18.61 -9.79 40.21
N SER C 206 -18.38 -10.97 39.61
CA SER C 206 -18.05 -11.03 38.21
C SER C 206 -19.26 -10.67 37.35
N ALA C 207 -20.44 -11.00 37.82
CA ALA C 207 -21.67 -10.57 37.08
C ALA C 207 -21.84 -9.07 37.11
N LEU C 208 -21.55 -8.43 38.24
CA LEU C 208 -21.61 -6.99 38.37
C LEU C 208 -20.57 -6.34 37.45
N ILE C 209 -19.38 -6.92 37.40
CA ILE C 209 -18.33 -6.40 36.49
C ILE C 209 -18.81 -6.47 35.05
N ALA C 210 -19.37 -7.60 34.66
CA ALA C 210 -19.82 -7.81 33.31
C ALA C 210 -20.95 -6.82 32.94
N ARG C 211 -21.79 -6.49 33.91
CA ARG C 211 -22.92 -5.56 33.67
C ARG C 211 -22.43 -4.11 33.53
N GLU C 212 -21.43 -3.74 34.32
CA GLU C 212 -21.10 -2.31 34.50
C GLU C 212 -19.76 -1.92 33.87
N LEU C 213 -18.79 -2.84 33.89
CA LEU C 213 -17.40 -2.47 33.47
C LEU C 213 -16.96 -3.06 32.17
N SER C 214 -17.41 -4.28 31.85
CA SER C 214 -16.94 -4.95 30.66
C SER C 214 -17.21 -4.06 29.42
N GLY C 215 -16.25 -4.04 28.49
CA GLY C 215 -16.28 -3.19 27.29
C GLY C 215 -15.78 -1.75 27.50
N ARG C 216 -15.41 -1.39 28.73
CA ARG C 216 -15.05 0.00 29.03
C ARG C 216 -13.62 0.13 29.52
N GLY C 217 -12.84 -0.94 29.41
CA GLY C 217 -11.45 -0.89 29.85
C GLY C 217 -10.61 -2.08 29.42
N ALA C 218 -9.34 -2.02 29.80
CA ALA C 218 -8.36 -3.06 29.50
C ALA C 218 -7.27 -3.02 30.57
N MET C 219 -6.50 -4.11 30.66
CA MET C 219 -5.40 -4.22 31.59
C MET C 219 -4.16 -4.73 30.89
N LEU C 220 -3.01 -4.23 31.31
CA LEU C 220 -1.79 -4.44 30.59
C LEU C 220 -0.68 -4.70 31.62
N THR C 221 -0.01 -5.84 31.50
CA THR C 221 1.20 -6.12 32.27
C THR C 221 2.50 -5.71 31.55
N VAL C 222 3.37 -5.03 32.30
CA VAL C 222 4.60 -4.46 31.79
C VAL C 222 5.81 -5.08 32.53
N VAL C 223 6.86 -5.40 31.77
CA VAL C 223 8.06 -5.95 32.32
C VAL C 223 8.98 -4.79 32.73
N ALA C 224 8.79 -4.31 33.96
CA ALA C 224 9.47 -3.16 34.52
C ALA C 224 9.10 -3.14 35.98
N ASP C 225 9.80 -2.31 36.76
CA ASP C 225 9.39 -2.08 38.14
C ASP C 225 8.45 -0.87 38.29
N VAL C 226 7.84 -0.74 39.47
CA VAL C 226 6.74 0.20 39.61
C VAL C 226 7.26 1.64 39.49
N GLU C 227 8.49 1.86 39.94
CA GLU C 227 9.13 3.20 39.85
C GLU C 227 9.26 3.59 38.37
N ARG C 228 9.68 2.66 37.56
CA ARG C 228 9.78 2.89 36.12
C ARG C 228 8.40 3.09 35.42
N VAL C 229 7.41 2.28 35.78
CA VAL C 229 6.08 2.43 35.16
C VAL C 229 5.45 3.75 35.61
N THR C 230 5.67 4.11 36.87
CA THR C 230 5.17 5.39 37.38
C THR C 230 5.76 6.58 36.63
N ALA C 231 7.04 6.51 36.32
CA ALA C 231 7.69 7.52 35.49
C ALA C 231 7.07 7.58 34.12
N LEU C 232 6.84 6.43 33.52
CA LEU C 232 6.30 6.38 32.17
C LEU C 232 4.86 6.78 32.09
N LEU C 233 4.17 6.79 33.22
CA LEU C 233 2.76 7.21 33.25
C LEU C 233 2.60 8.70 33.42
N ALA C 234 3.70 9.46 33.36
CA ALA C 234 3.57 10.92 33.31
C ALA C 234 2.78 11.32 32.08
N GLY C 235 1.75 12.15 32.30
CA GLY C 235 0.81 12.52 31.27
C GLY C 235 -0.41 11.65 31.13
N PHE C 236 -0.46 10.56 31.91
CA PHE C 236 -1.61 9.65 31.89
C PHE C 236 -2.36 9.68 33.23
N GLU C 237 -2.05 10.68 34.05
CA GLU C 237 -2.75 10.86 35.34
C GLU C 237 -4.26 10.81 35.14
N GLY C 238 -4.91 9.95 35.92
CA GLY C 238 -6.35 9.74 35.82
C GLY C 238 -6.84 9.07 34.55
N ARG C 239 -5.95 8.52 33.72
CA ARG C 239 -6.36 7.84 32.48
C ARG C 239 -5.82 6.39 32.46
N VAL C 240 -4.61 6.19 32.94
CA VAL C 240 -4.03 4.85 33.11
C VAL C 240 -3.30 4.78 34.44
N CYS C 241 -3.66 3.80 35.28
CA CYS C 241 -3.11 3.73 36.65
C CYS C 241 -2.49 2.37 36.92
N VAL C 242 -1.63 2.34 37.92
CA VAL C 242 -1.05 1.08 38.38
C VAL C 242 -2.11 0.26 39.09
N ALA C 243 -2.23 -0.99 38.66
CA ALA C 243 -3.27 -1.88 39.15
C ALA C 243 -2.71 -3.07 39.96
N ALA C 244 -1.44 -3.38 39.75
CA ALA C 244 -0.80 -4.46 40.48
C ALA C 244 0.70 -4.24 40.46
N VAL C 245 1.35 -4.56 41.59
CA VAL C 245 2.77 -4.64 41.66
C VAL C 245 3.14 -6.07 42.02
N ASN C 246 3.63 -6.80 41.04
CA ASN C 246 3.82 -8.26 41.14
C ASN C 246 5.24 -8.64 41.50
N GLY C 247 6.18 -7.78 41.15
CA GLY C 247 7.61 -8.08 41.35
C GLY C 247 8.43 -6.98 40.76
N PRO C 248 9.74 -7.15 40.77
CA PRO C 248 10.63 -6.10 40.23
C PRO C 248 10.61 -5.96 38.71
N ALA C 249 9.97 -6.90 38.02
CA ALA C 249 9.86 -6.84 36.57
C ALA C 249 8.45 -7.23 36.11
N SER C 250 7.46 -6.91 36.94
CA SER C 250 6.05 -7.14 36.56
C SER C 250 5.11 -6.19 37.31
N VAL C 251 4.53 -5.25 36.54
CA VAL C 251 3.60 -4.27 37.05
C VAL C 251 2.48 -4.18 36.04
N THR C 252 1.26 -4.17 36.53
CA THR C 252 0.09 -4.17 35.65
C THR C 252 -0.60 -2.82 35.75
N VAL C 253 -1.03 -2.26 34.61
CA VAL C 253 -1.80 -1.04 34.57
C VAL C 253 -3.18 -1.22 33.95
N SER C 254 -4.04 -0.23 34.16
CA SER C 254 -5.47 -0.37 33.85
C SER C 254 -6.06 0.98 33.44
N GLY C 255 -6.96 0.92 32.49
CA GLY C 255 -7.79 2.07 32.12
C GLY C 255 -8.56 1.80 30.85
N GLU C 256 -9.13 2.86 30.30
CA GLU C 256 -9.90 2.74 29.05
C GLU C 256 -8.99 2.31 27.88
N ASP C 257 -9.56 1.55 26.94
CA ASP C 257 -8.79 0.91 25.88
C ASP C 257 -7.91 1.91 25.11
N GLY C 258 -8.50 3.01 24.69
CA GLY C 258 -7.75 4.04 23.97
C GLY C 258 -6.57 4.57 24.75
N ALA C 259 -6.79 4.92 25.99
CA ALA C 259 -5.74 5.43 26.82
C ALA C 259 -4.61 4.38 26.99
N VAL C 260 -5.00 3.11 27.11
CA VAL C 260 -4.04 2.07 27.34
C VAL C 260 -3.23 1.84 26.06
N ARG C 261 -3.90 1.98 24.92
CA ARG C 261 -3.24 1.94 23.60
C ARG C 261 -2.19 3.06 23.44
N GLU C 262 -2.52 4.26 23.91
CA GLU C 262 -1.56 5.38 23.93
C GLU C 262 -0.34 5.09 24.81
N PHE C 263 -0.57 4.48 25.96
CA PHE C 263 0.52 4.09 26.83
C PHE C 263 1.38 3.02 26.16
N GLU C 264 0.74 2.09 25.48
CA GLU C 264 1.45 1.04 24.76
C GLU C 264 2.43 1.62 23.72
N ARG C 265 2.07 2.72 23.10
CA ARG C 265 2.99 3.42 22.16
C ARG C 265 4.17 4.04 22.86
N VAL C 266 3.96 4.59 24.04
CA VAL C 266 5.06 5.00 24.87
C VAL C 266 6.02 3.84 25.18
N LEU C 267 5.47 2.68 25.51
CA LEU C 267 6.32 1.57 25.94
C LEU C 267 7.06 1.03 24.73
N SER C 268 6.32 0.90 23.65
CA SER C 268 6.86 0.39 22.41
C SER C 268 8.05 1.23 21.94
N ALA C 269 7.97 2.52 22.13
CA ALA C 269 9.05 3.41 21.69
C ALA C 269 10.31 3.18 22.55
N ARG C 270 10.11 2.64 23.74
CA ARG C 270 11.19 2.47 24.67
C ARG C 270 11.62 1.00 24.78
N ARG C 271 11.14 0.19 23.85
CA ARG C 271 11.48 -1.23 23.75
C ARG C 271 11.16 -1.98 25.03
N MET C 272 9.97 -1.76 25.56
CA MET C 272 9.58 -2.46 26.77
C MET C 272 8.56 -3.50 26.48
N LEU C 273 8.67 -4.62 27.17
CA LEU C 273 7.84 -5.76 26.93
C LEU C 273 6.57 -5.59 27.71
N ARG C 274 5.45 -5.91 27.08
CA ARG C 274 4.15 -5.77 27.73
C ARG C 274 3.14 -6.61 26.99
N TRP C 275 2.02 -6.87 27.66
CA TRP C 275 0.90 -7.61 27.03
C TRP C 275 -0.40 -7.31 27.72
N ARG C 276 -1.49 -7.31 26.95
CA ARG C 276 -2.80 -7.19 27.50
C ARG C 276 -3.07 -8.47 28.30
N LEU C 277 -3.86 -8.34 29.34
CA LEU C 277 -4.34 -9.51 30.09
C LEU C 277 -5.43 -10.17 29.31
N PRO C 278 -5.22 -11.44 28.96
CA PRO C 278 -6.29 -12.22 28.29
C PRO C 278 -7.56 -12.32 29.15
N GLY C 279 -8.73 -12.26 28.52
CA GLY C 279 -9.97 -12.52 29.25
C GLY C 279 -10.50 -11.32 30.02
N VAL C 280 -9.80 -10.19 29.89
CA VAL C 280 -10.11 -9.01 30.71
C VAL C 280 -10.56 -7.88 29.79
N ASP C 281 -11.82 -7.47 29.90
CA ASP C 281 -12.36 -6.39 29.08
C ASP C 281 -12.80 -5.25 29.94
N PHE C 282 -12.13 -5.08 31.07
CA PHE C 282 -12.51 -4.09 32.03
C PHE C 282 -11.29 -3.54 32.74
N ALA C 283 -11.45 -2.35 33.27
CA ALA C 283 -10.37 -1.64 33.96
C ALA C 283 -10.39 -1.95 35.45
N GLY C 284 -9.94 -3.15 35.81
CA GLY C 284 -9.88 -3.54 37.23
C GLY C 284 -8.94 -2.65 38.04
N HIS C 285 -9.24 -2.50 39.32
CA HIS C 285 -8.38 -1.79 40.24
C HIS C 285 -8.13 -0.37 39.77
N SER C 286 -9.20 0.29 39.30
CA SER C 286 -9.12 1.67 38.82
C SER C 286 -10.28 2.44 39.37
N PRO C 287 -10.32 3.75 39.11
CA PRO C 287 -11.46 4.52 39.62
C PRO C 287 -12.79 4.15 38.96
N GLN C 288 -12.77 3.44 37.85
CA GLN C 288 -14.01 2.97 37.23
C GLN C 288 -14.76 2.06 38.21
N VAL C 289 -14.03 1.45 39.14
CA VAL C 289 -14.65 0.51 40.09
C VAL C 289 -15.50 1.24 41.18
N ASP C 290 -15.24 2.52 41.39
CA ASP C 290 -15.97 3.31 42.41
C ASP C 290 -17.50 3.22 42.23
N ALA C 291 -17.94 3.29 40.97
CA ALA C 291 -19.34 3.26 40.61
C ALA C 291 -20.04 1.98 41.03
N LEU C 292 -19.28 0.90 41.23
CA LEU C 292 -19.86 -0.40 41.58
C LEU C 292 -20.02 -0.59 43.07
N ARG C 293 -19.43 0.27 43.89
CA ARG C 293 -19.31 0.00 45.31
C ARG C 293 -20.68 -0.27 45.96
N ALA C 294 -21.63 0.64 45.75
CA ALA C 294 -22.96 0.51 46.36
C ALA C 294 -23.59 -0.80 46.02
N GLU C 295 -23.69 -1.11 44.73
CA GLU C 295 -24.37 -2.33 44.32
C GLU C 295 -23.64 -3.60 44.85
N LEU C 296 -22.31 -3.60 44.81
CA LEU C 296 -21.56 -4.78 45.30
C LEU C 296 -21.76 -4.98 46.78
N LEU C 297 -21.68 -3.91 47.56
CA LEU C 297 -21.91 -4.00 49.04
C LEU C 297 -23.32 -4.55 49.34
N ALA C 298 -24.30 -4.14 48.56
CA ALA C 298 -25.69 -4.65 48.75
C ALA C 298 -25.84 -6.11 48.32
N ALA C 299 -25.30 -6.45 47.13
CA ALA C 299 -25.40 -7.82 46.64
C ALA C 299 -24.76 -8.78 47.59
N LEU C 300 -23.55 -8.45 48.04
CA LEU C 300 -22.77 -9.34 48.92
C LEU C 300 -23.43 -9.42 50.28
N GLY C 301 -23.86 -8.27 50.80
CA GLY C 301 -24.55 -8.21 52.07
C GLY C 301 -23.61 -8.58 53.18
N ASP C 302 -24.12 -9.33 54.14
CA ASP C 302 -23.28 -10.03 55.12
C ASP C 302 -22.58 -11.24 54.49
N ILE C 303 -21.27 -11.33 54.71
CA ILE C 303 -20.47 -12.46 54.26
C ILE C 303 -20.37 -13.42 55.43
N ALA C 304 -20.59 -14.70 55.16
CA ALA C 304 -20.34 -15.74 56.14
C ALA C 304 -18.85 -16.09 56.08
N SER C 305 -18.09 -15.59 57.05
CA SER C 305 -16.65 -15.94 57.15
C SER C 305 -16.21 -16.21 58.57
N ARG C 306 -15.10 -16.91 58.70
CA ARG C 306 -14.48 -17.12 60.01
C ARG C 306 -12.96 -17.10 59.86
N GLU C 307 -12.28 -17.19 61.00
CA GLU C 307 -10.84 -17.17 61.04
C GLU C 307 -10.24 -18.29 60.16
N PRO C 308 -9.27 -17.96 59.31
CA PRO C 308 -8.65 -19.03 58.52
C PRO C 308 -7.77 -19.95 59.38
N GLU C 309 -7.76 -21.22 59.00
CA GLU C 309 -6.96 -22.24 59.66
C GLU C 309 -5.48 -22.12 59.36
N ILE C 310 -5.13 -21.50 58.24
CA ILE C 310 -3.74 -21.13 57.98
C ILE C 310 -3.62 -19.68 57.52
N PRO C 311 -2.43 -19.08 57.68
CA PRO C 311 -2.34 -17.69 57.37
C PRO C 311 -2.75 -17.37 55.95
N LEU C 312 -3.52 -16.29 55.82
CA LEU C 312 -3.98 -15.80 54.54
C LEU C 312 -3.36 -14.42 54.41
N LEU C 313 -2.42 -14.31 53.48
CA LEU C 313 -1.76 -13.03 53.21
C LEU C 313 -2.57 -12.29 52.14
N SER C 314 -3.22 -11.20 52.51
CA SER C 314 -4.06 -10.47 51.54
C SER C 314 -3.19 -9.68 50.59
N THR C 315 -3.63 -9.61 49.34
CA THR C 315 -3.01 -8.69 48.38
C THR C 315 -3.77 -7.38 48.27
N VAL C 316 -4.73 -7.16 49.15
CA VAL C 316 -5.26 -5.81 49.35
C VAL C 316 -4.27 -4.98 50.19
N THR C 317 -3.69 -5.61 51.19
CA THR C 317 -2.84 -4.92 52.14
C THR C 317 -1.37 -5.33 52.09
N GLY C 318 -1.09 -6.51 51.55
CA GLY C 318 0.21 -7.13 51.69
C GLY C 318 0.47 -7.73 53.08
N GLU C 319 -0.56 -7.82 53.92
CA GLU C 319 -0.42 -8.28 55.30
C GLU C 319 -1.43 -9.40 55.58
N PRO C 320 -1.27 -10.12 56.70
CA PRO C 320 -2.28 -11.13 57.06
C PRO C 320 -3.69 -10.54 57.07
N ALA C 321 -4.64 -11.23 56.45
CA ALA C 321 -5.96 -10.65 56.19
C ALA C 321 -6.64 -10.37 57.51
N THR C 322 -7.53 -9.38 57.51
CA THR C 322 -8.36 -9.16 58.69
C THR C 322 -9.79 -9.63 58.38
N ARG C 323 -10.76 -8.76 58.58
CA ARG C 323 -12.15 -9.11 58.38
C ARG C 323 -12.41 -9.30 56.88
N LEU C 324 -13.00 -10.44 56.49
CA LEU C 324 -13.39 -10.68 55.07
C LEU C 324 -14.84 -10.35 54.77
N ASP C 325 -15.22 -9.12 55.07
CA ASP C 325 -16.57 -8.62 54.83
C ASP C 325 -16.72 -8.10 53.42
N ALA C 326 -17.90 -7.57 53.11
CA ALA C 326 -18.21 -7.11 51.79
C ALA C 326 -17.24 -6.01 51.39
N GLU C 327 -16.92 -5.14 52.33
CA GLU C 327 -16.03 -4.03 52.03
C GLU C 327 -14.61 -4.59 51.63
N HIS C 328 -14.19 -5.67 52.26
CA HIS C 328 -12.92 -6.29 51.85
C HIS C 328 -12.98 -6.72 50.41
N TRP C 329 -14.07 -7.39 50.04
CA TRP C 329 -14.23 -7.89 48.69
C TRP C 329 -14.40 -6.80 47.64
N TYR C 330 -14.92 -5.63 48.03
CA TYR C 330 -14.88 -4.45 47.18
C TYR C 330 -13.45 -3.98 47.00
N ARG C 331 -12.73 -3.87 48.12
CA ARG C 331 -11.34 -3.38 48.06
C ARG C 331 -10.42 -4.30 47.25
N ASN C 332 -10.76 -5.58 47.24
CA ASN C 332 -10.05 -6.63 46.49
C ASN C 332 -10.15 -6.33 44.99
N LEU C 333 -11.22 -5.63 44.57
CA LEU C 333 -11.37 -5.25 43.18
C LEU C 333 -10.92 -3.80 42.90
N ARG C 334 -11.07 -2.89 43.86
CA ARG C 334 -10.77 -1.48 43.65
C ARG C 334 -9.29 -1.18 43.82
N GLU C 335 -8.69 -1.77 44.85
CA GLU C 335 -7.35 -1.40 45.26
C GLU C 335 -6.28 -2.14 44.47
N PRO C 336 -5.13 -1.48 44.24
CA PRO C 336 -4.03 -2.17 43.53
C PRO C 336 -3.59 -3.47 44.25
N VAL C 337 -3.18 -4.45 43.47
CA VAL C 337 -2.81 -5.74 44.00
C VAL C 337 -1.36 -5.74 44.51
N ARG C 338 -1.20 -5.88 45.82
CA ARG C 338 0.09 -5.84 46.46
C ARG C 338 0.65 -7.29 46.54
N PHE C 339 0.90 -7.86 45.37
CA PHE C 339 1.29 -9.25 45.30
C PHE C 339 2.75 -9.39 45.73
N ALA C 340 3.62 -8.52 45.24
CA ALA C 340 5.06 -8.53 45.66
C ALA C 340 5.20 -8.41 47.17
N ASP C 341 4.43 -7.52 47.77
CA ASP C 341 4.53 -7.26 49.20
C ASP C 341 4.15 -8.51 49.99
N ALA C 342 3.10 -9.18 49.53
CA ALA C 342 2.59 -10.36 50.23
C ALA C 342 3.61 -11.50 50.15
N VAL C 343 4.19 -11.68 48.97
CA VAL C 343 5.17 -12.72 48.79
C VAL C 343 6.46 -12.45 49.62
N THR C 344 6.85 -11.18 49.66
CA THR C 344 8.01 -10.73 50.46
C THR C 344 7.78 -10.97 51.95
N ALA C 345 6.55 -10.73 52.40
CA ALA C 345 6.20 -11.00 53.78
C ALA C 345 6.39 -12.49 54.09
N LEU C 346 5.96 -13.35 53.16
CA LEU C 346 6.11 -14.79 53.36
C LEU C 346 7.56 -15.27 53.30
N LEU C 347 8.34 -14.73 52.37
CA LEU C 347 9.78 -15.05 52.32
C LEU C 347 10.47 -14.67 53.64
N ASP C 348 10.08 -13.55 54.22
CA ASP C 348 10.72 -13.09 55.48
C ASP C 348 10.24 -13.91 56.69
N ARG C 349 9.24 -14.77 56.47
CA ARG C 349 8.77 -15.70 57.49
C ARG C 349 9.10 -17.15 57.17
N GLY C 350 10.14 -17.36 56.38
CA GLY C 350 10.72 -18.71 56.22
C GLY C 350 10.02 -19.60 55.21
N HIS C 351 9.17 -19.01 54.37
CA HIS C 351 8.53 -19.78 53.27
C HIS C 351 9.48 -19.85 52.06
N ARG C 352 9.65 -21.06 51.54
CA ARG C 352 10.61 -21.31 50.50
C ARG C 352 10.07 -22.19 49.36
N VAL C 353 8.81 -22.61 49.47
CA VAL C 353 8.18 -23.43 48.43
C VAL C 353 6.88 -22.73 48.00
N PHE C 354 6.85 -22.33 46.74
CA PHE C 354 5.68 -21.60 46.18
C PHE C 354 5.08 -22.41 45.02
N VAL C 355 3.80 -22.76 45.18
CA VAL C 355 3.10 -23.54 44.16
C VAL C 355 1.98 -22.68 43.58
N GLU C 356 2.10 -22.30 42.33
CA GLU C 356 1.03 -21.51 41.67
C GLU C 356 0.01 -22.47 41.14
N VAL C 357 -1.18 -22.35 41.69
CA VAL C 357 -2.30 -23.27 41.48
C VAL C 357 -3.11 -22.72 40.31
N SER C 358 -2.58 -22.90 39.12
CA SER C 358 -3.09 -22.17 37.95
C SER C 358 -3.01 -23.01 36.70
N PRO C 359 -3.85 -22.70 35.67
CA PRO C 359 -3.78 -23.33 34.37
C PRO C 359 -2.54 -23.05 33.53
N HIS C 360 -1.82 -21.98 33.88
CA HIS C 360 -0.59 -21.61 33.21
C HIS C 360 0.13 -20.58 34.08
N PRO C 361 1.45 -20.68 34.18
CA PRO C 361 2.12 -19.88 35.20
C PRO C 361 2.20 -18.43 34.80
N VAL C 362 1.73 -17.57 35.68
CA VAL C 362 1.71 -16.15 35.39
C VAL C 362 2.42 -15.30 36.43
N LEU C 363 2.59 -15.87 37.63
CA LEU C 363 3.25 -15.15 38.71
C LEU C 363 4.56 -15.83 39.18
N THR C 364 4.91 -16.95 38.59
CA THR C 364 6.08 -17.72 39.06
C THR C 364 7.38 -16.93 38.86
N THR C 365 7.52 -16.25 37.73
CA THR C 365 8.75 -15.53 37.50
C THR C 365 8.94 -14.37 38.49
N SER C 366 7.85 -13.73 38.90
CA SER C 366 7.91 -12.71 39.95
C SER C 366 8.26 -13.29 41.31
N VAL C 367 7.72 -14.46 41.63
CA VAL C 367 8.08 -15.11 42.88
C VAL C 367 9.59 -15.41 42.85
N VAL C 368 10.08 -15.92 41.74
CA VAL C 368 11.47 -16.31 41.61
C VAL C 368 12.35 -15.06 41.80
N ASP C 369 11.95 -13.96 41.18
CA ASP C 369 12.72 -12.66 41.24
C ASP C 369 12.80 -12.18 42.70
N LEU C 370 11.69 -12.35 43.42
CA LEU C 370 11.55 -11.83 44.75
C LEU C 370 12.36 -12.69 45.72
N ALA C 371 12.44 -13.99 45.40
CA ALA C 371 12.97 -14.98 46.29
C ALA C 371 14.51 -14.90 46.37
N ALA C 372 15.14 -14.37 45.33
CA ALA C 372 16.63 -14.38 45.28
C ALA C 372 17.14 -13.59 46.51
N PRO C 373 18.14 -14.14 47.23
CA PRO C 373 18.99 -15.20 46.75
C PRO C 373 18.73 -16.53 47.45
N HIS C 374 17.57 -16.66 48.09
CA HIS C 374 17.23 -17.84 48.86
C HIS C 374 17.05 -19.08 48.00
N ARG C 375 17.36 -20.24 48.58
CA ARG C 375 17.11 -21.53 47.93
C ARG C 375 15.60 -21.82 48.03
N THR C 376 14.94 -21.80 46.88
CA THR C 376 13.45 -21.87 46.85
C THR C 376 13.02 -22.76 45.69
N ALA C 377 11.90 -23.42 45.89
CA ALA C 377 11.28 -24.18 44.82
C ALA C 377 10.02 -23.43 44.38
N VAL C 378 9.95 -23.07 43.10
CA VAL C 378 8.80 -22.35 42.58
C VAL C 378 8.27 -23.07 41.36
N VAL C 379 7.03 -23.55 41.47
CA VAL C 379 6.44 -24.29 40.39
C VAL C 379 5.02 -23.74 40.08
N GLY C 380 4.52 -24.11 38.93
CA GLY C 380 3.10 -23.90 38.61
C GLY C 380 2.43 -25.25 38.63
N THR C 381 1.29 -25.35 37.97
CA THR C 381 0.54 -26.61 37.96
C THR C 381 0.36 -27.12 36.55
N LEU C 382 -0.51 -26.47 35.74
CA LEU C 382 -0.61 -26.78 34.31
C LEU C 382 0.04 -25.73 33.43
N ARG C 383 0.06 -25.98 32.11
CA ARG C 383 0.41 -24.97 31.12
C ARG C 383 -0.64 -24.93 30.01
N ARG C 384 -0.63 -23.84 29.25
CA ARG C 384 -1.46 -23.69 28.06
C ARG C 384 -1.31 -24.90 27.16
N ASP C 385 -2.44 -25.50 26.79
CA ASP C 385 -2.50 -26.70 25.94
C ASP C 385 -1.91 -27.93 26.60
N GLU C 386 -1.65 -27.87 27.91
CA GLU C 386 -1.11 -29.05 28.60
C GLU C 386 -1.85 -29.28 29.89
N GLY C 387 -3.02 -29.92 29.76
CA GLY C 387 -3.98 -30.05 30.86
C GLY C 387 -4.13 -31.46 31.34
N GLY C 388 -3.18 -32.31 30.98
CA GLY C 388 -3.20 -33.71 31.41
C GLY C 388 -2.65 -34.00 32.79
N LEU C 389 -2.92 -35.21 33.29
CA LEU C 389 -2.31 -35.66 34.52
C LEU C 389 -0.78 -35.68 34.42
N ASP C 390 -0.27 -35.95 33.20
CA ASP C 390 1.15 -35.90 32.94
C ASP C 390 1.75 -34.53 33.33
N ARG C 391 1.07 -33.46 32.95
CA ARG C 391 1.59 -32.12 33.25
C ARG C 391 1.51 -31.87 34.74
N PHE C 392 0.41 -32.32 35.39
CA PHE C 392 0.33 -32.19 36.84
C PHE C 392 1.51 -32.94 37.49
N LEU C 393 1.78 -34.14 37.00
CA LEU C 393 2.83 -34.96 37.61
C LEU C 393 4.22 -34.34 37.39
N LEU C 394 4.41 -33.67 36.26
CA LEU C 394 5.70 -33.05 36.01
C LEU C 394 5.91 -31.86 36.97
N SER C 395 4.82 -31.12 37.26
CA SER C 395 4.87 -30.07 38.29
C SER C 395 5.17 -30.62 39.70
N ALA C 396 4.58 -31.79 40.01
CA ALA C 396 4.86 -32.45 41.27
C ALA C 396 6.35 -32.87 41.32
N ALA C 397 6.85 -33.30 40.17
CA ALA C 397 8.24 -33.77 40.07
C ALA C 397 9.19 -32.60 40.26
N GLU C 398 8.77 -31.42 39.82
CA GLU C 398 9.61 -30.24 39.99
C GLU C 398 9.82 -29.91 41.43
N LEU C 399 8.86 -30.23 42.27
CA LEU C 399 9.03 -30.13 43.69
C LEU C 399 9.95 -31.24 44.25
N HIS C 400 9.65 -32.47 43.90
CA HIS C 400 10.47 -33.61 44.36
C HIS C 400 11.96 -33.41 44.10
N VAL C 401 12.31 -32.97 42.89
CA VAL C 401 13.72 -32.87 42.52
C VAL C 401 14.46 -31.78 43.31
N ARG C 402 13.72 -30.90 44.00
CA ARG C 402 14.30 -29.89 44.86
C ARG C 402 14.25 -30.28 46.32
N GLY C 403 13.85 -31.54 46.61
CA GLY C 403 13.86 -32.04 47.98
C GLY C 403 12.59 -31.83 48.75
N VAL C 404 11.56 -31.30 48.07
CA VAL C 404 10.31 -30.98 48.76
C VAL C 404 9.50 -32.25 48.82
N PRO C 405 8.92 -32.59 50.01
CA PRO C 405 8.12 -33.80 50.13
C PRO C 405 6.87 -33.74 49.23
N VAL C 406 6.72 -34.75 48.40
CA VAL C 406 5.51 -34.90 47.59
C VAL C 406 5.33 -36.40 47.32
N ASP C 407 4.07 -36.84 47.32
CA ASP C 407 3.77 -38.25 47.20
C ASP C 407 3.63 -38.67 45.72
N LEU C 408 4.75 -38.72 45.02
CA LEU C 408 4.74 -39.14 43.62
C LEU C 408 4.30 -40.61 43.56
N ALA C 409 4.60 -41.37 44.62
CA ALA C 409 4.31 -42.81 44.62
C ALA C 409 2.79 -43.06 44.47
N ARG C 410 1.99 -42.10 44.87
CA ARG C 410 0.54 -42.25 44.71
C ARG C 410 0.18 -42.52 43.25
N HIS C 411 0.99 -42.00 42.32
CA HIS C 411 0.68 -42.11 40.91
C HIS C 411 1.75 -42.87 40.14
N ALA C 412 2.49 -43.72 40.83
CA ALA C 412 3.64 -44.44 40.24
C ALA C 412 3.25 -45.90 39.84
N GLY C 413 2.02 -46.28 40.10
CA GLY C 413 1.55 -47.62 39.66
C GLY C 413 1.94 -48.72 40.62
N ALA C 414 2.01 -49.96 40.10
CA ALA C 414 2.11 -51.15 40.94
C ALA C 414 3.24 -52.07 40.49
N GLY C 415 4.27 -51.47 39.92
CA GLY C 415 5.45 -52.19 39.49
C GLY C 415 6.24 -52.87 40.59
N THR C 416 6.81 -54.03 40.25
CA THR C 416 7.76 -54.73 41.11
C THR C 416 9.09 -55.04 40.39
N ALA C 417 9.31 -54.48 39.22
CA ALA C 417 10.54 -54.74 38.47
C ALA C 417 11.69 -53.94 39.05
N GLU C 418 12.74 -54.65 39.50
CA GLU C 418 13.90 -54.00 40.12
C GLU C 418 14.97 -53.79 39.06
N VAL C 419 15.85 -52.82 39.31
CA VAL C 419 17.02 -52.62 38.46
C VAL C 419 18.30 -53.07 39.18
N VAL D 1 -1.84 46.93 -51.39
CA VAL D 1 -2.43 45.68 -50.79
C VAL D 1 -2.43 45.78 -49.25
N PRO D 2 -3.61 45.87 -48.62
CA PRO D 2 -3.55 46.04 -47.15
C PRO D 2 -3.10 44.77 -46.42
N VAL D 3 -2.57 44.97 -45.21
CA VAL D 3 -2.06 43.89 -44.39
C VAL D 3 -3.08 43.47 -43.32
N PRO D 4 -3.19 42.17 -43.10
CA PRO D 4 -4.19 41.69 -42.16
C PRO D 4 -3.74 41.96 -40.74
N VAL D 5 -4.69 42.33 -39.87
CA VAL D 5 -4.40 42.51 -38.44
C VAL D 5 -5.45 41.74 -37.61
N PRO D 6 -5.05 41.25 -36.45
CA PRO D 6 -6.02 40.58 -35.56
C PRO D 6 -6.76 41.59 -34.72
N VAL D 7 -8.07 41.62 -34.88
CA VAL D 7 -8.93 42.55 -34.15
C VAL D 7 -9.61 41.77 -33.01
N ALA D 8 -9.21 42.05 -31.76
CA ALA D 8 -9.64 41.25 -30.62
C ALA D 8 -10.81 41.85 -29.87
N VAL D 9 -11.76 40.99 -29.48
CA VAL D 9 -12.93 41.39 -28.69
C VAL D 9 -13.12 40.34 -27.64
N SER D 10 -13.58 40.72 -26.45
CA SER D 10 -13.80 39.71 -25.41
C SER D 10 -14.93 40.14 -24.47
N GLY D 11 -15.46 39.18 -23.73
CA GLY D 11 -16.44 39.44 -22.69
C GLY D 11 -16.39 38.39 -21.61
N ALA D 12 -17.09 38.67 -20.51
CA ALA D 12 -17.09 37.73 -19.39
C ALA D 12 -18.00 36.52 -19.73
N THR D 13 -18.90 36.70 -20.69
CA THR D 13 -19.83 35.64 -21.12
C THR D 13 -19.94 35.70 -22.63
N THR D 14 -20.50 34.66 -23.23
CA THR D 14 -20.70 34.66 -24.66
C THR D 14 -21.64 35.71 -25.13
N ALA D 15 -22.69 35.97 -24.34
CA ALA D 15 -23.57 37.04 -24.74
C ALA D 15 -22.87 38.41 -24.65
N GLY D 16 -21.94 38.57 -23.70
CA GLY D 16 -21.24 39.83 -23.53
C GLY D 16 -20.25 40.01 -24.71
N LEU D 17 -19.63 38.93 -25.09
CA LEU D 17 -18.73 38.91 -26.25
C LEU D 17 -19.46 39.35 -27.53
N ARG D 18 -20.62 38.76 -27.75
CA ARG D 18 -21.44 39.13 -28.91
C ARG D 18 -21.93 40.55 -28.87
N ALA D 19 -22.27 41.04 -27.67
CA ALA D 19 -22.67 42.43 -27.53
C ALA D 19 -21.49 43.35 -27.82
N GLN D 20 -20.33 43.00 -27.30
CA GLN D 20 -19.10 43.78 -27.57
C GLN D 20 -18.82 43.86 -29.08
N ALA D 21 -19.04 42.75 -29.78
CA ALA D 21 -18.81 42.72 -31.22
C ALA D 21 -19.76 43.65 -31.95
N ALA D 22 -21.02 43.68 -31.52
CA ALA D 22 -22.01 44.59 -32.11
C ALA D 22 -21.68 46.03 -31.86
N ARG D 23 -21.22 46.34 -30.65
CA ARG D 23 -20.92 47.70 -30.27
C ARG D 23 -19.74 48.21 -31.12
N LEU D 24 -18.76 47.33 -31.35
CA LEU D 24 -17.60 47.75 -32.15
C LEU D 24 -18.00 47.95 -33.61
N ALA D 25 -18.87 47.06 -34.12
CA ALA D 25 -19.37 47.24 -35.50
C ALA D 25 -20.13 48.58 -35.63
N GLY D 26 -20.97 48.92 -34.67
CA GLY D 26 -21.71 50.18 -34.72
C GLY D 26 -20.78 51.38 -34.69
N HIS D 27 -19.75 51.29 -33.85
CA HIS D 27 -18.76 52.35 -33.74
C HIS D 27 -18.04 52.54 -35.07
N LEU D 28 -17.72 51.43 -35.74
CA LEU D 28 -17.10 51.47 -37.05
C LEU D 28 -18.02 52.08 -38.09
N ARG D 29 -19.29 51.70 -38.06
CA ARG D 29 -20.24 52.19 -39.04
C ARG D 29 -20.55 53.68 -38.89
N GLU D 30 -20.37 54.22 -37.68
CA GLU D 30 -20.47 55.66 -37.47
C GLU D 30 -19.26 56.42 -38.00
N ARG D 31 -18.17 55.70 -38.30
CA ARG D 31 -16.88 56.32 -38.64
C ARG D 31 -16.27 55.69 -39.88
N PRO D 32 -16.75 56.08 -41.06
CA PRO D 32 -16.55 55.36 -42.31
C PRO D 32 -15.09 55.23 -42.70
N ALA D 33 -14.24 56.12 -42.20
CA ALA D 33 -12.84 56.10 -42.61
C ALA D 33 -12.00 55.14 -41.76
N LEU D 34 -12.56 54.63 -40.67
CA LEU D 34 -11.80 53.79 -39.74
C LEU D 34 -11.59 52.39 -40.31
N GLY D 35 -10.32 51.94 -40.34
CA GLY D 35 -9.99 50.58 -40.78
C GLY D 35 -9.49 49.70 -39.65
N PRO D 36 -9.49 48.37 -39.86
CA PRO D 36 -9.00 47.46 -38.82
C PRO D 36 -7.64 47.88 -38.26
N GLU D 37 -6.79 48.41 -39.13
CA GLU D 37 -5.41 48.70 -38.73
C GLU D 37 -5.31 49.95 -37.83
N ALA D 38 -6.34 50.78 -37.85
CA ALA D 38 -6.43 51.92 -36.95
C ALA D 38 -6.81 51.51 -35.52
N VAL D 39 -7.56 50.41 -35.36
CA VAL D 39 -8.09 50.07 -34.02
C VAL D 39 -7.48 48.83 -33.40
N ALA D 40 -6.85 47.96 -34.18
CA ALA D 40 -6.41 46.66 -33.63
C ALA D 40 -5.47 46.80 -32.44
N ARG D 41 -4.42 47.60 -32.56
CA ARG D 41 -3.43 47.61 -31.51
C ARG D 41 -4.02 48.04 -30.14
N PRO D 42 -4.80 49.13 -30.12
CA PRO D 42 -5.36 49.55 -28.82
C PRO D 42 -6.38 48.58 -28.26
N LEU D 43 -7.08 47.86 -29.14
CA LEU D 43 -8.01 46.78 -28.67
C LEU D 43 -7.32 45.66 -27.98
N LEU D 44 -6.09 45.36 -28.39
CA LEU D 44 -5.35 44.28 -27.76
C LEU D 44 -4.65 44.74 -26.51
N LEU D 45 -4.05 45.92 -26.56
CA LEU D 45 -3.13 46.32 -25.50
C LEU D 45 -3.87 47.03 -24.35
N SER D 46 -4.97 47.72 -24.66
CA SER D 46 -5.67 48.53 -23.62
C SER D 46 -6.87 47.84 -22.94
N ARG D 47 -7.35 46.73 -23.51
CA ARG D 47 -8.52 46.03 -22.93
C ARG D 47 -8.11 44.72 -22.28
N ALA D 48 -8.71 44.44 -21.14
CA ALA D 48 -8.59 43.16 -20.54
C ALA D 48 -9.11 42.08 -21.50
N GLN D 49 -8.41 40.97 -21.55
CA GLN D 49 -8.82 39.84 -22.38
C GLN D 49 -9.55 38.80 -21.52
N ARG D 50 -10.88 38.85 -21.58
CA ARG D 50 -11.72 38.20 -20.58
C ARG D 50 -12.00 36.72 -20.98
N GLU D 51 -12.96 36.10 -20.30
CA GLU D 51 -13.12 34.64 -20.33
C GLU D 51 -13.60 34.09 -21.68
N ARG D 52 -14.35 34.91 -22.41
CA ARG D 52 -14.87 34.51 -23.71
C ARG D 52 -14.30 35.47 -24.77
N ARG D 53 -13.57 34.91 -25.74
CA ARG D 53 -12.70 35.72 -26.60
C ARG D 53 -12.98 35.43 -28.07
N ALA D 54 -12.82 36.45 -28.90
CA ALA D 54 -12.81 36.29 -30.34
C ALA D 54 -11.73 37.15 -30.94
N VAL D 55 -11.34 36.77 -32.17
CA VAL D 55 -10.52 37.63 -32.99
C VAL D 55 -11.06 37.54 -34.42
N VAL D 56 -11.24 38.69 -35.06
CA VAL D 56 -11.40 38.75 -36.51
C VAL D 56 -10.08 39.20 -37.18
N VAL D 57 -9.58 38.37 -38.08
CA VAL D 57 -8.36 38.72 -38.83
C VAL D 57 -8.78 39.35 -40.12
N ALA D 58 -8.52 40.65 -40.26
CA ALA D 58 -9.04 41.40 -41.37
C ALA D 58 -8.01 42.42 -41.83
N ALA D 59 -7.98 42.63 -43.15
CA ALA D 59 -7.12 43.67 -43.73
C ALA D 59 -7.90 44.93 -44.12
N ASP D 60 -9.19 44.81 -44.29
CA ASP D 60 -10.00 45.94 -44.64
C ASP D 60 -11.32 46.00 -43.84
N ARG D 61 -11.89 47.17 -43.87
CA ARG D 61 -13.14 47.45 -43.18
C ARG D 61 -14.23 46.40 -43.40
N ASP D 62 -14.56 46.20 -44.67
CA ASP D 62 -15.69 45.34 -45.06
C ASP D 62 -15.53 43.95 -44.47
N SER D 63 -14.31 43.40 -44.59
CA SER D 63 -13.97 42.14 -43.94
C SER D 63 -14.15 42.14 -42.44
N LEU D 64 -13.63 43.17 -41.78
CA LEU D 64 -13.79 43.28 -40.33
C LEU D 64 -15.29 43.26 -39.94
N LEU D 65 -16.08 44.06 -40.63
CA LEU D 65 -17.48 44.21 -40.30
C LEU D 65 -18.26 42.93 -40.58
N THR D 66 -17.95 42.24 -41.67
CA THR D 66 -18.50 40.89 -41.91
C THR D 66 -18.20 39.92 -40.76
N GLY D 67 -16.98 39.94 -40.27
CA GLY D 67 -16.59 39.08 -39.19
C GLY D 67 -17.31 39.46 -37.90
N LEU D 68 -17.40 40.76 -37.62
CA LEU D 68 -18.02 41.24 -36.32
C LEU D 68 -19.50 40.92 -36.35
N ASP D 69 -20.15 41.17 -37.49
CA ASP D 69 -21.58 40.83 -37.63
C ASP D 69 -21.86 39.33 -37.41
N ALA D 70 -21.05 38.44 -38.00
CA ALA D 70 -21.15 37.02 -37.72
C ALA D 70 -20.99 36.73 -36.25
N LEU D 71 -19.96 37.31 -35.64
CA LEU D 71 -19.69 37.07 -34.21
C LEU D 71 -20.92 37.50 -33.39
N ALA D 72 -21.48 38.66 -33.73
CA ALA D 72 -22.60 39.23 -32.95
C ALA D 72 -23.78 38.31 -33.06
N GLY D 73 -23.94 37.68 -34.22
CA GLY D 73 -25.15 36.89 -34.51
C GLY D 73 -24.96 35.45 -34.16
N GLY D 74 -23.83 35.13 -33.59
CA GLY D 74 -23.54 33.75 -33.20
C GLY D 74 -23.28 32.81 -34.38
N GLU D 75 -22.74 33.33 -35.48
CA GLU D 75 -22.39 32.53 -36.67
C GLU D 75 -20.90 32.36 -36.79
N ALA D 76 -20.47 31.24 -37.38
CA ALA D 76 -19.08 31.02 -37.71
C ALA D 76 -18.71 31.87 -38.92
N GLY D 77 -17.43 32.19 -39.03
CA GLY D 77 -16.93 32.98 -40.14
C GLY D 77 -15.54 32.51 -40.52
N PRO D 78 -15.17 32.69 -41.78
CA PRO D 78 -13.90 32.14 -42.29
C PRO D 78 -12.64 32.82 -41.73
N ARG D 79 -12.78 34.02 -41.18
CA ARG D 79 -11.66 34.70 -40.58
C ARG D 79 -12.01 35.14 -39.14
N LEU D 80 -12.84 34.32 -38.50
CA LEU D 80 -13.25 34.55 -37.09
C LEU D 80 -12.81 33.37 -36.23
N ALA D 81 -12.04 33.64 -35.16
CA ALA D 81 -11.82 32.64 -34.15
C ALA D 81 -12.52 33.06 -32.84
N SER D 82 -13.06 32.08 -32.11
CA SER D 82 -13.66 32.38 -30.80
C SER D 82 -13.67 31.16 -29.93
N GLY D 83 -13.61 31.38 -28.62
CA GLY D 83 -13.39 30.30 -27.70
C GLY D 83 -13.53 30.74 -26.27
N ALA D 84 -13.37 29.77 -25.39
CA ALA D 84 -13.25 29.96 -23.97
C ALA D 84 -11.81 29.99 -23.58
N ALA D 85 -11.41 31.03 -22.84
CA ALA D 85 -10.05 31.22 -22.44
C ALA D 85 -9.74 30.37 -21.20
N ASP D 86 -9.67 29.06 -21.36
CA ASP D 86 -9.61 28.17 -20.20
C ASP D 86 -8.47 27.16 -20.23
N VAL D 87 -7.55 27.30 -21.17
CA VAL D 87 -6.49 26.30 -21.34
C VAL D 87 -5.22 26.72 -20.63
N THR D 88 -4.69 25.83 -19.81
CA THR D 88 -3.37 26.02 -19.20
C THR D 88 -2.59 24.72 -19.39
N GLY D 89 -1.27 24.83 -19.40
CA GLY D 89 -0.40 23.68 -19.49
C GLY D 89 0.61 23.86 -20.58
N ARG D 90 1.46 22.86 -20.76
CA ARG D 90 2.67 23.01 -21.55
C ARG D 90 2.39 22.83 -23.05
N VAL D 91 3.33 23.28 -23.88
CA VAL D 91 3.13 23.43 -25.33
C VAL D 91 3.95 22.42 -26.12
N VAL D 92 3.30 21.78 -27.08
CA VAL D 92 3.95 20.86 -27.98
C VAL D 92 3.83 21.37 -29.40
N LEU D 93 4.93 21.35 -30.14
CA LEU D 93 4.88 21.51 -31.59
C LEU D 93 4.93 20.12 -32.23
N VAL D 94 3.93 19.90 -33.08
CA VAL D 94 3.75 18.66 -33.83
C VAL D 94 4.16 18.87 -35.31
N PHE D 95 5.07 18.04 -35.79
CA PHE D 95 5.57 18.12 -37.16
C PHE D 95 4.99 16.95 -37.93
N PRO D 96 4.25 17.24 -39.00
CA PRO D 96 3.64 16.22 -39.81
C PRO D 96 4.66 15.39 -40.57
N GLY D 97 4.19 14.29 -41.11
CA GLY D 97 4.98 13.58 -42.12
C GLY D 97 4.45 13.94 -43.50
N GLN D 98 3.92 12.95 -44.19
CA GLN D 98 3.39 13.15 -45.51
C GLN D 98 1.99 13.62 -45.48
N GLY D 99 1.58 14.16 -46.61
CA GLY D 99 0.17 14.32 -46.89
C GLY D 99 -0.38 15.70 -46.62
N ALA D 100 0.48 16.61 -46.17
CA ALA D 100 0.01 17.93 -45.79
C ALA D 100 0.35 19.00 -46.83
N HIS D 101 1.42 18.79 -47.59
CA HIS D 101 1.97 19.85 -48.40
C HIS D 101 1.04 20.09 -49.55
N TRP D 102 0.95 21.32 -50.04
CA TRP D 102 0.15 21.61 -51.23
C TRP D 102 0.90 22.59 -52.12
N THR D 103 0.84 22.35 -53.43
CA THR D 103 1.69 23.04 -54.37
C THR D 103 1.46 24.55 -54.32
N GLY D 104 2.54 25.32 -54.18
CA GLY D 104 2.41 26.78 -54.00
C GLY D 104 2.54 27.27 -52.56
N VAL D 105 2.31 26.39 -51.59
CA VAL D 105 2.46 26.81 -50.18
C VAL D 105 3.86 27.33 -49.94
N ALA D 106 3.92 28.36 -49.09
CA ALA D 106 5.15 29.04 -48.67
C ALA D 106 5.55 30.23 -49.53
N GLU D 107 5.11 30.28 -50.80
CA GLU D 107 5.45 31.43 -51.68
C GLU D 107 4.82 32.75 -51.18
N ARG D 108 3.54 32.71 -50.89
CA ARG D 108 2.85 33.89 -50.40
C ARG D 108 3.42 34.33 -49.04
N LEU D 109 3.64 33.37 -48.16
CA LEU D 109 4.11 33.71 -46.80
C LEU D 109 5.56 34.24 -46.80
N TRP D 110 6.36 33.76 -47.75
CA TRP D 110 7.70 34.31 -48.00
C TRP D 110 7.59 35.81 -48.31
N ARG D 111 6.60 36.18 -49.09
CA ARG D 111 6.40 37.60 -49.46
C ARG D 111 5.91 38.44 -48.28
N GLU D 112 5.21 37.80 -47.34
CA GLU D 112 4.39 38.54 -46.41
C GLU D 112 4.94 38.56 -44.99
N ALA D 113 5.85 37.63 -44.67
CA ALA D 113 6.32 37.44 -43.33
C ALA D 113 7.83 37.33 -43.27
N PRO D 114 8.50 38.45 -42.98
CA PRO D 114 9.96 38.47 -42.96
C PRO D 114 10.64 37.37 -42.17
N VAL D 115 10.11 37.01 -41.00
CA VAL D 115 10.75 35.99 -40.18
C VAL D 115 10.71 34.61 -40.90
N PHE D 116 9.59 34.34 -41.52
CA PHE D 116 9.42 33.12 -42.36
C PHE D 116 10.34 33.15 -43.62
N ALA D 117 10.42 34.30 -44.27
CA ALA D 117 11.35 34.50 -45.38
C ALA D 117 12.79 34.24 -44.97
N ASP D 118 13.21 34.79 -43.84
CA ASP D 118 14.58 34.60 -43.39
C ASP D 118 14.93 33.12 -43.17
N SER D 119 14.04 32.39 -42.50
CA SER D 119 14.25 31.00 -42.28
C SER D 119 14.28 30.25 -43.61
N MET D 120 13.34 30.55 -44.49
CA MET D 120 13.32 29.90 -45.78
C MET D 120 14.58 30.13 -46.58
N ALA D 121 15.15 31.34 -46.50
CA ALA D 121 16.37 31.63 -47.23
C ALA D 121 17.55 30.92 -46.63
N ARG D 122 17.55 30.77 -45.30
CA ARG D 122 18.53 29.94 -44.64
C ARG D 122 18.42 28.50 -45.12
N CYS D 123 17.19 27.98 -45.21
CA CYS D 123 16.98 26.62 -45.75
C CYS D 123 17.46 26.53 -47.21
N ALA D 124 17.16 27.55 -47.99
CA ALA D 124 17.54 27.54 -49.41
C ALA D 124 19.06 27.42 -49.56
N ASP D 125 19.81 28.15 -48.75
CA ASP D 125 21.29 28.00 -48.68
C ASP D 125 21.73 26.56 -48.41
N VAL D 126 21.15 25.93 -47.42
CA VAL D 126 21.52 24.59 -47.07
C VAL D 126 21.14 23.61 -48.19
N LEU D 127 19.98 23.77 -48.79
CA LEU D 127 19.52 22.82 -49.81
C LEU D 127 20.22 23.05 -51.20
N ARG D 128 20.70 24.26 -51.43
CA ARG D 128 21.42 24.58 -52.69
C ARG D 128 22.67 23.70 -52.79
N ASP D 129 23.36 23.58 -51.66
CA ASP D 129 24.63 22.85 -51.55
C ASP D 129 24.40 21.35 -51.66
N LEU D 130 23.30 20.89 -51.05
CA LEU D 130 23.03 19.48 -50.88
C LEU D 130 22.33 18.90 -52.11
N ALA D 131 21.26 19.56 -52.54
CA ALA D 131 20.33 18.97 -53.52
C ALA D 131 20.55 19.55 -54.91
N GLY D 132 21.08 20.77 -54.94
CA GLY D 132 21.47 21.41 -56.18
C GLY D 132 20.35 22.12 -56.90
N TRP D 133 19.20 22.30 -56.24
CA TRP D 133 18.14 23.13 -56.79
C TRP D 133 17.83 24.31 -55.86
N GLU D 134 17.00 25.22 -56.35
CA GLU D 134 16.70 26.50 -55.69
C GLU D 134 15.30 26.43 -55.05
N LEU D 135 15.29 26.47 -53.73
CA LEU D 135 14.07 26.19 -52.94
C LEU D 135 12.88 26.98 -53.45
N ARG D 136 13.07 28.27 -53.68
CA ARG D 136 11.93 29.12 -54.01
C ARG D 136 11.31 28.83 -55.37
N GLU D 137 12.11 28.35 -56.32
CA GLU D 137 11.60 28.02 -57.66
C GLU D 137 10.72 26.76 -57.62
N VAL D 138 11.16 25.79 -56.82
CA VAL D 138 10.49 24.49 -56.72
C VAL D 138 9.14 24.54 -55.94
N LEU D 139 8.97 25.56 -55.07
CA LEU D 139 7.71 25.75 -54.30
C LEU D 139 6.50 25.70 -55.15
N VAL D 140 6.60 26.28 -56.34
CA VAL D 140 5.44 26.47 -57.16
C VAL D 140 5.38 25.49 -58.36
N ASP D 141 6.27 24.50 -58.37
CA ASP D 141 6.35 23.51 -59.49
C ASP D 141 5.67 22.17 -59.16
N PRO D 142 4.45 21.95 -59.69
CA PRO D 142 3.63 20.80 -59.34
C PRO D 142 4.27 19.50 -59.77
N VAL D 143 5.13 19.57 -60.78
CA VAL D 143 5.70 18.36 -61.35
C VAL D 143 6.87 17.92 -60.50
N ALA D 144 7.75 18.87 -60.17
CA ALA D 144 8.87 18.63 -59.25
C ALA D 144 8.40 18.13 -57.87
N LEU D 145 7.29 18.66 -57.39
CA LEU D 145 6.83 18.32 -56.04
C LEU D 145 6.14 16.96 -55.98
N GLU D 146 5.94 16.33 -57.14
CA GLU D 146 5.46 14.94 -57.14
C GLU D 146 6.63 13.98 -57.03
N ARG D 147 7.86 14.49 -57.02
CA ARG D 147 9.03 13.65 -56.82
C ARG D 147 9.45 13.71 -55.38
N VAL D 148 9.60 12.56 -54.74
CA VAL D 148 9.77 12.56 -53.28
C VAL D 148 11.09 13.16 -52.85
N ASP D 149 12.10 13.16 -53.72
CA ASP D 149 13.41 13.74 -53.39
C ASP D 149 13.39 15.30 -53.41
N VAL D 150 12.35 15.88 -54.01
CA VAL D 150 12.15 17.32 -54.01
C VAL D 150 11.12 17.67 -52.95
N LEU D 151 10.01 16.94 -52.93
CA LEU D 151 8.93 17.21 -51.95
C LEU D 151 9.41 17.17 -50.48
N GLN D 152 10.12 16.11 -50.11
CA GLN D 152 10.44 15.94 -48.71
C GLN D 152 11.34 17.04 -48.17
N PRO D 153 12.40 17.38 -48.91
CA PRO D 153 13.22 18.46 -48.38
C PRO D 153 12.51 19.82 -48.37
N VAL D 154 11.72 20.09 -49.41
CA VAL D 154 10.93 21.30 -49.47
C VAL D 154 9.96 21.33 -48.27
N SER D 155 9.32 20.19 -47.98
CA SER D 155 8.41 20.07 -46.79
C SER D 155 9.11 20.37 -45.49
N PHE D 156 10.30 19.80 -45.34
CA PHE D 156 11.17 20.05 -44.21
C PHE D 156 11.52 21.51 -44.04
N ALA D 157 11.90 22.17 -45.13
CA ALA D 157 12.17 23.62 -45.07
C ALA D 157 10.95 24.43 -44.57
N VAL D 158 9.79 24.15 -45.17
CA VAL D 158 8.60 24.86 -44.84
C VAL D 158 8.19 24.66 -43.38
N VAL D 159 8.22 23.44 -42.88
CA VAL D 159 7.81 23.28 -41.48
C VAL D 159 8.83 23.85 -40.47
N VAL D 160 10.12 23.74 -40.76
CA VAL D 160 11.11 24.36 -39.91
C VAL D 160 10.91 25.90 -39.91
N SER D 161 10.52 26.45 -41.05
CA SER D 161 10.36 27.89 -41.17
C SER D 161 9.05 28.38 -40.55
N LEU D 162 8.03 27.53 -40.58
CA LEU D 162 6.82 27.80 -39.82
C LEU D 162 7.05 27.79 -38.31
N ALA D 163 7.90 26.90 -37.83
CA ALA D 163 8.23 26.85 -36.39
C ALA D 163 8.94 28.13 -35.97
N ALA D 164 9.80 28.61 -36.85
CA ALA D 164 10.49 29.87 -36.59
C ALA D 164 9.53 31.05 -36.53
N LEU D 165 8.50 31.03 -37.39
CA LEU D 165 7.49 32.05 -37.41
C LEU D 165 6.66 32.02 -36.12
N TRP D 166 6.32 30.83 -35.65
CA TRP D 166 5.57 30.71 -34.35
C TRP D 166 6.44 31.29 -33.23
N ALA D 167 7.74 30.96 -33.25
CA ALA D 167 8.63 31.42 -32.21
C ALA D 167 8.62 32.96 -32.14
N SER D 168 8.51 33.59 -33.31
CA SER D 168 8.57 35.07 -33.40
C SER D 168 7.32 35.73 -32.80
N VAL D 169 6.22 34.99 -32.69
CA VAL D 169 5.07 35.43 -31.91
C VAL D 169 4.97 34.75 -30.55
N GLY D 170 6.10 34.32 -30.01
CA GLY D 170 6.15 33.86 -28.66
C GLY D 170 5.58 32.49 -28.40
N VAL D 171 5.42 31.67 -29.45
CA VAL D 171 4.87 30.30 -29.28
C VAL D 171 6.03 29.32 -29.47
N ARG D 172 6.58 28.84 -28.36
CA ARG D 172 7.77 28.00 -28.36
C ARG D 172 7.44 26.69 -27.69
N PRO D 173 7.98 25.60 -28.21
CA PRO D 173 7.65 24.28 -27.66
C PRO D 173 8.31 24.03 -26.33
N ASP D 174 7.54 23.44 -25.39
CA ASP D 174 8.09 22.74 -24.24
C ASP D 174 8.52 21.32 -24.56
N ALA D 175 8.01 20.78 -25.68
CA ALA D 175 8.39 19.45 -26.18
C ALA D 175 7.99 19.39 -27.67
N VAL D 176 8.63 18.54 -28.43
CA VAL D 176 8.27 18.37 -29.83
C VAL D 176 7.99 16.89 -30.14
N VAL D 177 7.16 16.67 -31.15
CA VAL D 177 6.93 15.34 -31.67
C VAL D 177 6.78 15.42 -33.18
N GLY D 178 7.43 14.52 -33.89
CA GLY D 178 7.41 14.54 -35.36
C GLY D 178 7.01 13.17 -35.89
N HIS D 179 6.01 13.18 -36.77
CA HIS D 179 5.47 11.99 -37.43
C HIS D 179 6.31 11.67 -38.69
N SER D 180 6.84 10.47 -38.73
CA SER D 180 7.60 10.03 -39.89
C SER D 180 8.70 11.07 -40.26
N GLN D 181 8.73 11.64 -41.49
CA GLN D 181 9.82 12.62 -41.83
C GLN D 181 9.80 13.84 -40.93
N GLY D 182 8.66 14.10 -40.29
CA GLY D 182 8.58 15.18 -39.27
C GLY D 182 9.55 15.06 -38.12
N GLU D 183 9.93 13.83 -37.79
CA GLU D 183 10.86 13.61 -36.68
C GLU D 183 12.18 14.33 -36.91
N VAL D 184 12.62 14.43 -38.17
CA VAL D 184 13.89 15.07 -38.45
C VAL D 184 13.75 16.55 -38.15
N ALA D 185 12.66 17.13 -38.59
CA ALA D 185 12.40 18.52 -38.30
C ALA D 185 12.31 18.75 -36.80
N ALA D 186 11.61 17.85 -36.11
CA ALA D 186 11.39 18.01 -34.67
C ALA D 186 12.74 17.96 -33.94
N ALA D 187 13.63 17.07 -34.40
CA ALA D 187 14.97 16.94 -33.81
C ALA D 187 15.75 18.21 -33.99
N HIS D 188 15.62 18.83 -35.14
CA HIS D 188 16.31 20.08 -35.38
C HIS D 188 15.76 21.19 -34.48
N VAL D 189 14.43 21.35 -34.46
CA VAL D 189 13.82 22.44 -33.69
C VAL D 189 14.09 22.26 -32.18
N ALA D 190 14.30 21.02 -31.75
CA ALA D 190 14.61 20.69 -30.37
C ALA D 190 16.09 20.92 -30.02
N GLY D 191 16.90 21.24 -31.03
CA GLY D 191 18.31 21.54 -30.84
C GLY D 191 19.27 20.36 -30.91
N ALA D 192 18.76 19.18 -31.32
CA ALA D 192 19.56 17.95 -31.36
C ALA D 192 20.40 17.88 -32.62
N LEU D 193 19.90 18.47 -33.70
CA LEU D 193 20.55 18.53 -34.99
C LEU D 193 20.64 19.97 -35.44
N THR D 194 21.73 20.31 -36.16
CA THR D 194 21.78 21.58 -36.89
C THR D 194 20.88 21.54 -38.11
N LEU D 195 20.53 22.72 -38.61
CA LEU D 195 19.78 22.80 -39.85
C LEU D 195 20.46 22.01 -40.96
N ALA D 196 21.77 22.17 -41.10
CA ALA D 196 22.49 21.51 -42.19
C ALA D 196 22.45 19.96 -42.08
N GLU D 197 22.66 19.44 -40.87
CA GLU D 197 22.65 18.02 -40.64
C GLU D 197 21.25 17.42 -40.82
N ALA D 198 20.25 18.10 -40.27
CA ALA D 198 18.85 17.69 -40.50
C ALA D 198 18.52 17.64 -42.00
N ALA D 199 18.86 18.68 -42.72
CA ALA D 199 18.61 18.73 -44.15
C ALA D 199 19.36 17.66 -44.89
N ARG D 200 20.56 17.34 -44.41
CA ARG D 200 21.35 16.24 -45.03
C ARG D 200 20.63 14.89 -44.90
N ILE D 201 20.05 14.65 -43.72
CA ILE D 201 19.32 13.41 -43.47
C ILE D 201 18.11 13.30 -44.40
N VAL D 202 17.33 14.37 -44.49
CA VAL D 202 16.11 14.35 -45.30
C VAL D 202 16.44 14.24 -46.79
N VAL D 203 17.43 15.01 -47.23
CA VAL D 203 17.85 14.97 -48.62
C VAL D 203 18.32 13.56 -49.00
N LEU D 204 19.20 12.96 -48.20
CA LEU D 204 19.80 11.67 -48.57
C LEU D 204 18.77 10.53 -48.52
N ARG D 205 17.90 10.60 -47.52
CA ARG D 205 16.93 9.55 -47.34
C ARG D 205 15.83 9.63 -48.40
N SER D 206 15.36 10.84 -48.72
CA SER D 206 14.33 10.99 -49.73
C SER D 206 14.84 10.64 -51.14
N ALA D 207 16.09 10.97 -51.44
CA ALA D 207 16.63 10.60 -52.74
C ALA D 207 16.71 9.06 -52.85
N LEU D 208 17.07 8.40 -51.75
CA LEU D 208 17.15 6.93 -51.76
C LEU D 208 15.76 6.32 -51.97
N ILE D 209 14.77 6.86 -51.29
CA ILE D 209 13.39 6.40 -51.48
C ILE D 209 12.97 6.56 -52.91
N ALA D 210 13.29 7.70 -53.50
CA ALA D 210 12.93 7.97 -54.87
C ALA D 210 13.58 6.96 -55.80
N ARG D 211 14.84 6.66 -55.54
CA ARG D 211 15.61 5.75 -56.41
C ARG D 211 15.10 4.30 -56.31
N GLU D 212 14.64 3.90 -55.13
CA GLU D 212 14.44 2.48 -54.85
C GLU D 212 12.97 2.07 -54.59
N LEU D 213 12.17 2.96 -54.01
CA LEU D 213 10.79 2.61 -53.62
C LEU D 213 9.71 3.29 -54.43
N SER D 214 9.98 4.50 -54.90
CA SER D 214 8.98 5.26 -55.62
C SER D 214 8.48 4.45 -56.82
N GLY D 215 7.16 4.41 -56.99
CA GLY D 215 6.54 3.64 -58.06
C GLY D 215 6.16 2.21 -57.66
N ARG D 216 6.53 1.79 -56.45
CA ARG D 216 6.38 0.39 -56.06
C ARG D 216 5.45 0.23 -54.85
N GLY D 217 4.79 1.31 -54.45
CA GLY D 217 3.88 1.26 -53.34
C GLY D 217 2.99 2.46 -53.15
N ALA D 218 2.15 2.38 -52.12
CA ALA D 218 1.18 3.42 -51.79
C ALA D 218 0.89 3.37 -50.31
N MET D 219 0.38 4.47 -49.77
CA MET D 219 -0.07 4.51 -48.40
C MET D 219 -1.49 5.06 -48.32
N LEU D 220 -2.22 4.59 -47.32
CA LEU D 220 -3.66 4.85 -47.23
C LEU D 220 -4.03 5.07 -45.78
N THR D 221 -4.56 6.24 -45.47
CA THR D 221 -5.10 6.49 -44.15
C THR D 221 -6.59 6.11 -44.07
N VAL D 222 -6.96 5.48 -42.95
CA VAL D 222 -8.29 4.91 -42.73
C VAL D 222 -8.90 5.50 -41.48
N VAL D 223 -10.17 5.87 -41.56
CA VAL D 223 -10.86 6.43 -40.41
C VAL D 223 -11.41 5.28 -39.54
N ALA D 224 -10.55 4.75 -38.69
CA ALA D 224 -10.86 3.61 -37.83
C ALA D 224 -9.74 3.46 -36.84
N ASP D 225 -9.96 2.62 -35.82
CA ASP D 225 -8.91 2.32 -34.84
C ASP D 225 -8.12 1.14 -35.24
N VAL D 226 -6.98 0.97 -34.57
CA VAL D 226 -6.02 0.00 -34.96
C VAL D 226 -6.57 -1.43 -34.80
N GLU D 227 -7.43 -1.64 -33.82
CA GLU D 227 -8.01 -2.98 -33.58
C GLU D 227 -8.92 -3.34 -34.77
N ARG D 228 -9.68 -2.37 -35.24
CA ARG D 228 -10.57 -2.53 -36.39
C ARG D 228 -9.83 -2.71 -37.72
N VAL D 229 -8.81 -1.91 -37.97
CA VAL D 229 -7.98 -2.10 -39.16
C VAL D 229 -7.26 -3.43 -39.15
N THR D 230 -6.79 -3.84 -37.97
CA THR D 230 -6.04 -5.08 -37.88
C THR D 230 -6.99 -6.26 -38.22
N ALA D 231 -8.23 -6.16 -37.79
CA ALA D 231 -9.24 -7.18 -38.13
C ALA D 231 -9.57 -7.20 -39.62
N LEU D 232 -9.59 -6.03 -40.24
CA LEU D 232 -9.90 -5.96 -41.66
C LEU D 232 -8.73 -6.38 -42.53
N LEU D 233 -7.54 -6.42 -41.96
CA LEU D 233 -6.39 -6.85 -42.71
C LEU D 233 -6.24 -8.37 -42.69
N ALA D 234 -7.25 -9.07 -42.17
CA ALA D 234 -7.27 -10.54 -42.27
C ALA D 234 -7.25 -10.91 -43.71
N GLY D 235 -6.21 -11.63 -44.10
CA GLY D 235 -6.04 -12.11 -45.46
C GLY D 235 -5.14 -11.22 -46.28
N PHE D 236 -4.62 -10.15 -45.65
CA PHE D 236 -3.61 -9.30 -46.31
C PHE D 236 -2.24 -9.37 -45.62
N GLU D 237 -2.04 -10.39 -44.79
CA GLU D 237 -0.71 -10.67 -44.21
C GLU D 237 0.41 -10.60 -45.24
N GLY D 238 1.40 -9.76 -44.93
CA GLY D 238 2.54 -9.55 -45.81
C GLY D 238 2.27 -8.81 -47.10
N ARG D 239 1.08 -8.27 -47.27
CA ARG D 239 0.79 -7.51 -48.49
C ARG D 239 0.38 -6.08 -48.17
N VAL D 240 -0.39 -5.90 -47.10
CA VAL D 240 -0.77 -4.59 -46.60
C VAL D 240 -0.61 -4.58 -45.10
N CYS D 241 0.18 -3.64 -44.57
CA CYS D 241 0.52 -3.63 -43.14
C CYS D 241 0.23 -2.28 -42.47
N VAL D 242 0.04 -2.28 -41.17
CA VAL D 242 -0.16 -1.05 -40.43
C VAL D 242 1.17 -0.24 -40.43
N ALA D 243 1.09 0.99 -40.93
CA ALA D 243 2.27 1.87 -41.04
C ALA D 243 2.27 3.03 -40.01
N ALA D 244 1.11 3.35 -39.49
CA ALA D 244 1.00 4.39 -38.47
C ALA D 244 -0.24 4.18 -37.66
N VAL D 245 -0.15 4.47 -36.35
CA VAL D 245 -1.29 4.57 -35.50
C VAL D 245 -1.37 6.01 -34.97
N ASN D 246 -2.32 6.77 -35.48
CA ASN D 246 -2.36 8.22 -35.23
C ASN D 246 -3.33 8.57 -34.15
N GLY D 247 -4.37 7.78 -33.98
CA GLY D 247 -5.46 8.10 -33.08
C GLY D 247 -6.51 7.00 -33.12
N PRO D 248 -7.54 7.12 -32.30
CA PRO D 248 -8.64 6.14 -32.34
C PRO D 248 -9.47 6.16 -33.66
N ALA D 249 -9.25 7.15 -34.53
CA ALA D 249 -9.95 7.23 -35.80
C ALA D 249 -9.00 7.61 -36.96
N SER D 250 -7.74 7.19 -36.85
CA SER D 250 -6.77 7.36 -37.95
C SER D 250 -5.63 6.35 -37.84
N VAL D 251 -5.60 5.43 -38.81
CA VAL D 251 -4.59 4.44 -38.92
C VAL D 251 -4.20 4.39 -40.39
N THR D 252 -2.92 4.31 -40.64
CA THR D 252 -2.41 4.32 -41.99
C THR D 252 -1.87 2.94 -42.31
N VAL D 253 -2.14 2.47 -43.52
CA VAL D 253 -1.58 1.22 -44.00
C VAL D 253 -0.76 1.43 -45.27
N SER D 254 0.03 0.43 -45.63
CA SER D 254 1.04 0.59 -46.63
C SER D 254 1.28 -0.71 -47.36
N GLY D 255 1.49 -0.61 -48.68
CA GLY D 255 1.85 -1.76 -49.47
C GLY D 255 1.88 -1.47 -50.95
N GLU D 256 2.02 -2.53 -51.75
CA GLU D 256 1.95 -2.37 -53.21
C GLU D 256 0.55 -1.88 -53.64
N ASP D 257 0.53 -1.08 -54.71
CA ASP D 257 -0.68 -0.39 -55.14
C ASP D 257 -1.88 -1.33 -55.29
N GLY D 258 -1.66 -2.49 -55.92
CA GLY D 258 -2.73 -3.44 -56.20
C GLY D 258 -3.33 -4.03 -54.94
N ALA D 259 -2.46 -4.37 -54.00
CA ALA D 259 -2.89 -4.92 -52.73
C ALA D 259 -3.66 -3.87 -51.92
N VAL D 260 -3.20 -2.62 -51.97
CA VAL D 260 -3.90 -1.56 -51.28
C VAL D 260 -5.27 -1.30 -51.90
N ARG D 261 -5.36 -1.44 -53.21
CA ARG D 261 -6.64 -1.31 -53.93
C ARG D 261 -7.64 -2.40 -53.53
N GLU D 262 -7.13 -3.63 -53.34
CA GLU D 262 -7.95 -4.70 -52.83
C GLU D 262 -8.45 -4.40 -51.45
N PHE D 263 -7.58 -3.84 -50.62
CA PHE D 263 -8.00 -3.50 -49.28
C PHE D 263 -9.03 -2.36 -49.31
N GLU D 264 -8.86 -1.40 -50.21
CA GLU D 264 -9.87 -0.35 -50.36
C GLU D 264 -11.28 -0.89 -50.69
N ARG D 265 -11.35 -2.00 -51.39
CA ARG D 265 -12.64 -2.63 -51.69
C ARG D 265 -13.29 -3.16 -50.44
N VAL D 266 -12.45 -3.72 -49.58
CA VAL D 266 -12.90 -4.26 -48.31
C VAL D 266 -13.46 -3.13 -47.46
N LEU D 267 -12.73 -2.01 -47.42
CA LEU D 267 -13.14 -0.84 -46.68
C LEU D 267 -14.42 -0.27 -47.25
N SER D 268 -14.44 -0.13 -48.57
CA SER D 268 -15.58 0.45 -49.23
C SER D 268 -16.89 -0.33 -48.98
N ALA D 269 -16.78 -1.65 -48.82
CA ALA D 269 -17.98 -2.49 -48.62
C ALA D 269 -18.52 -2.26 -47.22
N ARG D 270 -17.63 -1.82 -46.33
CA ARG D 270 -17.98 -1.59 -44.96
C ARG D 270 -18.13 -0.12 -44.63
N ARG D 271 -18.36 0.67 -45.69
CA ARG D 271 -18.60 2.09 -45.58
C ARG D 271 -17.58 2.81 -44.69
N MET D 272 -16.31 2.45 -44.86
CA MET D 272 -15.30 3.10 -44.09
C MET D 272 -14.56 4.13 -44.92
N LEU D 273 -14.28 5.26 -44.31
CA LEU D 273 -13.67 6.37 -45.00
C LEU D 273 -12.18 6.16 -45.04
N ARG D 274 -11.56 6.58 -46.13
CA ARG D 274 -10.13 6.38 -46.29
C ARG D 274 -9.64 7.21 -47.47
N TRP D 275 -8.34 7.45 -47.53
CA TRP D 275 -7.74 8.21 -48.65
C TRP D 275 -6.28 7.86 -48.81
N ARG D 276 -5.81 7.85 -50.05
CA ARG D 276 -4.41 7.73 -50.30
C ARG D 276 -3.70 8.93 -49.71
N LEU D 277 -2.45 8.74 -49.32
CA LEU D 277 -1.59 9.88 -48.91
C LEU D 277 -1.05 10.62 -50.13
N PRO D 278 -1.35 11.92 -50.22
CA PRO D 278 -0.86 12.70 -51.38
C PRO D 278 0.64 12.80 -51.34
N GLY D 279 1.29 12.70 -52.50
CA GLY D 279 2.73 12.90 -52.60
C GLY D 279 3.53 11.67 -52.25
N VAL D 280 2.82 10.56 -52.00
CA VAL D 280 3.45 9.31 -51.58
C VAL D 280 3.24 8.25 -52.65
N ASP D 281 4.34 7.85 -53.27
CA ASP D 281 4.31 6.81 -54.28
C ASP D 281 5.12 5.60 -53.83
N PHE D 282 5.21 5.38 -52.51
CA PHE D 282 6.03 4.32 -51.97
C PHE D 282 5.42 3.76 -50.68
N ALA D 283 5.75 2.51 -50.39
CA ALA D 283 5.22 1.79 -49.23
C ALA D 283 6.09 2.04 -48.01
N GLY D 284 6.01 3.25 -47.44
CA GLY D 284 6.78 3.55 -46.22
C GLY D 284 6.40 2.63 -45.07
N HIS D 285 7.34 2.44 -44.15
CA HIS D 285 7.05 1.72 -42.91
C HIS D 285 6.50 0.32 -43.24
N SER D 286 7.14 -0.32 -44.21
CA SER D 286 6.80 -1.68 -44.63
C SER D 286 8.06 -2.49 -44.86
N PRO D 287 7.90 -3.78 -45.17
CA PRO D 287 9.11 -4.59 -45.40
C PRO D 287 9.87 -4.20 -46.64
N GLN D 288 9.24 -3.45 -47.54
CA GLN D 288 9.93 -2.93 -48.73
C GLN D 288 11.17 -2.08 -48.35
N VAL D 289 11.10 -1.49 -47.16
CA VAL D 289 12.15 -0.57 -46.68
C VAL D 289 13.44 -1.36 -46.29
N ASP D 290 13.28 -2.66 -46.00
CA ASP D 290 14.42 -3.53 -45.59
C ASP D 290 15.59 -3.44 -46.60
N ALA D 291 15.26 -3.40 -47.88
CA ALA D 291 16.25 -3.39 -48.95
C ALA D 291 17.07 -2.11 -49.00
N LEU D 292 16.62 -1.06 -48.30
CA LEU D 292 17.31 0.23 -48.31
C LEU D 292 18.36 0.32 -47.24
N ARG D 293 18.29 -0.56 -46.24
CA ARG D 293 18.90 -0.34 -44.97
C ARG D 293 20.41 -0.13 -45.09
N ALA D 294 21.05 -1.00 -45.88
CA ALA D 294 22.50 -0.95 -46.05
C ALA D 294 22.94 0.36 -46.67
N GLU D 295 22.33 0.74 -47.80
CA GLU D 295 22.68 1.98 -48.48
C GLU D 295 22.39 3.24 -47.60
N LEU D 296 21.27 3.23 -46.87
CA LEU D 296 20.95 4.40 -46.00
C LEU D 296 21.96 4.54 -44.88
N LEU D 297 22.29 3.45 -44.19
CA LEU D 297 23.30 3.50 -43.10
C LEU D 297 24.64 4.04 -43.59
N ALA D 298 24.98 3.69 -44.83
CA ALA D 298 26.20 4.11 -45.45
C ALA D 298 26.16 5.55 -45.91
N ALA D 299 25.05 5.97 -46.52
CA ALA D 299 24.90 7.37 -46.90
C ALA D 299 24.93 8.28 -45.69
N LEU D 300 24.18 7.95 -44.64
CA LEU D 300 24.11 8.82 -43.47
C LEU D 300 25.43 8.80 -42.71
N GLY D 301 26.00 7.62 -42.54
CA GLY D 301 27.27 7.48 -41.88
C GLY D 301 27.14 7.90 -40.45
N ASP D 302 28.14 8.62 -39.96
CA ASP D 302 28.06 9.25 -38.64
C ASP D 302 27.10 10.48 -38.72
N ILE D 303 26.20 10.56 -37.75
CA ILE D 303 25.31 11.69 -37.63
C ILE D 303 25.92 12.65 -36.61
N ALA D 304 26.05 13.90 -36.99
CA ALA D 304 26.35 14.97 -36.04
C ALA D 304 25.10 15.33 -35.22
N SER D 305 25.03 14.84 -33.99
CA SER D 305 23.92 15.21 -33.12
C SER D 305 24.39 15.46 -31.69
N ARG D 306 23.49 16.03 -30.90
CA ARG D 306 23.74 16.20 -29.51
C ARG D 306 22.42 16.23 -28.76
N GLU D 307 22.51 16.33 -27.45
CA GLU D 307 21.33 16.23 -26.60
C GLU D 307 20.35 17.36 -26.94
N PRO D 308 19.08 17.02 -27.11
CA PRO D 308 18.09 18.09 -27.36
C PRO D 308 17.92 19.01 -26.15
N GLU D 309 17.67 20.28 -26.43
CA GLU D 309 17.44 21.28 -25.41
C GLU D 309 16.02 21.20 -24.85
N ILE D 310 15.09 20.60 -25.59
CA ILE D 310 13.79 20.23 -25.01
C ILE D 310 13.41 18.83 -25.43
N PRO D 311 12.47 18.22 -24.70
CA PRO D 311 12.19 16.83 -24.89
C PRO D 311 11.72 16.57 -26.31
N LEU D 312 12.32 15.57 -26.92
CA LEU D 312 11.93 15.11 -28.23
C LEU D 312 11.30 13.75 -28.09
N LEU D 313 9.99 13.68 -28.30
CA LEU D 313 9.25 12.42 -28.17
C LEU D 313 9.28 11.72 -29.52
N SER D 314 9.97 10.58 -29.62
CA SER D 314 10.10 9.88 -30.90
C SER D 314 8.83 9.11 -31.25
N THR D 315 8.47 9.13 -32.52
CA THR D 315 7.41 8.26 -33.01
C THR D 315 7.96 6.94 -33.54
N VAL D 316 9.27 6.70 -33.43
CA VAL D 316 9.78 5.31 -33.55
C VAL D 316 9.38 4.45 -32.34
N THR D 317 9.49 5.04 -31.16
CA THR D 317 9.30 4.30 -29.91
C THR D 317 8.03 4.70 -29.17
N GLY D 318 7.58 5.93 -29.39
CA GLY D 318 6.53 6.51 -28.54
C GLY D 318 7.06 7.07 -27.24
N GLU D 319 8.40 7.15 -27.13
CA GLU D 319 9.08 7.55 -25.90
C GLU D 319 10.15 8.62 -26.20
N PRO D 320 10.67 9.28 -25.16
CA PRO D 320 11.73 10.27 -25.37
C PRO D 320 12.91 9.69 -26.16
N ALA D 321 13.36 10.42 -27.17
CA ALA D 321 14.33 9.87 -28.11
C ALA D 321 15.60 9.53 -27.36
N THR D 322 16.34 8.58 -27.90
CA THR D 322 17.67 8.31 -27.38
C THR D 322 18.71 8.76 -28.41
N ARG D 323 19.55 7.83 -28.87
CA ARG D 323 20.61 8.17 -29.77
C ARG D 323 20.03 8.40 -31.17
N LEU D 324 20.38 9.53 -31.81
CA LEU D 324 19.91 9.81 -33.19
C LEU D 324 20.95 9.49 -34.21
N ASP D 325 21.34 8.22 -34.26
CA ASP D 325 22.31 7.74 -35.23
C ASP D 325 21.60 7.28 -36.51
N ALA D 326 22.38 6.85 -37.48
CA ALA D 326 21.85 6.44 -38.76
C ALA D 326 20.81 5.34 -38.57
N GLU D 327 21.06 4.43 -37.64
CA GLU D 327 20.10 3.36 -37.35
C GLU D 327 18.73 3.94 -36.95
N HIS D 328 18.74 4.97 -36.10
CA HIS D 328 17.48 5.61 -35.72
C HIS D 328 16.76 6.16 -36.93
N TRP D 329 17.50 6.84 -37.83
CA TRP D 329 16.88 7.40 -39.00
C TRP D 329 16.40 6.31 -39.99
N TYR D 330 17.04 5.16 -39.97
CA TYR D 330 16.53 4.02 -40.72
C TYR D 330 15.22 3.56 -40.12
N ARG D 331 15.17 3.42 -38.79
CA ARG D 331 13.97 2.92 -38.13
C ARG D 331 12.80 3.92 -38.26
N ASN D 332 13.13 5.19 -38.39
CA ASN D 332 12.13 6.26 -38.55
C ASN D 332 11.32 5.97 -39.90
N LEU D 333 12.00 5.38 -40.90
CA LEU D 333 11.33 5.02 -42.15
C LEU D 333 10.75 3.59 -42.13
N ARG D 334 11.40 2.66 -41.41
CA ARG D 334 10.99 1.25 -41.43
C ARG D 334 9.85 0.95 -40.50
N GLU D 335 9.92 1.47 -39.28
CA GLU D 335 9.03 1.02 -38.23
C GLU D 335 7.76 1.81 -38.31
N PRO D 336 6.64 1.22 -37.89
CA PRO D 336 5.38 1.95 -37.86
C PRO D 336 5.44 3.21 -36.99
N VAL D 337 4.67 4.22 -37.35
CA VAL D 337 4.68 5.48 -36.63
C VAL D 337 3.79 5.40 -35.41
N ARG D 338 4.43 5.53 -34.25
CA ARG D 338 3.77 5.53 -32.98
C ARG D 338 3.41 6.95 -32.59
N PHE D 339 2.47 7.52 -33.36
CA PHE D 339 2.08 8.89 -33.13
C PHE D 339 1.14 9.03 -31.93
N ALA D 340 0.11 8.20 -31.86
CA ALA D 340 -0.81 8.23 -30.72
C ALA D 340 -0.09 7.98 -29.40
N ASP D 341 0.89 7.09 -29.43
CA ASP D 341 1.70 6.76 -28.26
C ASP D 341 2.47 7.99 -27.74
N ALA D 342 3.09 8.71 -28.66
CA ALA D 342 3.91 9.88 -28.30
C ALA D 342 3.02 11.01 -27.75
N VAL D 343 1.90 11.22 -28.42
CA VAL D 343 0.99 12.25 -28.02
C VAL D 343 0.40 11.96 -26.64
N THR D 344 -0.01 10.71 -26.37
CA THR D 344 -0.55 10.40 -25.05
C THR D 344 0.52 10.42 -23.93
N ALA D 345 1.77 10.15 -24.27
CA ALA D 345 2.88 10.32 -23.32
C ALA D 345 2.98 11.80 -22.89
N LEU D 346 2.71 12.71 -23.83
CA LEU D 346 2.74 14.14 -23.52
C LEU D 346 1.51 14.64 -22.78
N LEU D 347 0.34 14.11 -23.13
CA LEU D 347 -0.86 14.47 -22.42
C LEU D 347 -0.74 14.02 -20.95
N ASP D 348 -0.04 12.92 -20.72
CA ASP D 348 0.05 12.37 -19.37
C ASP D 348 1.15 13.09 -18.55
N ARG D 349 1.94 13.95 -19.21
CA ARG D 349 2.92 14.82 -18.54
C ARG D 349 2.53 16.31 -18.62
N GLY D 350 1.23 16.60 -18.64
CA GLY D 350 0.72 17.95 -18.43
C GLY D 350 0.73 18.84 -19.68
N HIS D 351 0.92 18.25 -20.86
CA HIS D 351 0.87 19.06 -22.08
C HIS D 351 -0.57 19.25 -22.56
N ARG D 352 -0.95 20.49 -22.84
CA ARG D 352 -2.30 20.78 -23.19
C ARG D 352 -2.48 21.70 -24.39
N VAL D 353 -1.37 22.12 -25.02
CA VAL D 353 -1.44 22.99 -26.18
C VAL D 353 -0.61 22.34 -27.29
N PHE D 354 -1.28 22.04 -28.43
CA PHE D 354 -0.64 21.29 -29.52
C PHE D 354 -0.76 22.13 -30.79
N VAL D 355 0.38 22.47 -31.39
CA VAL D 355 0.43 23.31 -32.59
C VAL D 355 1.01 22.45 -33.69
N GLU D 356 0.20 22.11 -34.68
CA GLU D 356 0.69 21.39 -35.85
C GLU D 356 1.31 22.40 -36.80
N VAL D 357 2.59 22.20 -37.06
CA VAL D 357 3.43 23.13 -37.82
C VAL D 357 3.44 22.63 -39.27
N SER D 358 2.35 22.88 -39.96
CA SER D 358 2.12 22.21 -41.24
C SER D 358 1.36 23.10 -42.24
N PRO D 359 1.47 22.79 -43.54
CA PRO D 359 0.71 23.50 -44.56
C PRO D 359 -0.78 23.26 -44.55
N HIS D 360 -1.20 22.16 -43.96
CA HIS D 360 -2.61 21.84 -43.86
C HIS D 360 -2.78 20.78 -42.75
N PRO D 361 -3.78 20.94 -41.91
CA PRO D 361 -3.85 20.09 -40.71
C PRO D 361 -4.20 18.65 -41.03
N VAL D 362 -3.32 17.73 -40.66
CA VAL D 362 -3.50 16.31 -40.97
C VAL D 362 -3.50 15.43 -39.70
N LEU D 363 -3.00 15.96 -38.59
CA LEU D 363 -2.97 15.19 -37.34
C LEU D 363 -3.74 15.86 -36.22
N THR D 364 -4.32 17.02 -36.49
CA THR D 364 -5.04 17.76 -35.45
C THR D 364 -6.27 17.00 -34.93
N THR D 365 -7.03 16.36 -35.81
CA THR D 365 -8.22 15.64 -35.38
C THR D 365 -7.85 14.47 -34.48
N SER D 366 -6.72 13.82 -34.77
CA SER D 366 -6.20 12.74 -33.93
C SER D 366 -5.76 13.26 -32.55
N VAL D 367 -5.09 14.41 -32.50
CA VAL D 367 -4.68 14.98 -31.23
C VAL D 367 -5.91 15.34 -30.42
N VAL D 368 -6.91 15.93 -31.06
CA VAL D 368 -8.13 16.31 -30.37
C VAL D 368 -8.78 15.06 -29.77
N ASP D 369 -8.82 13.99 -30.56
CA ASP D 369 -9.48 12.72 -30.12
C ASP D 369 -8.73 12.17 -28.88
N LEU D 370 -7.40 12.19 -28.94
CA LEU D 370 -6.57 11.64 -27.88
C LEU D 370 -6.66 12.49 -26.60
N ALA D 371 -6.85 13.78 -26.79
CA ALA D 371 -6.80 14.75 -25.71
C ALA D 371 -8.04 14.69 -24.82
N ALA D 372 -9.14 14.14 -25.35
CA ALA D 372 -10.41 14.15 -24.60
C ALA D 372 -10.22 13.32 -23.31
N PRO D 373 -10.70 13.81 -22.16
CA PRO D 373 -11.62 14.95 -22.08
C PRO D 373 -10.93 16.20 -21.50
N HIS D 374 -9.60 16.24 -21.57
CA HIS D 374 -8.85 17.37 -21.03
C HIS D 374 -9.19 18.66 -21.78
N ARG D 375 -9.01 19.79 -21.09
CA ARG D 375 -9.17 21.12 -21.70
C ARG D 375 -7.89 21.42 -22.46
N THR D 376 -7.98 21.41 -23.80
CA THR D 376 -6.77 21.50 -24.62
C THR D 376 -7.05 22.46 -25.78
N ALA D 377 -5.96 23.04 -26.29
CA ALA D 377 -6.00 23.89 -27.48
C ALA D 377 -5.19 23.21 -28.54
N VAL D 378 -5.83 22.94 -29.68
CA VAL D 378 -5.17 22.23 -30.79
C VAL D 378 -5.40 23.01 -32.05
N VAL D 379 -4.30 23.47 -32.66
CA VAL D 379 -4.39 24.27 -33.85
C VAL D 379 -3.40 23.75 -34.90
N GLY D 380 -3.65 24.16 -36.13
CA GLY D 380 -2.68 23.92 -37.20
C GLY D 380 -2.06 25.26 -37.50
N THR D 381 -1.47 25.40 -38.69
CA THR D 381 -0.79 26.67 -39.06
C THR D 381 -1.42 27.23 -40.33
N LEU D 382 -1.14 26.60 -41.49
CA LEU D 382 -1.82 26.96 -42.73
C LEU D 382 -2.89 25.97 -43.14
N ARG D 383 -3.63 26.30 -44.23
CA ARG D 383 -4.51 25.34 -44.87
C ARG D 383 -4.25 25.33 -46.40
N ARG D 384 -4.73 24.28 -47.05
CA ARG D 384 -4.73 24.19 -48.52
C ARG D 384 -5.31 25.47 -49.13
N ASP D 385 -4.57 26.06 -50.06
CA ASP D 385 -4.97 27.29 -50.77
C ASP D 385 -5.09 28.49 -49.83
N GLU D 386 -4.54 28.39 -48.63
CA GLU D 386 -4.56 29.51 -47.69
C GLU D 386 -3.23 29.66 -47.03
N GLY D 387 -2.32 30.35 -47.72
CA GLY D 387 -0.90 30.37 -47.36
C GLY D 387 -0.45 31.74 -46.96
N GLY D 388 -1.42 32.64 -46.77
CA GLY D 388 -1.11 34.02 -46.39
C GLY D 388 -0.84 34.25 -44.92
N LEU D 389 -0.26 35.41 -44.62
CA LEU D 389 -0.07 35.84 -43.22
C LEU D 389 -1.41 35.85 -42.49
N ASP D 390 -2.49 36.17 -43.22
CA ASP D 390 -3.84 36.16 -42.62
C ASP D 390 -4.17 34.78 -41.98
N ARG D 391 -3.84 33.70 -42.66
CA ARG D 391 -4.16 32.35 -42.18
C ARG D 391 -3.26 32.01 -41.02
N PHE D 392 -1.99 32.48 -41.05
CA PHE D 392 -1.11 32.23 -39.93
C PHE D 392 -1.68 32.97 -38.69
N LEU D 393 -2.06 34.24 -38.88
CA LEU D 393 -2.61 35.03 -37.75
C LEU D 393 -3.91 34.42 -37.21
N LEU D 394 -4.71 33.79 -38.07
CA LEU D 394 -5.94 33.18 -37.57
C LEU D 394 -5.63 31.94 -36.72
N SER D 395 -4.60 31.19 -37.09
CA SER D 395 -4.12 30.07 -36.26
C SER D 395 -3.57 30.59 -34.89
N ALA D 396 -2.86 31.71 -34.94
CA ALA D 396 -2.37 32.32 -33.70
C ALA D 396 -3.58 32.77 -32.86
N ALA D 397 -4.57 33.32 -33.52
CA ALA D 397 -5.77 33.75 -32.82
C ALA D 397 -6.48 32.57 -32.16
N GLU D 398 -6.44 31.42 -32.80
CA GLU D 398 -7.08 30.23 -32.23
C GLU D 398 -6.44 29.86 -30.91
N LEU D 399 -5.14 30.15 -30.75
CA LEU D 399 -4.48 29.96 -29.48
C LEU D 399 -4.89 31.02 -28.48
N HIS D 400 -4.91 32.26 -28.92
CA HIS D 400 -5.25 33.39 -28.04
C HIS D 400 -6.66 33.23 -27.41
N VAL D 401 -7.62 32.81 -28.21
CA VAL D 401 -8.99 32.75 -27.72
C VAL D 401 -9.21 31.62 -26.71
N ARG D 402 -8.24 30.72 -26.57
CA ARG D 402 -8.28 29.70 -25.56
C ARG D 402 -7.44 30.03 -24.34
N GLY D 403 -6.91 31.26 -24.28
CA GLY D 403 -6.07 31.69 -23.14
C GLY D 403 -4.60 31.40 -23.20
N VAL D 404 -4.12 30.94 -24.37
CA VAL D 404 -2.76 30.57 -24.52
C VAL D 404 -1.98 31.84 -24.87
N PRO D 405 -0.86 32.07 -24.19
CA PRO D 405 -0.12 33.29 -24.48
C PRO D 405 0.43 33.28 -25.91
N VAL D 406 0.15 34.32 -26.66
CA VAL D 406 0.73 34.48 -28.02
C VAL D 406 0.77 35.98 -28.36
N ASP D 407 1.86 36.41 -28.99
CA ASP D 407 2.10 37.85 -29.16
C ASP D 407 1.41 38.36 -30.45
N LEU D 408 0.11 38.41 -30.41
CA LEU D 408 -0.69 38.97 -31.51
C LEU D 408 -0.29 40.42 -31.78
N ALA D 409 0.15 41.13 -30.74
CA ALA D 409 0.44 42.56 -30.90
C ALA D 409 1.61 42.77 -31.89
N ARG D 410 2.46 41.78 -32.01
CA ARG D 410 3.56 41.87 -32.97
C ARG D 410 3.04 42.20 -34.39
N HIS D 411 1.87 41.69 -34.72
CA HIS D 411 1.29 41.86 -36.02
C HIS D 411 0.00 42.71 -36.02
N ALA D 412 -0.20 43.50 -34.97
CA ALA D 412 -1.47 44.23 -34.85
C ALA D 412 -1.41 45.61 -35.51
N GLY D 413 -0.22 46.02 -35.97
CA GLY D 413 -0.07 47.31 -36.66
C GLY D 413 0.25 48.45 -35.72
N ALA D 414 0.01 49.67 -36.19
CA ALA D 414 0.50 50.86 -35.51
C ALA D 414 -0.67 51.84 -35.27
N GLY D 415 -1.87 51.28 -35.09
CA GLY D 415 -3.05 52.10 -34.87
C GLY D 415 -3.07 52.76 -33.50
N THR D 416 -3.59 53.99 -33.45
CA THR D 416 -3.78 54.73 -32.20
C THR D 416 -5.22 55.28 -32.10
N ALA D 417 -6.09 54.92 -33.03
CA ALA D 417 -7.52 55.30 -32.90
C ALA D 417 -8.12 54.56 -31.71
N GLU D 418 -8.70 55.30 -30.78
CA GLU D 418 -9.27 54.69 -29.58
C GLU D 418 -10.77 54.43 -29.79
N VAL D 419 -11.28 53.35 -29.23
CA VAL D 419 -12.74 53.18 -29.09
C VAL D 419 -13.14 53.56 -27.64
N PRO D 420 -14.21 54.39 -27.44
CA PRO D 420 -14.65 54.65 -26.04
C PRO D 420 -15.58 53.57 -25.46
C1 GOL E . 13.88 11.47 6.50
O1 GOL E . 15.07 12.13 6.01
C2 GOL E . 13.25 10.52 5.47
O2 GOL E . 14.16 9.46 5.12
C3 GOL E . 11.99 9.89 6.08
O3 GOL E . 11.15 9.30 5.05
C1 E5U F . 22.88 8.57 2.97
C2 E5U F . 21.48 8.05 3.20
O6 E5U F . 20.42 10.00 4.03
C3 E5U F . 20.80 8.83 4.29
O7 E5U F . 23.49 9.10 3.93
O8 E5U F . 23.38 8.50 1.82
O4 E5U F . 20.69 8.17 2.02
C41 E5U F . 19.54 7.30 2.06
P PO4 G . -7.93 28.62 25.34
O1 PO4 G . -8.27 27.86 24.07
O2 PO4 G . -7.19 29.87 24.94
O3 PO4 G . -7.06 27.82 26.29
O4 PO4 G . -9.23 28.96 26.05
C1 GOL H . -13.77 -9.72 -12.77
O1 GOL H . -13.62 -9.16 -14.09
C2 GOL H . -15.19 -10.28 -12.58
O2 GOL H . -16.08 -9.20 -12.21
C3 GOL H . -15.18 -11.34 -11.46
O3 GOL H . -16.43 -11.97 -11.25
C1 E5U I . -24.50 -8.12 -9.34
C2 E5U I . -23.18 -7.68 -9.91
O6 E5U I . -21.98 -9.74 -9.88
C3 E5U I . -22.11 -8.59 -9.38
O7 E5U I . -25.57 -7.94 -9.95
O8 E5U I . -24.45 -8.78 -8.28
O4 E5U I . -23.14 -7.76 -11.33
C41 E5U I . -22.30 -6.72 -11.88
P PO4 J . 12.42 -29.24 -8.89
O1 PO4 J . 11.72 -30.59 -8.80
O2 PO4 J . 11.98 -28.38 -7.71
O3 PO4 J . 12.10 -28.62 -10.22
O4 PO4 J . 13.92 -29.45 -8.88
C1 GOL K . -0.43 -10.86 36.10
O1 GOL K . -0.32 -10.35 34.74
C2 GOL K . -1.80 -11.44 36.38
O2 GOL K . -2.77 -10.38 36.57
C3 GOL K . -1.73 -12.31 37.65
O3 GOL K . -2.92 -13.04 37.85
C1 E5U L . -11.20 -9.31 39.56
C2 E5U L . -9.84 -8.82 39.05
O6 E5U L . -8.47 -10.82 39.00
C3 E5U L . -8.74 -9.72 39.57
O7 E5U L . -12.24 -9.17 38.85
O8 E5U L . -11.25 -9.83 40.70
O4 E5U L . -9.79 -8.82 37.61
C41 E5U L . -8.79 -7.92 37.10
P PO4 M . 26.81 -30.74 40.66
O1 PO4 M . 27.25 -32.24 40.79
O2 PO4 M . 25.34 -30.62 40.31
O3 PO4 M . 27.60 -30.02 39.58
O4 PO4 M . 27.04 -30.06 42.00
P PO4 N . 18.09 -20.02 52.39
O1 PO4 N . 16.64 -20.51 52.40
O2 PO4 N . 18.84 -20.76 53.48
O3 PO4 N . 18.71 -20.34 51.04
O4 PO4 N . 18.19 -18.51 52.63
C1 GOL O . 0.53 12.57 -41.17
O1 GOL O . 1.78 13.01 -41.72
C2 GOL O . -0.16 11.62 -42.17
O2 GOL O . 0.75 10.55 -42.53
C3 GOL O . -1.44 11.04 -41.59
O3 GOL O . -2.29 10.53 -42.65
C1 E5U P . 9.37 9.27 -44.88
C2 E5U P . 7.96 8.82 -44.55
O6 E5U P . 6.84 10.78 -43.68
C3 E5U P . 7.34 9.65 -43.45
O7 E5U P . 10.07 9.78 -43.97
O8 E5U P . 9.84 9.06 -46.01
O4 E5U P . 7.13 8.88 -45.69
C41 E5U P . 5.95 8.07 -45.58
P PO4 Q . -20.99 30.46 -22.27
O1 PO4 Q . -22.28 29.85 -22.68
O2 PO4 Q . -20.51 29.76 -21.05
O3 PO4 Q . -20.01 30.27 -23.33
O4 PO4 Q . -21.16 31.96 -21.90
P PO4 R . -7.71 19.23 -17.58
O1 PO4 R . -7.81 17.68 -17.52
O2 PO4 R . -7.62 19.80 -16.17
O3 PO4 R . -8.93 19.77 -18.28
O4 PO4 R . -6.46 19.68 -18.33
#